data_5TIA
#
_entry.id   5TIA
#
_cell.length_a   144.359
_cell.length_b   153.561
_cell.length_c   88.163
_cell.angle_alpha   90.00
_cell.angle_beta   90.00
_cell.angle_gamma   90.00
#
_symmetry.space_group_name_H-M   'P 21 21 2'
#
loop_
_entity.id
_entity.type
_entity.pdbx_description
1 polymer 'Tryptophan 2,3-dioxygenase'
2 non-polymer 'PROTOPORPHYRIN IX CONTAINING FE'
3 non-polymer TRYPTOPHAN
4 water water
#
_entity_poly.entity_id   1
_entity_poly.type   'polypeptide(L)'
_entity_poly.pdbx_seq_one_letter_code
;MLPVEGSEEDKSQTGVNRASKGGLIYGNYLHLEKVLNAQELQSETKGNKIHDEHLFIITHQAYELWFKQILWELDSVREI
FQNGHVRDERNMLKVVSRMHRVSVILKLLVQQFSILETMTALDFNDFREYLSPASGFQSLQFRLLENKIGVLQNMRVPYN
RRHYRDNFKGEENELLLKSEQEKTLLELVEAWLERTPGLEPHGFNFWGKLEKNITRGLEEEFIRIQAKEESEEKEEQVAE
FQKQKEVLLSLFDEKRHEHLLSKGERRLSYRALQGALMIYFYREEPRFQVPFQLLTSLMDIDSLMTKWRYNHVCMVHRML
GSKAGTGGSSGYHYLRSTVSDRYKVFVDLFNLSTYLIPRHWIPKMNPTIHKFLEHHHHHH
;
_entity_poly.pdbx_strand_id   A,B,C,D
#
loop_
_chem_comp.id
_chem_comp.type
_chem_comp.name
_chem_comp.formula
HEM non-polymer 'PROTOPORPHYRIN IX CONTAINING FE' 'C34 H32 Fe N4 O4'
#
# COMPACT_ATOMS: atom_id res chain seq x y z
N GLY A 23 -33.23 17.99 10.25
CA GLY A 23 -31.83 17.98 9.86
C GLY A 23 -31.46 16.60 9.37
N LEU A 24 -30.58 16.52 8.38
CA LEU A 24 -30.27 15.21 7.83
C LEU A 24 -29.31 14.47 8.74
N ILE A 25 -29.38 13.15 8.65
CA ILE A 25 -28.63 12.26 9.51
C ILE A 25 -27.79 11.32 8.65
N TYR A 26 -26.55 11.10 9.09
CA TYR A 26 -25.56 10.20 8.49
C TYR A 26 -26.14 8.99 7.76
N GLY A 27 -26.75 8.07 8.51
CA GLY A 27 -27.37 6.87 7.96
C GLY A 27 -28.34 7.14 6.81
N ASN A 28 -29.18 8.14 6.97
CA ASN A 28 -30.12 8.51 5.94
C ASN A 28 -29.43 9.11 4.74
N TYR A 29 -28.50 10.03 5.01
CA TYR A 29 -27.73 10.68 3.97
C TYR A 29 -27.06 9.67 3.04
N LEU A 30 -26.47 8.64 3.66
CA LEU A 30 -25.74 7.59 2.95
C LEU A 30 -26.64 6.44 2.49
N HIS A 31 -27.94 6.55 2.77
CA HIS A 31 -28.90 5.48 2.52
C HIS A 31 -28.42 4.10 3.01
N LEU A 32 -27.89 4.06 4.21
CA LEU A 32 -27.41 2.81 4.78
C LEU A 32 -28.53 1.80 4.98
N GLU A 33 -29.77 2.25 4.99
CA GLU A 33 -30.90 1.34 5.19
C GLU A 33 -31.04 0.46 3.93
N LYS A 34 -30.49 0.94 2.82
CA LYS A 34 -30.31 0.14 1.62
C LYS A 34 -29.00 -0.66 1.62
N VAL A 35 -27.88 0.02 1.89
CA VAL A 35 -26.53 -0.58 1.77
C VAL A 35 -26.24 -1.71 2.77
N LEU A 36 -26.60 -1.51 4.03
CA LEU A 36 -26.35 -2.47 5.11
C LEU A 36 -27.52 -3.44 5.33
N ASN A 37 -28.48 -3.43 4.42
CA ASN A 37 -29.53 -4.45 4.38
C ASN A 37 -29.50 -5.20 3.05
N ALA A 38 -28.31 -5.35 2.46
CA ALA A 38 -28.17 -5.92 1.12
C ALA A 38 -27.42 -7.24 1.14
N GLN A 39 -27.31 -7.81 2.34
CA GLN A 39 -26.47 -8.98 2.57
C GLN A 39 -27.31 -10.20 2.91
N GLU A 40 -27.49 -11.07 1.92
CA GLU A 40 -28.21 -12.30 2.14
C GLU A 40 -27.30 -13.49 1.83
N LEU A 41 -27.01 -14.30 2.85
CA LEU A 41 -26.17 -15.48 2.64
C LEU A 41 -26.98 -16.61 2.02
N GLN A 42 -26.71 -16.89 0.75
CA GLN A 42 -27.42 -17.92 0.05
C GLN A 42 -27.22 -19.27 0.76
N SER A 43 -26.06 -19.48 1.37
CA SER A 43 -25.86 -20.70 2.16
C SER A 43 -26.84 -20.73 3.34
N GLU A 44 -27.11 -19.57 3.93
CA GLU A 44 -28.06 -19.48 5.04
C GLU A 44 -29.50 -19.64 4.56
N THR A 45 -29.77 -19.19 3.35
CA THR A 45 -31.10 -19.33 2.78
C THR A 45 -31.43 -20.79 2.45
N LYS A 46 -30.41 -21.57 2.13
CA LYS A 46 -30.58 -22.96 1.72
C LYS A 46 -30.16 -23.95 2.80
N GLY A 47 -30.37 -23.61 4.07
CA GLY A 47 -30.08 -24.54 5.14
C GLY A 47 -28.91 -24.27 6.05
N ASN A 48 -27.68 -24.27 5.53
CA ASN A 48 -26.52 -24.13 6.41
C ASN A 48 -25.60 -22.95 6.11
N LYS A 49 -25.72 -21.94 6.95
CA LYS A 49 -24.86 -20.76 6.92
C LYS A 49 -23.37 -21.14 6.91
N ILE A 50 -22.65 -20.61 5.94
CA ILE A 50 -21.21 -20.75 5.91
C ILE A 50 -20.64 -19.35 6.17
N HIS A 51 -19.85 -19.22 7.23
CA HIS A 51 -19.36 -17.92 7.70
C HIS A 51 -18.69 -17.05 6.62
N ASP A 52 -17.81 -17.63 5.81
CA ASP A 52 -17.02 -16.80 4.89
C ASP A 52 -17.81 -16.24 3.71
N GLU A 53 -19.04 -16.70 3.50
CA GLU A 53 -19.86 -16.18 2.39
C GLU A 53 -20.16 -14.70 2.60
N HIS A 54 -20.30 -14.30 3.86
CA HIS A 54 -20.47 -12.88 4.17
C HIS A 54 -19.31 -12.07 3.60
N LEU A 55 -18.07 -12.50 3.87
CA LEU A 55 -16.90 -11.83 3.32
C LEU A 55 -16.99 -11.76 1.80
N PHE A 56 -17.23 -12.90 1.19
CA PHE A 56 -17.44 -13.03 -0.25
C PHE A 56 -18.43 -11.97 -0.77
N ILE A 57 -19.54 -11.84 -0.07
CA ILE A 57 -20.57 -10.94 -0.55
C ILE A 57 -20.09 -9.49 -0.39
N ILE A 58 -19.66 -9.11 0.81
CA ILE A 58 -19.29 -7.71 1.06
C ILE A 58 -18.19 -7.26 0.08
N THR A 59 -17.25 -8.16 -0.19
CA THR A 59 -16.15 -7.84 -1.08
C THR A 59 -16.61 -7.43 -2.47
N HIS A 60 -17.55 -8.17 -3.05
CA HIS A 60 -18.05 -7.82 -4.39
C HIS A 60 -18.81 -6.51 -4.36
N GLN A 61 -19.56 -6.32 -3.27
CA GLN A 61 -20.39 -5.13 -3.12
C GLN A 61 -19.51 -3.90 -3.08
N ALA A 62 -18.36 -4.03 -2.45
CA ALA A 62 -17.42 -2.92 -2.39
C ALA A 62 -16.76 -2.69 -3.76
N TYR A 63 -16.43 -3.76 -4.48
CA TYR A 63 -15.95 -3.61 -5.85
C TYR A 63 -17.00 -2.87 -6.68
N GLU A 64 -18.28 -3.20 -6.51
CA GLU A 64 -19.33 -2.58 -7.35
C GLU A 64 -19.60 -1.10 -7.02
N LEU A 65 -19.55 -0.74 -5.73
CA LEU A 65 -19.61 0.68 -5.36
C LEU A 65 -18.50 1.45 -6.08
N TRP A 66 -17.29 0.90 -6.09
CA TRP A 66 -16.18 1.59 -6.71
C TRP A 66 -16.30 1.57 -8.23
N PHE A 67 -16.79 0.46 -8.79
CA PHE A 67 -17.11 0.44 -10.22
C PHE A 67 -18.03 1.61 -10.53
N LYS A 68 -19.06 1.79 -9.71
CA LYS A 68 -20.01 2.87 -9.94
C LYS A 68 -19.31 4.22 -9.96
N GLN A 69 -18.42 4.42 -8.99
CA GLN A 69 -17.65 5.65 -8.92
C GLN A 69 -16.80 5.87 -10.16
N ILE A 70 -16.09 4.84 -10.57
CA ILE A 70 -15.28 4.90 -11.76
C ILE A 70 -16.14 5.30 -12.96
N LEU A 71 -17.30 4.69 -13.08
CA LEU A 71 -18.24 5.03 -14.15
C LEU A 71 -18.64 6.49 -14.09
N TRP A 72 -18.86 6.99 -12.88
CA TRP A 72 -19.21 8.38 -12.65
C TRP A 72 -18.12 9.36 -13.08
N GLU A 73 -16.87 9.06 -12.74
CA GLU A 73 -15.79 9.94 -13.16
C GLU A 73 -15.66 9.85 -14.68
N LEU A 74 -15.72 8.62 -15.17
CA LEU A 74 -15.50 8.33 -16.56
C LEU A 74 -16.56 8.98 -17.47
N ASP A 75 -17.83 8.85 -17.12
CA ASP A 75 -18.88 9.45 -17.95
C ASP A 75 -18.68 10.96 -17.96
N SER A 76 -18.34 11.52 -16.81
CA SER A 76 -18.20 12.96 -16.73
C SER A 76 -17.02 13.45 -17.59
N VAL A 77 -15.93 12.69 -17.64
CA VAL A 77 -14.80 13.11 -18.47
C VAL A 77 -15.17 12.94 -19.95
N ARG A 78 -15.81 11.83 -20.29
CA ARG A 78 -16.38 11.62 -21.64
C ARG A 78 -17.26 12.79 -22.08
N GLU A 79 -18.15 13.21 -21.20
CA GLU A 79 -19.00 14.37 -21.43
C GLU A 79 -18.24 15.66 -21.71
N ILE A 80 -17.15 15.90 -20.97
CA ILE A 80 -16.34 17.09 -21.17
C ILE A 80 -15.75 17.12 -22.59
N PHE A 81 -15.36 15.95 -23.09
CA PHE A 81 -14.85 15.85 -24.45
C PHE A 81 -15.98 16.01 -25.48
N GLN A 82 -17.06 15.28 -25.23
CA GLN A 82 -18.20 15.17 -26.14
C GLN A 82 -18.91 16.48 -26.43
N ASN A 83 -18.99 17.35 -25.44
CA ASN A 83 -19.79 18.56 -25.58
C ASN A 83 -18.96 19.78 -25.88
N GLY A 84 -17.67 19.56 -26.07
CA GLY A 84 -16.76 20.63 -26.45
C GLY A 84 -16.03 21.35 -25.34
N HIS A 85 -16.38 21.09 -24.08
CA HIS A 85 -15.75 21.77 -22.95
C HIS A 85 -14.23 21.59 -22.89
N VAL A 86 -13.70 20.41 -23.23
CA VAL A 86 -12.23 20.21 -23.30
C VAL A 86 -11.50 21.28 -24.11
N ARG A 87 -12.21 21.91 -25.04
CA ARG A 87 -11.58 22.88 -25.93
C ARG A 87 -11.03 24.03 -25.10
N ASP A 88 -11.78 24.40 -24.06
CA ASP A 88 -11.32 25.40 -23.12
C ASP A 88 -10.38 24.73 -22.13
N GLU A 89 -9.11 25.10 -22.20
CA GLU A 89 -8.08 24.36 -21.49
C GLU A 89 -8.09 24.66 -20.00
N ARG A 90 -8.96 25.58 -19.60
CA ARG A 90 -9.28 25.82 -18.22
C ARG A 90 -9.76 24.50 -17.58
N ASN A 91 -10.36 23.63 -18.37
CA ASN A 91 -10.92 22.38 -17.87
C ASN A 91 -9.93 21.23 -17.74
N MET A 92 -8.69 21.46 -18.14
CA MET A 92 -7.73 20.35 -18.14
C MET A 92 -7.35 19.89 -16.71
N LEU A 93 -7.45 20.77 -15.72
CA LEU A 93 -7.13 20.34 -14.35
C LEU A 93 -8.17 19.35 -13.86
N LYS A 94 -9.43 19.65 -14.14
CA LYS A 94 -10.55 18.76 -13.85
C LYS A 94 -10.41 17.40 -14.57
N VAL A 95 -10.15 17.42 -15.87
CA VAL A 95 -10.02 16.18 -16.63
C VAL A 95 -8.93 15.27 -16.02
N VAL A 96 -7.74 15.81 -15.84
CA VAL A 96 -6.63 15.01 -15.32
C VAL A 96 -6.81 14.58 -13.86
N SER A 97 -7.43 15.41 -13.03
CA SER A 97 -7.69 15.04 -11.64
C SER A 97 -8.62 13.85 -11.58
N ARG A 98 -9.67 13.87 -12.40
CA ARG A 98 -10.63 12.78 -12.38
C ARG A 98 -10.05 11.49 -12.97
N MET A 99 -9.27 11.59 -14.05
CA MET A 99 -8.69 10.37 -14.60
C MET A 99 -7.64 9.77 -13.65
N HIS A 100 -6.84 10.63 -13.03
CA HIS A 100 -5.92 10.18 -11.99
C HIS A 100 -6.66 9.55 -10.80
N ARG A 101 -7.81 10.13 -10.45
CA ARG A 101 -8.71 9.58 -9.45
C ARG A 101 -9.16 8.17 -9.83
N VAL A 102 -9.48 7.96 -11.11
CA VAL A 102 -9.85 6.62 -11.54
C VAL A 102 -8.71 5.64 -11.28
N SER A 103 -7.48 6.07 -11.56
CA SER A 103 -6.35 5.17 -11.32
C SER A 103 -6.14 4.88 -9.83
N VAL A 104 -6.29 5.90 -8.99
CA VAL A 104 -6.13 5.71 -7.55
C VAL A 104 -7.15 4.68 -7.03
N ILE A 105 -8.37 4.75 -7.56
CA ILE A 105 -9.39 3.79 -7.17
C ILE A 105 -9.00 2.38 -7.66
N LEU A 106 -8.59 2.25 -8.92
CA LEU A 106 -8.18 0.95 -9.44
C LEU A 106 -7.09 0.35 -8.57
N LYS A 107 -6.15 1.20 -8.15
CA LYS A 107 -5.07 0.78 -7.27
C LYS A 107 -5.63 0.12 -6.01
N LEU A 108 -6.60 0.77 -5.41
CA LEU A 108 -7.23 0.24 -4.21
C LEU A 108 -7.92 -1.09 -4.51
N LEU A 109 -8.50 -1.20 -5.70
CA LEU A 109 -9.22 -2.41 -6.08
C LEU A 109 -8.29 -3.59 -6.35
N VAL A 110 -7.08 -3.29 -6.80
CA VAL A 110 -6.09 -4.35 -7.02
C VAL A 110 -5.76 -4.96 -5.68
N GLN A 111 -5.57 -4.10 -4.69
CA GLN A 111 -5.14 -4.50 -3.35
C GLN A 111 -6.28 -5.18 -2.59
N GLN A 112 -7.50 -4.75 -2.87
CA GLN A 112 -8.68 -5.28 -2.22
C GLN A 112 -8.77 -6.81 -2.33
N PHE A 113 -8.10 -7.39 -3.33
CA PHE A 113 -8.09 -8.85 -3.50
C PHE A 113 -7.46 -9.55 -2.30
N SER A 114 -6.54 -8.86 -1.63
CA SER A 114 -5.86 -9.43 -0.48
C SER A 114 -6.83 -9.69 0.67
N ILE A 115 -7.97 -8.99 0.68
CA ILE A 115 -8.96 -9.25 1.72
C ILE A 115 -9.65 -10.58 1.44
N LEU A 116 -10.04 -10.81 0.18
CA LEU A 116 -10.68 -12.07 -0.19
C LEU A 116 -9.72 -13.24 -0.10
N GLU A 117 -8.42 -12.97 -0.16
CA GLU A 117 -7.43 -14.05 -0.12
C GLU A 117 -7.26 -14.63 1.28
N THR A 118 -7.82 -13.97 2.30
CA THR A 118 -7.85 -14.52 3.64
C THR A 118 -8.93 -15.60 3.76
N MET A 119 -9.62 -15.87 2.68
CA MET A 119 -10.55 -16.99 2.64
C MET A 119 -9.85 -18.17 2.01
N THR A 120 -9.67 -19.27 2.76
CA THR A 120 -9.00 -20.44 2.20
C THR A 120 -9.85 -21.05 1.08
N ALA A 121 -9.23 -21.84 0.22
CA ALA A 121 -9.99 -22.49 -0.82
C ALA A 121 -10.98 -23.50 -0.22
N LEU A 122 -10.61 -24.09 0.91
CA LEU A 122 -11.43 -25.12 1.54
C LEU A 122 -12.70 -24.55 2.14
N ASP A 123 -12.63 -23.32 2.65
CA ASP A 123 -13.83 -22.68 3.20
C ASP A 123 -14.75 -22.19 2.08
N PHE A 124 -14.16 -21.63 1.04
CA PHE A 124 -14.91 -21.21 -0.15
C PHE A 124 -15.72 -22.35 -0.73
N ASN A 125 -15.10 -23.53 -0.76
CA ASN A 125 -15.71 -24.75 -1.27
C ASN A 125 -16.95 -25.21 -0.49
N ASP A 126 -17.14 -24.69 0.72
CA ASP A 126 -18.31 -25.00 1.53
C ASP A 126 -19.56 -24.20 1.14
N PHE A 127 -19.41 -23.17 0.32
CA PHE A 127 -20.61 -22.48 -0.15
C PHE A 127 -20.61 -22.21 -1.64
N ARG A 128 -19.53 -22.59 -2.32
CA ARG A 128 -19.46 -22.42 -3.77
C ARG A 128 -20.72 -22.97 -4.46
N GLU A 129 -21.15 -24.17 -4.08
CA GLU A 129 -22.33 -24.82 -4.65
C GLU A 129 -23.58 -23.95 -4.66
N TYR A 130 -23.76 -23.10 -3.64
CA TYR A 130 -24.95 -22.25 -3.57
C TYR A 130 -24.90 -21.07 -4.54
N LEU A 131 -23.79 -20.94 -5.28
CA LEU A 131 -23.57 -19.78 -6.13
C LEU A 131 -23.98 -20.00 -7.58
N SER A 132 -23.77 -21.21 -8.08
CA SER A 132 -23.98 -21.53 -9.49
C SER A 132 -25.44 -21.26 -9.90
N PRO A 133 -25.66 -20.79 -11.14
CA PRO A 133 -24.68 -20.53 -12.18
C PRO A 133 -24.22 -19.08 -12.24
N ALA A 134 -24.48 -18.31 -11.18
CA ALA A 134 -24.10 -16.90 -11.16
C ALA A 134 -22.58 -16.76 -11.13
N SER A 135 -22.05 -15.72 -11.77
CA SER A 135 -20.64 -15.36 -11.61
C SER A 135 -20.34 -13.88 -11.88
N GLY A 136 -19.08 -13.51 -11.69
CA GLY A 136 -18.61 -12.17 -11.99
C GLY A 136 -18.81 -11.78 -13.44
N PHE A 137 -18.86 -12.78 -14.31
CA PHE A 137 -19.23 -12.62 -15.71
C PHE A 137 -20.55 -11.87 -15.93
N GLN A 138 -21.44 -11.90 -14.94
CA GLN A 138 -22.72 -11.20 -15.05
C GLN A 138 -22.68 -9.78 -14.48
N SER A 139 -21.50 -9.27 -14.16
CA SER A 139 -21.38 -7.90 -13.66
C SER A 139 -21.58 -6.86 -14.76
N LEU A 140 -22.71 -6.18 -14.73
CA LEU A 140 -23.05 -5.20 -15.76
C LEU A 140 -22.06 -4.03 -15.75
N GLN A 141 -21.70 -3.56 -14.56
CA GLN A 141 -20.83 -2.39 -14.44
C GLN A 141 -19.42 -2.62 -14.98
N PHE A 142 -18.91 -3.84 -14.81
CA PHE A 142 -17.58 -4.15 -15.30
C PHE A 142 -17.57 -4.08 -16.83
N ARG A 143 -18.62 -4.60 -17.46
CA ARG A 143 -18.77 -4.52 -18.91
C ARG A 143 -18.96 -3.06 -19.38
N LEU A 144 -19.77 -2.30 -18.64
CA LEU A 144 -19.97 -0.90 -18.95
C LEU A 144 -18.64 -0.17 -18.93
N LEU A 145 -17.86 -0.44 -17.89
CA LEU A 145 -16.54 0.18 -17.73
C LEU A 145 -15.62 -0.19 -18.89
N GLU A 146 -15.52 -1.48 -19.18
CA GLU A 146 -14.76 -1.97 -20.33
C GLU A 146 -15.15 -1.19 -21.60
N ASN A 147 -16.44 -1.11 -21.87
CA ASN A 147 -16.91 -0.46 -23.09
C ASN A 147 -16.66 1.05 -23.09
N LYS A 148 -16.97 1.71 -21.98
CA LYS A 148 -16.82 3.15 -21.94
C LYS A 148 -15.35 3.55 -22.06
N ILE A 149 -14.43 2.70 -21.60
CA ILE A 149 -13.02 3.00 -21.82
C ILE A 149 -12.72 2.83 -23.31
N GLY A 150 -13.11 1.68 -23.87
CA GLY A 150 -13.10 1.50 -25.31
C GLY A 150 -12.80 0.11 -25.84
N VAL A 151 -12.95 -0.92 -25.01
CA VAL A 151 -12.74 -2.28 -25.49
C VAL A 151 -13.73 -2.62 -26.61
N LEU A 152 -13.21 -3.04 -27.76
CA LEU A 152 -14.07 -3.42 -28.88
C LEU A 152 -14.42 -4.91 -28.84
N GLN A 153 -15.48 -5.30 -29.56
CA GLN A 153 -15.90 -6.71 -29.60
C GLN A 153 -14.76 -7.61 -30.10
N ASN A 154 -14.03 -7.13 -31.10
CA ASN A 154 -12.88 -7.83 -31.67
C ASN A 154 -11.77 -8.09 -30.65
N MET A 155 -11.53 -7.10 -29.80
CA MET A 155 -10.52 -7.18 -28.76
C MET A 155 -10.80 -8.32 -27.76
N ARG A 156 -12.07 -8.63 -27.57
CA ARG A 156 -12.46 -9.62 -26.57
C ARG A 156 -12.07 -11.04 -26.98
N VAL A 157 -11.66 -11.84 -25.99
CA VAL A 157 -11.38 -13.26 -26.19
C VAL A 157 -12.62 -13.95 -26.75
N PRO A 158 -12.45 -14.88 -27.71
CA PRO A 158 -13.56 -15.60 -28.35
C PRO A 158 -14.69 -16.04 -27.41
N TYR A 159 -14.37 -16.72 -26.31
CA TYR A 159 -15.40 -17.12 -25.34
C TYR A 159 -16.17 -15.91 -24.82
N ASN A 160 -15.43 -14.86 -24.50
CA ASN A 160 -15.97 -13.63 -23.94
C ASN A 160 -16.82 -12.84 -24.94
N ARG A 161 -16.40 -12.84 -26.20
CA ARG A 161 -17.06 -12.05 -27.25
C ARG A 161 -18.49 -12.50 -27.52
N ARG A 162 -18.71 -13.81 -27.39
CA ARG A 162 -20.02 -14.39 -27.68
C ARG A 162 -20.79 -14.80 -26.43
N HIS A 163 -20.48 -14.15 -25.30
CA HIS A 163 -21.12 -14.50 -24.04
C HIS A 163 -21.25 -13.35 -23.05
N TYR A 164 -20.49 -12.28 -23.25
CA TYR A 164 -20.49 -11.19 -22.27
C TYR A 164 -21.81 -10.44 -22.29
N ARG A 165 -22.42 -10.32 -23.46
CA ARG A 165 -23.65 -9.58 -23.56
C ARG A 165 -24.83 -10.52 -23.42
N ASP A 166 -24.55 -11.79 -23.61
CA ASP A 166 -25.57 -12.82 -23.47
C ASP A 166 -25.65 -13.23 -22.01
N ASN A 167 -26.10 -12.28 -21.20
CA ASN A 167 -26.21 -12.44 -19.74
C ASN A 167 -27.26 -11.50 -19.19
N PHE A 168 -27.57 -10.47 -19.97
CA PHE A 168 -28.45 -9.40 -19.53
C PHE A 168 -29.66 -9.30 -20.42
N LYS A 169 -30.69 -8.62 -19.93
CA LYS A 169 -31.89 -8.42 -20.71
C LYS A 169 -32.54 -7.11 -20.32
N GLY A 170 -33.44 -6.64 -21.16
CA GLY A 170 -34.24 -5.46 -20.87
C GLY A 170 -33.41 -4.23 -20.58
N GLU A 171 -33.73 -3.58 -19.48
CA GLU A 171 -33.09 -2.35 -19.07
C GLU A 171 -31.56 -2.46 -19.01
N GLU A 172 -31.04 -3.57 -18.48
CA GLU A 172 -29.59 -3.78 -18.40
C GLU A 172 -29.00 -3.92 -19.80
N ASN A 173 -29.69 -4.68 -20.64
CA ASN A 173 -29.25 -4.84 -22.02
C ASN A 173 -29.26 -3.50 -22.74
N GLU A 174 -30.23 -2.66 -22.37
CA GLU A 174 -30.29 -1.32 -22.91
C GLU A 174 -29.00 -0.56 -22.61
N LEU A 175 -28.59 -0.58 -21.35
CA LEU A 175 -27.42 0.20 -20.94
C LEU A 175 -26.14 -0.34 -21.58
N LEU A 176 -26.09 -1.65 -21.81
CA LEU A 176 -24.93 -2.26 -22.43
C LEU A 176 -24.77 -1.79 -23.87
N LEU A 177 -25.87 -1.83 -24.62
CA LEU A 177 -25.86 -1.40 -26.00
C LEU A 177 -25.42 0.06 -26.10
N LYS A 178 -25.93 0.89 -25.20
CA LYS A 178 -25.53 2.30 -25.21
C LYS A 178 -24.05 2.43 -24.97
N SER A 179 -23.52 1.67 -24.01
CA SER A 179 -22.12 1.84 -23.62
C SER A 179 -21.20 1.49 -24.78
N GLU A 180 -21.74 0.76 -25.76
CA GLU A 180 -21.00 0.42 -26.96
C GLU A 180 -21.28 1.37 -28.13
N GLN A 181 -22.52 1.81 -28.26
CA GLN A 181 -22.96 2.70 -29.33
C GLN A 181 -22.44 4.11 -29.09
N GLU A 182 -22.36 4.51 -27.83
CA GLU A 182 -21.94 5.87 -27.54
C GLU A 182 -20.41 6.03 -27.68
N LYS A 183 -19.95 7.26 -27.83
CA LYS A 183 -18.54 7.57 -27.95
C LYS A 183 -17.73 7.02 -26.77
N THR A 184 -16.66 6.28 -27.05
CA THR A 184 -15.79 5.80 -25.99
C THR A 184 -14.72 6.82 -25.61
N LEU A 185 -14.09 6.61 -24.46
CA LEU A 185 -12.97 7.45 -24.06
C LEU A 185 -11.90 7.42 -25.16
N LEU A 186 -11.58 6.22 -25.64
CA LEU A 186 -10.70 6.06 -26.80
C LEU A 186 -11.04 7.00 -27.97
N GLU A 187 -12.28 6.94 -28.44
CA GLU A 187 -12.73 7.76 -29.57
C GLU A 187 -12.65 9.25 -29.26
N LEU A 188 -13.12 9.61 -28.08
CA LEU A 188 -13.10 10.97 -27.61
C LEU A 188 -11.67 11.52 -27.47
N VAL A 189 -10.75 10.69 -26.96
CA VAL A 189 -9.36 11.14 -26.81
C VAL A 189 -8.71 11.18 -28.18
N GLU A 190 -9.12 10.30 -29.08
CA GLU A 190 -8.61 10.32 -30.44
C GLU A 190 -8.93 11.62 -31.19
N ALA A 191 -10.20 12.03 -31.15
CA ALA A 191 -10.61 13.28 -31.78
C ALA A 191 -9.80 14.49 -31.26
N TRP A 192 -9.58 14.52 -29.95
CA TRP A 192 -8.88 15.61 -29.31
C TRP A 192 -7.38 15.61 -29.66
N LEU A 193 -6.78 14.42 -29.68
CA LEU A 193 -5.39 14.28 -30.10
C LEU A 193 -5.18 14.75 -31.54
N GLU A 194 -6.22 14.58 -32.36
CA GLU A 194 -6.11 15.00 -33.75
C GLU A 194 -6.01 16.51 -33.89
N ARG A 195 -6.47 17.24 -32.87
CA ARG A 195 -6.45 18.69 -32.92
C ARG A 195 -5.24 19.27 -32.19
N THR A 196 -4.31 18.41 -31.77
CA THR A 196 -3.12 18.86 -31.05
C THR A 196 -2.40 19.96 -31.83
N PRO A 197 -2.21 21.12 -31.20
CA PRO A 197 -1.47 22.20 -31.86
C PRO A 197 -0.06 21.76 -32.23
N GLY A 198 0.40 22.15 -33.42
CA GLY A 198 1.72 21.76 -33.89
C GLY A 198 1.70 20.82 -35.09
N LEU A 199 0.58 20.14 -35.32
CA LEU A 199 0.51 19.16 -36.41
C LEU A 199 0.25 19.82 -37.76
N GLU A 200 -0.31 21.02 -37.76
CA GLU A 200 -0.77 21.62 -39.00
C GLU A 200 0.39 21.97 -39.91
N PRO A 201 0.38 21.37 -41.11
CA PRO A 201 1.41 21.51 -42.15
C PRO A 201 1.71 22.96 -42.49
N HIS A 202 0.71 23.83 -42.49
CA HIS A 202 0.98 25.24 -42.77
C HIS A 202 1.67 25.92 -41.58
N GLY A 203 1.54 25.35 -40.39
CA GLY A 203 2.16 25.93 -39.20
C GLY A 203 3.49 25.32 -38.81
N PHE A 204 3.53 24.64 -37.67
CA PHE A 204 4.77 24.09 -37.14
C PHE A 204 5.18 22.83 -37.88
N ASN A 205 4.22 22.19 -38.53
CA ASN A 205 4.46 21.01 -39.37
C ASN A 205 5.37 19.98 -38.69
N PHE A 206 4.93 19.54 -37.52
CA PHE A 206 5.69 18.63 -36.67
C PHE A 206 6.14 17.37 -37.41
N TRP A 207 5.18 16.70 -38.06
CA TRP A 207 5.47 15.44 -38.71
C TRP A 207 6.50 15.60 -39.84
N GLY A 208 6.42 16.72 -40.55
CA GLY A 208 7.36 17.00 -41.63
C GLY A 208 8.75 17.21 -41.09
N LYS A 209 8.87 18.02 -40.06
CA LYS A 209 10.16 18.29 -39.44
C LYS A 209 10.75 17.03 -38.83
N LEU A 210 9.89 16.25 -38.17
CA LEU A 210 10.31 15.02 -37.52
C LEU A 210 10.90 14.03 -38.53
N GLU A 211 10.22 13.83 -39.66
CA GLU A 211 10.73 12.89 -40.65
C GLU A 211 12.09 13.36 -41.16
N LYS A 212 12.21 14.66 -41.37
CA LYS A 212 13.46 15.22 -41.85
C LYS A 212 14.57 15.00 -40.83
N ASN A 213 14.33 15.41 -39.59
CA ASN A 213 15.32 15.27 -38.53
C ASN A 213 15.72 13.82 -38.25
N ILE A 214 14.79 12.89 -38.32
CA ILE A 214 15.13 11.51 -38.04
C ILE A 214 15.98 10.96 -39.17
N THR A 215 15.59 11.29 -40.40
CA THR A 215 16.37 10.90 -41.57
C THR A 215 17.79 11.43 -41.49
N ARG A 216 17.93 12.68 -41.06
CA ARG A 216 19.24 13.28 -40.86
C ARG A 216 19.98 12.54 -39.75
N GLY A 217 19.30 12.32 -38.62
CA GLY A 217 19.89 11.60 -37.49
C GLY A 217 20.42 10.22 -37.85
N LEU A 218 19.60 9.43 -38.52
CA LEU A 218 20.00 8.10 -38.96
C LEU A 218 21.23 8.19 -39.86
N GLU A 219 21.27 9.22 -40.70
CA GLU A 219 22.40 9.40 -41.59
C GLU A 219 23.68 9.76 -40.81
N GLU A 220 23.59 10.66 -39.83
CA GLU A 220 24.78 10.96 -39.02
C GLU A 220 25.22 9.70 -38.29
N GLU A 221 24.24 8.96 -37.77
CA GLU A 221 24.53 7.74 -37.02
C GLU A 221 25.25 6.70 -37.89
N PHE A 222 24.71 6.44 -39.08
CA PHE A 222 25.35 5.51 -40.00
C PHE A 222 26.76 5.96 -40.34
N ILE A 223 26.99 7.27 -40.42
CA ILE A 223 28.34 7.80 -40.64
C ILE A 223 29.27 7.39 -39.48
N ARG A 224 28.81 7.61 -38.23
CA ARG A 224 29.63 7.34 -37.04
C ARG A 224 30.01 5.86 -36.93
N ILE A 225 29.11 4.98 -37.34
CA ILE A 225 29.35 3.55 -37.23
C ILE A 225 30.31 3.10 -38.32
N GLN A 226 30.24 3.74 -39.49
CA GLN A 226 31.15 3.39 -40.58
C GLN A 226 32.59 3.84 -40.30
N ALA A 227 32.72 4.90 -39.51
CA ALA A 227 34.03 5.43 -39.17
C ALA A 227 34.87 4.43 -38.36
N LYS A 228 34.20 3.59 -37.57
CA LYS A 228 34.87 2.66 -36.64
C LYS A 228 35.66 1.58 -37.37
N GLU A 235 30.36 -4.82 -36.69
CA GLU A 235 29.46 -5.76 -37.35
C GLU A 235 28.13 -5.80 -36.62
N GLU A 236 28.19 -5.70 -35.30
CA GLU A 236 26.98 -5.74 -34.49
C GLU A 236 26.19 -4.45 -34.63
N GLN A 237 26.90 -3.33 -34.52
CA GLN A 237 26.25 -2.02 -34.55
C GLN A 237 25.51 -1.74 -35.85
N VAL A 238 26.13 -2.10 -36.98
CA VAL A 238 25.51 -1.85 -38.28
C VAL A 238 24.19 -2.65 -38.39
N ALA A 239 24.20 -3.84 -37.81
CA ALA A 239 23.03 -4.70 -37.78
C ALA A 239 21.96 -4.15 -36.84
N GLU A 240 22.39 -3.62 -35.70
CA GLU A 240 21.49 -2.98 -34.76
C GLU A 240 20.93 -1.71 -35.38
N PHE A 241 21.84 -0.95 -36.00
CA PHE A 241 21.47 0.32 -36.61
C PHE A 241 20.39 0.07 -37.64
N GLN A 242 20.61 -0.98 -38.43
CA GLN A 242 19.73 -1.30 -39.54
C GLN A 242 18.31 -1.63 -39.07
N LYS A 243 18.21 -2.45 -38.02
CA LYS A 243 16.90 -2.74 -37.45
C LYS A 243 16.23 -1.47 -36.98
N GLN A 244 17.01 -0.60 -36.33
CA GLN A 244 16.49 0.62 -35.76
C GLN A 244 16.07 1.60 -36.84
N LYS A 245 16.82 1.63 -37.95
CA LYS A 245 16.46 2.49 -39.06
C LYS A 245 15.16 2.00 -39.68
N GLU A 246 15.01 0.68 -39.73
CA GLU A 246 13.80 0.10 -40.26
C GLU A 246 12.58 0.51 -39.43
N VAL A 247 12.69 0.43 -38.11
CA VAL A 247 11.55 0.71 -37.26
C VAL A 247 11.19 2.20 -37.28
N LEU A 248 12.17 3.07 -37.03
CA LEU A 248 11.93 4.51 -37.01
C LEU A 248 11.30 5.07 -38.28
N LEU A 249 11.89 4.77 -39.44
CA LEU A 249 11.34 5.25 -40.69
C LEU A 249 9.92 4.72 -40.95
N SER A 250 9.66 3.50 -40.48
CA SER A 250 8.34 2.86 -40.62
C SER A 250 7.23 3.65 -39.97
N LEU A 251 7.58 4.45 -38.97
CA LEU A 251 6.65 5.36 -38.31
C LEU A 251 5.96 6.23 -39.36
N PHE A 252 6.71 6.61 -40.38
CA PHE A 252 6.17 7.54 -41.36
C PHE A 252 5.44 6.83 -42.50
N ASP A 253 5.24 5.53 -42.34
CA ASP A 253 4.51 4.75 -43.33
C ASP A 253 3.03 4.65 -42.96
N GLU A 254 2.21 5.54 -43.51
CA GLU A 254 0.81 5.58 -43.09
C GLU A 254 0.03 4.33 -43.47
N LYS A 255 0.32 3.78 -44.64
CA LYS A 255 -0.35 2.57 -45.11
C LYS A 255 -0.10 1.42 -44.13
N ARG A 256 1.16 1.26 -43.71
CA ARG A 256 1.47 0.25 -42.72
C ARG A 256 0.61 0.47 -41.48
N HIS A 257 0.49 1.74 -41.09
CA HIS A 257 -0.35 2.08 -39.95
C HIS A 257 -1.77 1.56 -40.11
N GLU A 258 -2.38 1.81 -41.27
CA GLU A 258 -3.74 1.35 -41.48
C GLU A 258 -3.86 -0.16 -41.51
N HIS A 259 -2.86 -0.82 -42.09
CA HIS A 259 -2.85 -2.27 -42.10
C HIS A 259 -2.86 -2.82 -40.67
N LEU A 260 -1.98 -2.28 -39.83
CA LEU A 260 -1.94 -2.66 -38.42
C LEU A 260 -3.23 -2.27 -37.69
N LEU A 261 -3.82 -1.17 -38.13
CA LEU A 261 -5.06 -0.68 -37.57
C LEU A 261 -6.22 -1.60 -37.92
N SER A 262 -5.92 -2.69 -38.63
CA SER A 262 -6.92 -3.65 -39.06
C SER A 262 -6.63 -5.03 -38.52
N LYS A 263 -5.37 -5.33 -38.27
CA LYS A 263 -5.02 -6.54 -37.54
C LYS A 263 -5.23 -6.32 -36.04
N GLY A 264 -5.63 -5.11 -35.68
CA GLY A 264 -5.88 -4.77 -34.29
C GLY A 264 -4.59 -4.62 -33.48
N GLU A 265 -3.48 -4.40 -34.17
CA GLU A 265 -2.21 -4.09 -33.52
C GLU A 265 -2.20 -2.66 -33.01
N ARG A 266 -3.00 -1.83 -33.66
CA ARG A 266 -3.07 -0.42 -33.35
C ARG A 266 -4.52 0.02 -33.31
N ARG A 267 -4.82 1.04 -32.52
CA ARG A 267 -6.20 1.50 -32.34
C ARG A 267 -6.40 2.95 -32.76
N LEU A 268 -5.42 3.80 -32.46
CA LEU A 268 -5.53 5.24 -32.75
C LEU A 268 -5.29 5.57 -34.20
N SER A 269 -6.00 6.57 -34.71
CA SER A 269 -5.75 7.06 -36.06
C SER A 269 -4.30 7.53 -36.16
N TYR A 270 -3.84 7.68 -37.40
CA TYR A 270 -2.50 8.16 -37.67
C TYR A 270 -2.25 9.54 -37.06
N ARG A 271 -3.17 10.46 -37.35
CA ARG A 271 -3.06 11.82 -36.88
C ARG A 271 -3.07 11.95 -35.34
N ALA A 272 -3.93 11.18 -34.69
CA ALA A 272 -3.96 11.12 -33.22
C ALA A 272 -2.64 10.61 -32.66
N LEU A 273 -2.00 9.72 -33.40
CA LEU A 273 -0.70 9.19 -33.00
C LEU A 273 0.33 10.31 -33.07
N GLN A 274 0.24 11.13 -34.10
CA GLN A 274 1.13 12.29 -34.22
C GLN A 274 0.96 13.29 -33.08
N GLY A 275 -0.29 13.52 -32.68
CA GLY A 275 -0.58 14.38 -31.56
C GLY A 275 -0.03 13.85 -30.24
N ALA A 276 -0.26 12.57 -29.98
CA ALA A 276 0.33 11.92 -28.81
C ALA A 276 1.86 12.14 -28.77
N LEU A 277 2.53 11.83 -29.89
CA LEU A 277 3.99 11.98 -29.97
C LEU A 277 4.43 13.44 -29.80
N MET A 278 3.65 14.36 -30.36
CA MET A 278 3.85 15.79 -30.18
C MET A 278 3.83 16.17 -28.70
N ILE A 279 2.84 15.67 -27.97
CA ILE A 279 2.74 15.94 -26.54
C ILE A 279 3.89 15.29 -25.73
N TYR A 280 4.32 14.09 -26.12
CA TYR A 280 5.48 13.45 -25.49
C TYR A 280 6.75 14.29 -25.59
N PHE A 281 7.10 14.64 -26.82
CA PHE A 281 8.34 15.36 -27.09
C PHE A 281 8.34 16.76 -26.50
N TYR A 282 7.18 17.42 -26.51
CA TYR A 282 7.14 18.82 -26.11
C TYR A 282 6.40 19.04 -24.79
N ARG A 283 6.31 17.97 -24.00
CA ARG A 283 5.59 17.93 -22.74
C ARG A 283 5.93 19.04 -21.74
N GLU A 284 7.12 19.62 -21.83
CA GLU A 284 7.46 20.70 -20.90
C GLU A 284 6.87 22.06 -21.32
N GLU A 285 6.55 22.23 -22.61
CA GLU A 285 5.84 23.44 -23.06
C GLU A 285 4.57 23.53 -22.25
N PRO A 286 4.26 24.73 -21.71
CA PRO A 286 3.17 24.87 -20.72
C PRO A 286 1.82 24.32 -21.19
N ARG A 287 1.43 24.53 -22.44
CA ARG A 287 0.12 24.05 -22.90
C ARG A 287 0.07 22.52 -23.02
N PHE A 288 1.23 21.87 -22.94
CA PHE A 288 1.34 20.42 -23.07
C PHE A 288 1.58 19.70 -21.74
N GLN A 289 1.74 20.46 -20.66
CA GLN A 289 2.17 19.88 -19.39
C GLN A 289 1.06 19.00 -18.83
N VAL A 290 -0.13 19.56 -18.71
CA VAL A 290 -1.25 18.82 -18.22
C VAL A 290 -1.74 17.77 -19.25
N PRO A 291 -1.85 18.12 -20.55
CA PRO A 291 -2.12 17.05 -21.53
C PRO A 291 -1.21 15.82 -21.41
N PHE A 292 0.07 16.03 -21.10
CA PHE A 292 0.99 14.92 -20.94
C PHE A 292 0.62 14.05 -19.71
N GLN A 293 0.20 14.73 -18.63
CA GLN A 293 -0.31 14.05 -17.45
C GLN A 293 -1.49 13.16 -17.81
N LEU A 294 -2.34 13.67 -18.69
CA LEU A 294 -3.51 12.91 -19.10
C LEU A 294 -3.11 11.63 -19.85
N LEU A 295 -2.18 11.71 -20.78
CA LEU A 295 -1.76 10.51 -21.49
C LEU A 295 -1.16 9.51 -20.51
N THR A 296 -0.37 10.01 -19.56
CA THR A 296 0.21 9.12 -18.55
C THR A 296 -0.88 8.41 -17.73
N SER A 297 -1.86 9.18 -17.26
CA SER A 297 -3.03 8.62 -16.60
C SER A 297 -3.73 7.56 -17.45
N LEU A 298 -3.89 7.84 -18.74
CA LEU A 298 -4.53 6.89 -19.66
C LEU A 298 -3.77 5.55 -19.66
N MET A 299 -2.45 5.64 -19.69
CA MET A 299 -1.64 4.42 -19.60
C MET A 299 -1.76 3.77 -18.21
N ASP A 300 -1.82 4.58 -17.15
CA ASP A 300 -1.96 4.05 -15.78
C ASP A 300 -3.19 3.19 -15.65
N ILE A 301 -4.28 3.71 -16.19
CA ILE A 301 -5.57 3.06 -16.14
C ILE A 301 -5.52 1.74 -16.90
N ASP A 302 -4.92 1.74 -18.08
CA ASP A 302 -4.71 0.50 -18.81
C ASP A 302 -3.92 -0.51 -17.96
N SER A 303 -2.80 -0.08 -17.39
CA SER A 303 -1.96 -0.99 -16.61
C SER A 303 -2.77 -1.56 -15.47
N LEU A 304 -3.49 -0.69 -14.78
CA LEU A 304 -4.15 -1.06 -13.55
C LEU A 304 -5.34 -1.96 -13.85
N MET A 305 -6.00 -1.77 -14.98
CA MET A 305 -7.06 -2.70 -15.37
C MET A 305 -6.47 -4.10 -15.55
N THR A 306 -5.31 -4.20 -16.20
CA THR A 306 -4.70 -5.52 -16.40
C THR A 306 -4.16 -6.13 -15.11
N LYS A 307 -3.64 -5.29 -14.21
CA LYS A 307 -3.15 -5.80 -12.94
C LYS A 307 -4.33 -6.32 -12.12
N TRP A 308 -5.48 -5.65 -12.27
CA TRP A 308 -6.70 -6.15 -11.69
C TRP A 308 -7.03 -7.52 -12.30
N ARG A 309 -6.94 -7.64 -13.63
CA ARG A 309 -7.28 -8.91 -14.25
C ARG A 309 -6.32 -9.99 -13.72
N TYR A 310 -5.07 -9.59 -13.48
CA TYR A 310 -4.04 -10.56 -13.12
C TYR A 310 -4.10 -10.96 -11.65
N ASN A 311 -4.40 -10.00 -10.78
CA ASN A 311 -4.56 -10.34 -9.38
C ASN A 311 -5.77 -11.27 -9.22
N HIS A 312 -6.81 -11.00 -9.99
CA HIS A 312 -8.00 -11.81 -10.09
C HIS A 312 -7.63 -13.26 -10.41
N VAL A 313 -6.88 -13.43 -11.50
CA VAL A 313 -6.41 -14.74 -11.97
C VAL A 313 -5.65 -15.52 -10.88
N CYS A 314 -4.72 -14.83 -10.23
CA CYS A 314 -3.88 -15.44 -9.20
C CYS A 314 -4.71 -16.00 -8.07
N MET A 315 -5.70 -15.22 -7.65
CA MET A 315 -6.63 -15.67 -6.62
C MET A 315 -7.41 -16.90 -7.11
N VAL A 316 -8.08 -16.75 -8.26
CA VAL A 316 -8.98 -17.78 -8.75
C VAL A 316 -8.25 -19.11 -8.93
N HIS A 317 -6.99 -19.05 -9.33
CA HIS A 317 -6.16 -20.25 -9.43
C HIS A 317 -6.08 -21.03 -8.13
N ARG A 318 -5.95 -20.32 -7.02
CA ARG A 318 -5.90 -20.97 -5.72
C ARG A 318 -7.31 -21.39 -5.26
N MET A 319 -8.34 -20.74 -5.77
CA MET A 319 -9.69 -21.11 -5.35
C MET A 319 -10.24 -22.30 -6.14
N LEU A 320 -9.97 -22.34 -7.45
CA LEU A 320 -10.58 -23.36 -8.31
C LEU A 320 -9.62 -24.43 -8.83
N GLY A 321 -8.32 -24.13 -8.84
CA GLY A 321 -7.39 -25.01 -9.49
C GLY A 321 -7.75 -25.11 -10.97
N SER A 322 -8.19 -26.30 -11.39
CA SER A 322 -8.56 -26.53 -12.78
C SER A 322 -10.07 -26.63 -12.97
N LYS A 323 -10.82 -26.50 -11.89
CA LYS A 323 -12.25 -26.66 -11.97
C LYS A 323 -12.82 -25.58 -12.89
N ALA A 324 -13.89 -25.92 -13.60
CA ALA A 324 -14.53 -24.94 -14.46
C ALA A 324 -15.26 -23.93 -13.60
N GLY A 325 -15.54 -22.76 -14.16
CA GLY A 325 -16.21 -21.71 -13.41
C GLY A 325 -17.71 -21.93 -13.34
N THR A 326 -18.35 -21.38 -12.30
CA THR A 326 -19.79 -21.43 -12.19
C THR A 326 -20.48 -20.87 -13.44
N GLY A 327 -19.91 -19.85 -14.04
CA GLY A 327 -20.49 -19.23 -15.23
C GLY A 327 -20.25 -20.03 -16.50
N GLY A 328 -19.50 -21.12 -16.38
CA GLY A 328 -19.36 -22.06 -17.49
C GLY A 328 -18.11 -21.92 -18.32
N SER A 329 -17.23 -20.98 -17.96
CA SER A 329 -15.93 -20.88 -18.63
C SER A 329 -14.99 -21.96 -18.10
N SER A 330 -13.78 -22.01 -18.65
CA SER A 330 -12.80 -23.00 -18.23
C SER A 330 -12.16 -22.62 -16.89
N GLY A 331 -12.48 -21.41 -16.40
CA GLY A 331 -12.00 -20.95 -15.12
C GLY A 331 -10.66 -20.24 -15.19
N TYR A 332 -9.68 -20.80 -14.49
CA TYR A 332 -8.31 -20.28 -14.49
C TYR A 332 -7.79 -20.02 -15.90
N HIS A 333 -7.87 -21.03 -16.75
CA HIS A 333 -7.32 -20.91 -18.09
C HIS A 333 -8.00 -19.78 -18.89
N TYR A 334 -9.31 -19.64 -18.75
CA TYR A 334 -9.99 -18.56 -19.47
C TYR A 334 -9.56 -17.16 -18.98
N LEU A 335 -9.64 -16.94 -17.68
CA LEU A 335 -9.31 -15.65 -17.09
C LEU A 335 -7.89 -15.22 -17.45
N ARG A 336 -6.99 -16.20 -17.48
CA ARG A 336 -5.60 -15.94 -17.79
C ARG A 336 -5.48 -15.39 -19.20
N SER A 337 -6.41 -15.78 -20.06
CA SER A 337 -6.38 -15.33 -21.45
C SER A 337 -6.77 -13.85 -21.58
N THR A 338 -7.39 -13.28 -20.54
CA THR A 338 -7.80 -11.88 -20.62
C THR A 338 -6.65 -10.97 -20.23
N VAL A 339 -5.58 -11.57 -19.73
CA VAL A 339 -4.42 -10.78 -19.33
C VAL A 339 -3.56 -10.63 -20.57
N SER A 340 -4.05 -9.78 -21.48
CA SER A 340 -3.52 -9.68 -22.84
C SER A 340 -3.62 -8.23 -23.35
N ASP A 341 -2.64 -7.81 -24.15
CA ASP A 341 -2.64 -6.46 -24.70
C ASP A 341 -3.87 -6.24 -25.55
N ARG A 342 -4.43 -7.33 -26.08
CA ARG A 342 -5.67 -7.24 -26.82
C ARG A 342 -6.76 -6.49 -26.04
N TYR A 343 -6.66 -6.48 -24.71
CA TYR A 343 -7.56 -5.68 -23.89
C TYR A 343 -7.02 -4.28 -23.53
N LYS A 344 -5.77 -3.98 -23.86
CA LYS A 344 -5.23 -2.65 -23.59
C LYS A 344 -5.76 -1.63 -24.59
N VAL A 345 -6.71 -0.81 -24.17
CA VAL A 345 -7.30 0.19 -25.07
C VAL A 345 -6.27 1.17 -25.58
N PHE A 346 -5.35 1.61 -24.73
CA PHE A 346 -4.36 2.58 -25.19
C PHE A 346 -2.96 1.98 -25.46
N VAL A 347 -2.90 0.76 -26.00
CA VAL A 347 -1.63 0.14 -26.41
C VAL A 347 -0.68 1.08 -27.14
N ASP A 348 -1.23 1.91 -28.03
CA ASP A 348 -0.41 2.78 -28.87
C ASP A 348 0.41 3.77 -28.02
N LEU A 349 -0.19 4.27 -26.95
CA LEU A 349 0.49 5.18 -26.05
C LEU A 349 1.71 4.48 -25.47
N PHE A 350 1.59 3.19 -25.20
CA PHE A 350 2.70 2.38 -24.71
C PHE A 350 3.72 2.19 -25.82
N ASN A 351 3.22 1.86 -27.00
CA ASN A 351 4.10 1.45 -28.07
C ASN A 351 4.83 2.60 -28.73
N LEU A 352 4.38 3.83 -28.50
CA LEU A 352 5.14 4.99 -28.99
C LEU A 352 6.54 5.03 -28.37
N SER A 353 6.74 4.33 -27.25
CA SER A 353 8.08 4.22 -26.67
C SER A 353 9.06 3.57 -27.63
N THR A 354 8.55 2.71 -28.51
CA THR A 354 9.36 2.11 -29.57
C THR A 354 10.04 3.20 -30.43
N TYR A 355 9.42 4.38 -30.51
CA TYR A 355 9.91 5.43 -31.42
C TYR A 355 10.60 6.60 -30.74
N LEU A 356 11.12 6.39 -29.53
CA LEU A 356 11.80 7.48 -28.81
C LEU A 356 13.18 7.74 -29.42
N ILE A 357 13.51 9.02 -29.58
CA ILE A 357 14.73 9.41 -30.27
C ILE A 357 15.57 10.34 -29.41
N PRO A 358 16.87 10.50 -29.74
CA PRO A 358 17.69 11.38 -28.89
C PRO A 358 17.15 12.80 -28.87
N ARG A 359 17.23 13.47 -27.71
CA ARG A 359 16.82 14.85 -27.53
C ARG A 359 17.17 15.69 -28.74
N HIS A 360 18.44 15.60 -29.12
CA HIS A 360 19.02 16.41 -30.18
C HIS A 360 18.26 16.37 -31.51
N TRP A 361 17.58 15.25 -31.79
CA TRP A 361 16.86 15.09 -33.06
C TRP A 361 15.50 15.80 -33.06
N ILE A 362 14.92 16.00 -31.88
CA ILE A 362 13.59 16.61 -31.78
C ILE A 362 13.62 17.97 -32.44
N PRO A 363 12.65 18.23 -33.35
CA PRO A 363 12.57 19.55 -34.01
C PRO A 363 12.53 20.69 -32.98
N LYS A 364 13.47 21.62 -33.13
CA LYS A 364 13.60 22.78 -32.23
C LYS A 364 12.43 23.76 -32.38
N MET A 365 12.18 24.56 -31.35
CA MET A 365 11.13 25.57 -31.45
C MET A 365 11.68 26.99 -31.41
N GLY B 23 -33.04 -19.17 -11.68
CA GLY B 23 -31.58 -19.20 -11.55
C GLY B 23 -30.99 -17.99 -10.85
N LEU B 24 -29.98 -18.21 -10.02
CA LEU B 24 -29.34 -17.15 -9.25
C LEU B 24 -28.51 -16.24 -10.16
N ILE B 25 -28.76 -14.94 -10.07
CA ILE B 25 -28.06 -13.97 -10.90
C ILE B 25 -27.20 -13.05 -10.06
N TYR B 26 -25.96 -12.83 -10.49
CA TYR B 26 -24.99 -11.96 -9.84
C TYR B 26 -25.61 -10.73 -9.18
N GLY B 27 -26.21 -9.85 -9.98
CA GLY B 27 -26.84 -8.64 -9.49
C GLY B 27 -27.84 -8.88 -8.38
N ASN B 28 -28.64 -9.93 -8.53
CA ASN B 28 -29.61 -10.34 -7.53
C ASN B 28 -28.94 -10.87 -6.26
N TYR B 29 -27.98 -11.77 -6.44
CA TYR B 29 -27.24 -12.36 -5.33
C TYR B 29 -26.67 -11.30 -4.43
N LEU B 30 -26.08 -10.29 -5.06
CA LEU B 30 -25.39 -9.23 -4.36
C LEU B 30 -26.36 -8.16 -3.87
N HIS B 31 -27.61 -8.29 -4.28
CA HIS B 31 -28.62 -7.26 -4.06
C HIS B 31 -28.17 -5.88 -4.49
N LEU B 32 -27.60 -5.78 -5.69
CA LEU B 32 -27.17 -4.50 -6.25
C LEU B 32 -28.33 -3.53 -6.48
N GLU B 33 -29.56 -4.04 -6.59
CA GLU B 33 -30.72 -3.17 -6.69
C GLU B 33 -30.83 -2.30 -5.45
N LYS B 34 -30.27 -2.78 -4.34
CA LYS B 34 -30.18 -1.95 -3.15
C LYS B 34 -28.89 -1.13 -3.22
N VAL B 35 -27.77 -1.82 -3.37
CA VAL B 35 -26.45 -1.21 -3.24
C VAL B 35 -26.17 -0.10 -4.26
N LEU B 36 -26.54 -0.33 -5.50
CA LEU B 36 -26.29 0.67 -6.53
C LEU B 36 -27.49 1.63 -6.73
N ASN B 37 -28.47 1.59 -5.83
CA ASN B 37 -29.52 2.62 -5.82
C ASN B 37 -29.57 3.39 -4.51
N ALA B 38 -28.39 3.70 -3.97
CA ALA B 38 -28.29 4.25 -2.62
C ALA B 38 -27.52 5.56 -2.63
N GLN B 39 -27.38 6.15 -3.81
CA GLN B 39 -26.56 7.34 -3.97
C GLN B 39 -27.41 8.54 -4.29
N GLU B 40 -27.59 9.40 -3.30
CA GLU B 40 -28.40 10.58 -3.48
C GLU B 40 -27.60 11.82 -3.10
N LEU B 41 -27.15 12.56 -4.11
CA LEU B 41 -26.39 13.77 -3.87
C LEU B 41 -27.31 14.83 -3.31
N GLN B 42 -27.03 15.24 -2.09
CA GLN B 42 -27.84 16.23 -1.44
C GLN B 42 -27.78 17.54 -2.21
N SER B 43 -26.60 17.91 -2.69
CA SER B 43 -26.45 19.11 -3.49
C SER B 43 -27.40 19.10 -4.69
N GLU B 44 -27.47 17.96 -5.38
CA GLU B 44 -28.43 17.78 -6.47
C GLU B 44 -29.86 17.94 -6.00
N THR B 45 -30.19 17.26 -4.91
CA THR B 45 -31.53 17.32 -4.33
C THR B 45 -31.94 18.77 -4.05
N LYS B 46 -30.97 19.63 -3.81
CA LYS B 46 -31.27 21.03 -3.54
C LYS B 46 -30.88 21.97 -4.70
N GLY B 47 -30.89 21.45 -5.92
CA GLY B 47 -30.49 22.26 -7.06
C GLY B 47 -29.13 21.95 -7.63
N ASN B 48 -28.06 22.59 -7.14
CA ASN B 48 -26.78 22.48 -7.81
C ASN B 48 -25.95 21.24 -7.43
N LYS B 49 -26.13 20.21 -8.25
CA LYS B 49 -25.24 19.08 -8.32
C LYS B 49 -23.79 19.53 -8.23
N ILE B 50 -23.05 18.90 -7.32
CA ILE B 50 -21.62 19.09 -7.20
C ILE B 50 -20.96 17.75 -7.47
N HIS B 51 -20.16 17.66 -8.52
CA HIS B 51 -19.64 16.37 -9.00
C HIS B 51 -19.02 15.50 -7.91
N ASP B 52 -18.27 16.12 -7.00
CA ASP B 52 -17.48 15.34 -6.05
C ASP B 52 -18.27 14.77 -4.89
N GLU B 53 -19.51 15.24 -4.69
CA GLU B 53 -20.31 14.72 -3.59
C GLU B 53 -20.51 13.23 -3.75
N HIS B 54 -20.60 12.78 -4.99
CA HIS B 54 -20.78 11.36 -5.28
C HIS B 54 -19.60 10.55 -4.71
N LEU B 55 -18.38 11.06 -4.90
CA LEU B 55 -17.18 10.36 -4.40
C LEU B 55 -17.23 10.24 -2.88
N PHE B 56 -17.67 11.32 -2.25
CA PHE B 56 -17.81 11.45 -0.81
C PHE B 56 -18.77 10.40 -0.26
N ILE B 57 -19.90 10.22 -0.95
CA ILE B 57 -20.89 9.24 -0.58
C ILE B 57 -20.36 7.81 -0.74
N ILE B 58 -19.89 7.48 -1.95
CA ILE B 58 -19.38 6.14 -2.24
C ILE B 58 -18.27 5.78 -1.24
N THR B 59 -17.36 6.71 -0.97
CA THR B 59 -16.28 6.43 -0.04
C THR B 59 -16.80 6.00 1.32
N HIS B 60 -17.69 6.80 1.91
CA HIS B 60 -18.29 6.43 3.21
C HIS B 60 -19.05 5.10 3.17
N GLN B 61 -19.77 4.87 2.08
CA GLN B 61 -20.55 3.65 1.94
C GLN B 61 -19.61 2.43 1.92
N ALA B 62 -18.49 2.56 1.20
CA ALA B 62 -17.50 1.49 1.19
C ALA B 62 -16.94 1.26 2.59
N TYR B 63 -16.62 2.33 3.32
CA TYR B 63 -16.17 2.16 4.70
C TYR B 63 -17.21 1.39 5.52
N GLU B 64 -18.49 1.73 5.36
CA GLU B 64 -19.51 1.11 6.19
C GLU B 64 -19.73 -0.38 5.85
N LEU B 65 -19.53 -0.76 4.60
CA LEU B 65 -19.61 -2.18 4.24
C LEU B 65 -18.49 -2.95 4.93
N TRP B 66 -17.31 -2.33 5.02
CA TRP B 66 -16.17 -2.97 5.66
C TRP B 66 -16.32 -3.01 7.18
N PHE B 67 -16.83 -1.92 7.77
CA PHE B 67 -17.24 -1.93 9.18
C PHE B 67 -18.15 -3.11 9.48
N LYS B 68 -19.09 -3.37 8.58
CA LYS B 68 -20.05 -4.45 8.79
C LYS B 68 -19.32 -5.78 8.78
N GLN B 69 -18.41 -5.94 7.83
CA GLN B 69 -17.62 -7.17 7.76
C GLN B 69 -16.79 -7.35 9.03
N ILE B 70 -16.25 -6.26 9.55
CA ILE B 70 -15.44 -6.36 10.76
C ILE B 70 -16.30 -6.82 11.92
N LEU B 71 -17.46 -6.19 12.08
CA LEU B 71 -18.40 -6.57 13.12
C LEU B 71 -18.75 -8.06 13.01
N TRP B 72 -19.04 -8.49 11.80
CA TRP B 72 -19.35 -9.89 11.51
C TRP B 72 -18.24 -10.82 12.01
N GLU B 73 -17.01 -10.54 11.60
CA GLU B 73 -15.87 -11.35 12.05
C GLU B 73 -15.68 -11.29 13.57
N LEU B 74 -15.77 -10.08 14.09
CA LEU B 74 -15.50 -9.82 15.50
C LEU B 74 -16.54 -10.49 16.41
N ASP B 75 -17.81 -10.43 16.04
CA ASP B 75 -18.84 -11.12 16.83
C ASP B 75 -18.62 -12.62 16.79
N SER B 76 -18.26 -13.15 15.62
CA SER B 76 -18.04 -14.58 15.50
C SER B 76 -16.92 -15.04 16.44
N VAL B 77 -15.88 -14.23 16.59
CA VAL B 77 -14.77 -14.57 17.47
C VAL B 77 -15.18 -14.44 18.95
N ARG B 78 -15.92 -13.39 19.26
CA ARG B 78 -16.45 -13.20 20.61
C ARG B 78 -17.29 -14.41 21.07
N GLU B 79 -18.13 -14.92 20.18
CA GLU B 79 -18.94 -16.11 20.46
C GLU B 79 -18.08 -17.35 20.73
N ILE B 80 -17.07 -17.61 19.90
CA ILE B 80 -16.12 -18.69 20.14
C ILE B 80 -15.59 -18.69 21.58
N PHE B 81 -15.35 -17.48 22.10
CA PHE B 81 -14.84 -17.32 23.46
C PHE B 81 -15.96 -17.50 24.47
N GLN B 82 -17.06 -16.80 24.20
CA GLN B 82 -18.18 -16.77 25.11
C GLN B 82 -18.81 -18.13 25.28
N ASN B 83 -18.86 -18.92 24.23
CA ASN B 83 -19.55 -20.21 24.31
C ASN B 83 -18.63 -21.35 24.71
N GLY B 84 -17.37 -21.01 25.00
CA GLY B 84 -16.41 -22.00 25.45
C GLY B 84 -15.66 -22.75 24.36
N HIS B 85 -15.97 -22.49 23.09
CA HIS B 85 -15.26 -23.18 22.01
C HIS B 85 -13.75 -22.91 21.97
N VAL B 86 -13.29 -21.73 22.42
CA VAL B 86 -11.82 -21.50 22.50
C VAL B 86 -11.10 -22.54 23.32
N ARG B 87 -11.81 -23.17 24.25
CA ARG B 87 -11.17 -24.15 25.11
C ARG B 87 -10.69 -25.32 24.26
N ASP B 88 -11.49 -25.68 23.26
CA ASP B 88 -11.07 -26.70 22.32
C ASP B 88 -10.11 -26.05 21.35
N GLU B 89 -8.86 -26.45 21.45
CA GLU B 89 -7.81 -25.74 20.76
C GLU B 89 -7.77 -26.01 19.25
N ARG B 90 -8.66 -26.88 18.78
CA ARG B 90 -8.90 -27.07 17.36
C ARG B 90 -9.29 -25.74 16.70
N ASN B 91 -9.94 -24.89 17.50
CA ASN B 91 -10.55 -23.68 16.99
C ASN B 91 -9.60 -22.48 16.90
N MET B 92 -8.34 -22.63 17.36
CA MET B 92 -7.44 -21.48 17.38
C MET B 92 -7.06 -21.00 15.96
N LEU B 93 -6.99 -21.91 15.00
CA LEU B 93 -6.66 -21.51 13.63
C LEU B 93 -7.73 -20.60 13.07
N LYS B 94 -8.98 -20.96 13.34
CA LYS B 94 -10.13 -20.16 12.92
C LYS B 94 -10.09 -18.78 13.58
N VAL B 95 -9.83 -18.76 14.89
CA VAL B 95 -9.83 -17.52 15.66
C VAL B 95 -8.75 -16.53 15.16
N VAL B 96 -7.54 -17.04 14.98
CA VAL B 96 -6.45 -16.20 14.56
C VAL B 96 -6.64 -15.75 13.11
N SER B 97 -7.17 -16.64 12.28
CA SER B 97 -7.28 -16.30 10.87
C SER B 97 -8.37 -15.22 10.69
N ARG B 98 -9.46 -15.33 11.42
CA ARG B 98 -10.46 -14.26 11.41
C ARG B 98 -9.94 -12.96 12.04
N MET B 99 -9.17 -13.06 13.12
CA MET B 99 -8.64 -11.82 13.71
C MET B 99 -7.63 -11.19 12.75
N HIS B 100 -6.78 -12.02 12.16
CA HIS B 100 -5.87 -11.53 11.13
C HIS B 100 -6.66 -10.92 9.95
N ARG B 101 -7.78 -11.54 9.59
CA ARG B 101 -8.63 -11.03 8.51
C ARG B 101 -9.07 -9.60 8.81
N VAL B 102 -9.46 -9.36 10.05
CA VAL B 102 -9.86 -8.02 10.49
C VAL B 102 -8.74 -6.99 10.29
N SER B 103 -7.51 -7.34 10.66
CA SER B 103 -6.41 -6.38 10.47
C SER B 103 -6.11 -6.14 8.97
N VAL B 104 -6.31 -7.17 8.15
CA VAL B 104 -6.09 -7.02 6.71
C VAL B 104 -7.14 -6.06 6.10
N ILE B 105 -8.39 -6.17 6.57
CA ILE B 105 -9.42 -5.23 6.15
C ILE B 105 -9.08 -3.80 6.61
N LEU B 106 -8.68 -3.66 7.88
CA LEU B 106 -8.40 -2.36 8.46
C LEU B 106 -7.25 -1.69 7.71
N LYS B 107 -6.30 -2.49 7.26
CA LYS B 107 -5.19 -1.93 6.53
C LYS B 107 -5.68 -1.32 5.22
N LEU B 108 -6.61 -2.00 4.56
CA LEU B 108 -7.24 -1.43 3.37
C LEU B 108 -8.01 -0.14 3.70
N LEU B 109 -8.63 -0.09 4.88
CA LEU B 109 -9.45 1.07 5.24
C LEU B 109 -8.56 2.29 5.43
N VAL B 110 -7.38 2.06 6.00
CA VAL B 110 -6.39 3.11 6.17
C VAL B 110 -5.91 3.66 4.82
N GLN B 111 -5.67 2.74 3.87
CA GLN B 111 -5.23 3.12 2.53
C GLN B 111 -6.34 3.83 1.75
N GLN B 112 -7.59 3.52 2.11
CA GLN B 112 -8.75 3.99 1.37
C GLN B 112 -8.90 5.52 1.43
N PHE B 113 -8.33 6.14 2.46
CA PHE B 113 -8.35 7.60 2.59
C PHE B 113 -7.70 8.29 1.39
N SER B 114 -6.73 7.62 0.76
CA SER B 114 -6.03 8.22 -0.38
C SER B 114 -6.99 8.51 -1.55
N ILE B 115 -8.03 7.68 -1.68
CA ILE B 115 -9.07 7.93 -2.64
C ILE B 115 -9.79 9.26 -2.35
N LEU B 116 -10.30 9.41 -1.13
CA LEU B 116 -11.04 10.64 -0.80
C LEU B 116 -10.09 11.83 -0.82
N GLU B 117 -8.81 11.56 -0.63
CA GLU B 117 -7.84 12.64 -0.67
C GLU B 117 -7.66 13.24 -2.08
N THR B 118 -8.17 12.58 -3.12
CA THR B 118 -8.16 13.20 -4.45
C THR B 118 -9.27 14.21 -4.62
N MET B 119 -10.01 14.46 -3.55
CA MET B 119 -10.96 15.56 -3.55
C MET B 119 -10.31 16.78 -2.93
N THR B 120 -10.21 17.88 -3.67
CA THR B 120 -9.64 19.09 -3.09
C THR B 120 -10.58 19.68 -2.05
N ALA B 121 -10.00 20.54 -1.22
CA ALA B 121 -10.72 21.17 -0.14
C ALA B 121 -11.75 22.14 -0.73
N LEU B 122 -11.42 22.71 -1.88
CA LEU B 122 -12.28 23.72 -2.50
C LEU B 122 -13.50 23.08 -3.14
N ASP B 123 -13.33 21.88 -3.66
CA ASP B 123 -14.46 21.19 -4.25
C ASP B 123 -15.34 20.65 -3.12
N PHE B 124 -14.73 20.22 -2.02
CA PHE B 124 -15.46 19.76 -0.86
C PHE B 124 -16.28 20.92 -0.31
N ASN B 125 -15.64 22.09 -0.30
CA ASN B 125 -16.29 23.29 0.18
C ASN B 125 -17.60 23.60 -0.56
N ASP B 126 -17.69 23.21 -1.83
CA ASP B 126 -18.89 23.51 -2.64
C ASP B 126 -20.16 22.75 -2.25
N PHE B 127 -20.04 21.65 -1.52
CA PHE B 127 -21.25 20.95 -1.08
C PHE B 127 -21.29 20.70 0.41
N ARG B 128 -20.28 21.17 1.13
CA ARG B 128 -20.22 20.90 2.57
C ARG B 128 -21.47 21.41 3.29
N GLU B 129 -21.98 22.56 2.86
CA GLU B 129 -23.12 23.21 3.50
C GLU B 129 -24.39 22.35 3.52
N TYR B 130 -24.46 21.38 2.62
CA TYR B 130 -25.63 20.51 2.49
C TYR B 130 -25.56 19.31 3.40
N LEU B 131 -24.49 19.22 4.20
CA LEU B 131 -24.24 18.05 5.01
C LEU B 131 -24.69 18.25 6.45
N SER B 132 -24.78 19.50 6.85
CA SER B 132 -25.07 19.83 8.24
C SER B 132 -26.51 19.46 8.58
N PRO B 133 -26.74 18.89 9.76
CA PRO B 133 -25.76 18.62 10.81
C PRO B 133 -25.32 17.17 10.90
N ALA B 134 -25.29 16.44 9.79
CA ALA B 134 -24.84 15.04 9.85
C ALA B 134 -23.30 14.99 10.02
N SER B 135 -22.81 13.86 10.53
CA SER B 135 -21.38 13.61 10.64
C SER B 135 -21.09 12.17 11.05
N GLY B 136 -19.81 11.84 11.11
CA GLY B 136 -19.35 10.53 11.55
C GLY B 136 -19.69 10.20 12.98
N PHE B 137 -20.03 11.21 13.79
CA PHE B 137 -20.52 10.95 15.14
C PHE B 137 -21.73 10.05 15.10
N GLN B 138 -22.41 10.02 13.95
CA GLN B 138 -23.66 9.31 13.82
C GLN B 138 -23.49 7.94 13.16
N SER B 139 -22.24 7.55 12.96
CA SER B 139 -21.95 6.23 12.44
C SER B 139 -22.19 5.20 13.54
N LEU B 140 -23.22 4.39 13.37
CA LEU B 140 -23.57 3.39 14.36
C LEU B 140 -22.47 2.33 14.43
N GLN B 141 -22.06 1.88 13.25
CA GLN B 141 -21.16 0.75 13.19
C GLN B 141 -19.79 1.05 13.74
N PHE B 142 -19.32 2.29 13.59
CA PHE B 142 -18.01 2.63 14.12
C PHE B 142 -18.06 2.55 15.65
N ARG B 143 -19.14 3.02 16.26
CA ARG B 143 -19.29 2.95 17.72
C ARG B 143 -19.37 1.51 18.24
N LEU B 144 -20.23 0.72 17.61
CA LEU B 144 -20.33 -0.71 17.88
C LEU B 144 -18.94 -1.38 17.81
N LEU B 145 -18.22 -1.11 16.73
CA LEU B 145 -16.83 -1.56 16.58
C LEU B 145 -15.95 -1.24 17.80
N GLU B 146 -15.89 0.05 18.19
CA GLU B 146 -15.14 0.49 19.36
C GLU B 146 -15.54 -0.27 20.65
N ASN B 147 -16.83 -0.29 20.95
CA ASN B 147 -17.34 -0.95 22.15
C ASN B 147 -17.02 -2.44 22.19
N LYS B 148 -17.29 -3.12 21.09
CA LYS B 148 -17.08 -4.56 21.04
C LYS B 148 -15.62 -4.93 21.19
N ILE B 149 -14.72 -4.13 20.63
CA ILE B 149 -13.31 -4.39 20.91
C ILE B 149 -13.04 -4.15 22.39
N GLY B 150 -13.53 -3.03 22.90
CA GLY B 150 -13.41 -2.76 24.33
C GLY B 150 -12.96 -1.36 24.68
N VAL B 151 -13.39 -0.37 23.89
CA VAL B 151 -13.01 1.00 24.21
C VAL B 151 -13.76 1.40 25.48
N LEU B 152 -12.99 1.72 26.52
CA LEU B 152 -13.50 2.07 27.84
C LEU B 152 -14.39 3.31 27.79
N GLN B 153 -15.51 3.29 28.49
CA GLN B 153 -16.47 4.40 28.39
C GLN B 153 -15.91 5.74 28.85
N ASN B 154 -15.45 5.82 30.09
CA ASN B 154 -14.92 7.08 30.63
C ASN B 154 -13.55 7.41 30.07
N TYR B 164 -21.79 10.60 23.98
CA TYR B 164 -21.68 10.29 22.56
C TYR B 164 -22.91 9.57 22.03
N ARG B 165 -23.62 8.88 22.93
CA ARG B 165 -24.84 8.18 22.55
C ARG B 165 -25.97 9.16 22.31
N ASP B 166 -25.67 10.45 22.46
CA ASP B 166 -26.62 11.51 22.21
C ASP B 166 -27.05 11.52 20.76
N ASN B 167 -26.10 11.20 19.88
CA ASN B 167 -26.33 11.27 18.45
C ASN B 167 -27.23 10.14 17.93
N PHE B 168 -27.61 9.23 18.83
CA PHE B 168 -28.39 8.06 18.46
C PHE B 168 -29.71 7.96 19.23
N LYS B 169 -30.68 7.29 18.62
CA LYS B 169 -31.99 7.10 19.23
C LYS B 169 -32.63 5.76 18.84
N GLY B 170 -33.73 5.42 19.52
CA GLY B 170 -34.52 4.25 19.18
C GLY B 170 -33.79 2.93 19.30
N GLU B 171 -34.05 2.03 18.36
CA GLU B 171 -33.37 0.75 18.29
C GLU B 171 -31.83 0.88 18.23
N GLU B 172 -31.34 1.87 17.48
CA GLU B 172 -29.91 2.10 17.38
C GLU B 172 -29.30 2.35 18.76
N ASN B 173 -29.98 3.20 19.52
CA ASN B 173 -29.59 3.47 20.89
C ASN B 173 -29.52 2.17 21.71
N GLU B 174 -30.55 1.35 21.56
CA GLU B 174 -30.61 0.04 22.21
C GLU B 174 -29.36 -0.80 21.92
N LEU B 175 -29.14 -1.07 20.64
CA LEU B 175 -27.96 -1.80 20.18
C LEU B 175 -26.67 -1.29 20.82
N LEU B 176 -26.53 0.03 20.86
CA LEU B 176 -25.36 0.66 21.40
C LEU B 176 -25.18 0.30 22.89
N LEU B 177 -26.27 0.37 23.64
CA LEU B 177 -26.25 -0.08 25.03
C LEU B 177 -25.80 -1.52 25.16
N LYS B 178 -26.42 -2.39 24.35
CA LYS B 178 -26.10 -3.81 24.39
C LYS B 178 -24.62 -4.04 24.16
N SER B 179 -24.04 -3.26 23.23
CA SER B 179 -22.63 -3.37 22.92
C SER B 179 -21.73 -2.90 24.08
N GLU B 180 -22.26 -2.04 24.93
CA GLU B 180 -21.53 -1.59 26.10
C GLU B 180 -21.63 -2.61 27.25
N GLN B 181 -22.69 -3.40 27.25
CA GLN B 181 -22.97 -4.34 28.33
C GLN B 181 -22.53 -5.77 28.01
N GLU B 182 -22.66 -6.19 26.74
CA GLU B 182 -22.18 -7.51 26.36
C GLU B 182 -20.68 -7.60 26.54
N LYS B 183 -20.20 -8.81 26.74
CA LYS B 183 -18.78 -9.01 26.97
C LYS B 183 -17.96 -8.60 25.75
N THR B 184 -16.99 -7.72 26.00
CA THR B 184 -16.11 -7.25 24.95
C THR B 184 -15.02 -8.26 24.59
N LEU B 185 -14.37 -8.02 23.45
CA LEU B 185 -13.26 -8.85 23.01
C LEU B 185 -12.17 -8.80 24.07
N LEU B 186 -11.92 -7.61 24.58
CA LEU B 186 -10.96 -7.43 25.67
C LEU B 186 -11.28 -8.34 26.88
N GLU B 187 -12.50 -8.24 27.37
CA GLU B 187 -12.93 -9.06 28.52
C GLU B 187 -12.83 -10.57 28.22
N LEU B 188 -13.19 -10.96 27.00
CA LEU B 188 -13.18 -12.37 26.65
C LEU B 188 -11.73 -12.89 26.54
N VAL B 189 -10.84 -12.07 25.99
CA VAL B 189 -9.43 -12.44 25.89
C VAL B 189 -8.80 -12.45 27.27
N GLU B 190 -9.21 -11.50 28.11
CA GLU B 190 -8.76 -11.48 29.48
C GLU B 190 -9.03 -12.81 30.20
N ALA B 191 -10.27 -13.29 30.13
CA ALA B 191 -10.65 -14.53 30.80
C ALA B 191 -9.84 -15.71 30.28
N TRP B 192 -9.62 -15.76 28.98
CA TRP B 192 -8.84 -16.83 28.36
C TRP B 192 -7.37 -16.75 28.81
N LEU B 193 -6.86 -15.53 28.93
CA LEU B 193 -5.48 -15.40 29.40
C LEU B 193 -5.34 -15.85 30.85
N GLU B 194 -6.37 -15.62 31.66
CA GLU B 194 -6.36 -16.07 33.05
C GLU B 194 -6.30 -17.61 33.15
N ARG B 195 -6.63 -18.32 32.06
CA ARG B 195 -6.58 -19.78 32.08
C ARG B 195 -5.32 -20.33 31.41
N THR B 196 -4.36 -19.48 31.11
CA THR B 196 -3.13 -19.93 30.45
C THR B 196 -2.40 -20.97 31.29
N PRO B 197 -2.07 -22.10 30.67
CA PRO B 197 -1.34 -23.16 31.37
C PRO B 197 0.08 -22.75 31.71
N GLY B 198 0.52 -23.11 32.92
CA GLY B 198 1.83 -22.73 33.41
C GLY B 198 1.75 -21.81 34.61
N LEU B 199 0.64 -21.12 34.78
CA LEU B 199 0.54 -20.10 35.82
C LEU B 199 0.37 -20.68 37.24
N GLU B 200 -0.07 -21.92 37.33
CA GLU B 200 -0.48 -22.47 38.62
C GLU B 200 0.72 -22.66 39.53
N PRO B 201 0.58 -22.21 40.78
CA PRO B 201 1.71 -22.19 41.71
C PRO B 201 2.22 -23.58 42.07
N HIS B 202 1.35 -24.58 42.06
CA HIS B 202 1.78 -25.92 42.43
C HIS B 202 2.13 -26.72 41.19
N GLY B 203 2.06 -26.04 40.04
CA GLY B 203 2.49 -26.59 38.77
C GLY B 203 3.81 -25.94 38.38
N PHE B 204 3.91 -25.49 37.15
CA PHE B 204 5.10 -24.78 36.66
C PHE B 204 5.48 -23.58 37.53
N ASN B 205 4.48 -22.92 38.11
CA ASN B 205 4.70 -21.78 38.98
C ASN B 205 5.52 -20.69 38.27
N PHE B 206 5.04 -20.31 37.10
CA PHE B 206 5.75 -19.34 36.25
C PHE B 206 6.10 -18.04 36.99
N TRP B 207 5.13 -17.48 37.69
CA TRP B 207 5.32 -16.17 38.31
C TRP B 207 6.33 -16.20 39.45
N GLY B 208 6.22 -17.19 40.32
CA GLY B 208 7.13 -17.32 41.44
C GLY B 208 8.56 -17.48 40.94
N LYS B 209 8.71 -18.33 39.92
CA LYS B 209 10.03 -18.55 39.34
C LYS B 209 10.55 -17.28 38.68
N LEU B 210 9.65 -16.59 37.96
CA LEU B 210 10.05 -15.39 37.23
C LEU B 210 10.57 -14.34 38.19
N GLU B 211 9.88 -14.15 39.32
CA GLU B 211 10.31 -13.17 40.30
C GLU B 211 11.66 -13.54 40.88
N LYS B 212 11.83 -14.82 41.17
CA LYS B 212 13.06 -15.34 41.74
C LYS B 212 14.24 -15.07 40.79
N ASN B 213 14.06 -15.37 39.51
CA ASN B 213 15.14 -15.22 38.54
C ASN B 213 15.48 -13.76 38.25
N ILE B 214 14.46 -12.91 38.15
CA ILE B 214 14.67 -11.47 37.99
C ILE B 214 15.48 -10.93 39.17
N THR B 215 15.08 -11.27 40.39
CA THR B 215 15.77 -10.78 41.56
C THR B 215 17.24 -11.19 41.55
N ARG B 216 17.50 -12.46 41.28
CA ARG B 216 18.87 -12.94 41.21
C ARG B 216 19.62 -12.29 40.04
N GLY B 217 18.98 -12.25 38.87
CA GLY B 217 19.56 -11.59 37.71
C GLY B 217 20.07 -10.19 38.03
N LEU B 218 19.23 -9.39 38.65
CA LEU B 218 19.57 -8.02 39.00
C LEU B 218 20.71 -7.97 40.01
N GLU B 219 20.64 -8.84 41.03
CA GLU B 219 21.68 -8.89 42.03
C GLU B 219 23.02 -9.21 41.40
N GLU B 220 23.02 -10.09 40.41
CA GLU B 220 24.25 -10.44 39.70
C GLU B 220 24.75 -9.29 38.83
N GLU B 221 23.85 -8.67 38.08
CA GLU B 221 24.18 -7.46 37.36
C GLU B 221 24.79 -6.40 38.30
N PHE B 222 24.23 -6.26 39.50
CA PHE B 222 24.72 -5.25 40.43
C PHE B 222 26.14 -5.54 40.91
N ILE B 223 26.45 -6.83 41.12
CA ILE B 223 27.81 -7.23 41.45
C ILE B 223 28.81 -6.81 40.36
N ARG B 224 28.44 -6.98 39.10
CA ARG B 224 29.30 -6.59 37.98
C ARG B 224 29.63 -5.10 37.99
N ILE B 225 28.60 -4.27 38.14
CA ILE B 225 28.76 -2.82 38.14
C ILE B 225 29.63 -2.35 39.30
N GLN B 226 29.40 -2.91 40.49
CA GLN B 226 30.15 -2.50 41.68
C GLN B 226 31.64 -2.71 41.50
N ALA B 227 31.99 -3.82 40.85
CA ALA B 227 33.39 -4.17 40.60
C ALA B 227 34.13 -3.09 39.82
N LYS B 228 33.42 -2.41 38.91
CA LYS B 228 34.02 -1.37 38.08
C LYS B 228 34.65 -0.26 38.92
N GLU B 229 35.56 0.50 38.31
CA GLU B 229 36.27 1.56 38.99
C GLU B 229 35.46 2.86 39.01
N GLU B 230 35.53 3.59 40.12
CA GLU B 230 34.74 4.80 40.30
C GLU B 230 34.92 5.81 39.17
N SER B 231 33.88 5.98 38.36
CA SER B 231 33.91 6.90 37.24
C SER B 231 32.55 7.52 37.00
N GLU B 232 32.48 8.44 36.05
CA GLU B 232 31.19 8.98 35.62
C GLU B 232 30.38 7.92 34.87
N GLU B 233 31.07 7.00 34.21
CA GLU B 233 30.39 5.95 33.47
C GLU B 233 29.76 4.95 34.44
N LYS B 234 30.52 4.58 35.46
CA LYS B 234 30.06 3.65 36.49
C LYS B 234 28.80 4.16 37.16
N GLU B 235 28.83 5.42 37.55
CA GLU B 235 27.66 6.05 38.15
C GLU B 235 26.51 6.08 37.14
N GLU B 236 26.84 6.27 35.88
CA GLU B 236 25.83 6.23 34.83
C GLU B 236 25.23 4.83 34.73
N GLN B 237 26.05 3.82 34.89
CA GLN B 237 25.55 2.44 34.92
C GLN B 237 24.75 2.12 36.19
N VAL B 238 25.22 2.57 37.35
CA VAL B 238 24.49 2.40 38.60
C VAL B 238 23.10 3.04 38.48
N ALA B 239 23.08 4.23 37.89
CA ALA B 239 21.86 5.02 37.86
C ALA B 239 20.84 4.36 36.94
N GLU B 240 21.31 3.90 35.79
CA GLU B 240 20.46 3.22 34.84
C GLU B 240 19.94 1.94 35.48
N PHE B 241 20.85 1.19 36.11
CA PHE B 241 20.49 -0.05 36.79
C PHE B 241 19.33 0.14 37.77
N GLN B 242 19.46 1.13 38.64
CA GLN B 242 18.42 1.43 39.61
C GLN B 242 17.07 1.70 38.97
N LYS B 243 17.08 2.44 37.86
CA LYS B 243 15.84 2.74 37.15
C LYS B 243 15.23 1.46 36.60
N GLN B 244 16.09 0.59 36.06
CA GLN B 244 15.65 -0.69 35.51
C GLN B 244 15.12 -1.64 36.57
N LYS B 245 15.86 -1.78 37.66
CA LYS B 245 15.48 -2.65 38.76
C LYS B 245 14.09 -2.26 39.30
N GLU B 246 13.86 -0.96 39.41
CA GLU B 246 12.59 -0.48 39.94
C GLU B 246 11.43 -0.84 39.02
N VAL B 247 11.64 -0.62 37.72
CA VAL B 247 10.64 -0.94 36.72
C VAL B 247 10.35 -2.44 36.68
N LEU B 248 11.39 -3.25 36.51
CA LEU B 248 11.24 -4.70 36.49
C LEU B 248 10.51 -5.22 37.69
N LEU B 249 10.99 -4.87 38.89
CA LEU B 249 10.40 -5.42 40.11
C LEU B 249 8.96 -4.92 40.36
N SER B 250 8.59 -3.78 39.79
CA SER B 250 7.23 -3.27 39.96
C SER B 250 6.24 -4.18 39.26
N LEU B 251 6.74 -5.00 38.34
CA LEU B 251 5.93 -6.03 37.70
C LEU B 251 5.33 -6.95 38.76
N PHE B 252 5.98 -7.04 39.89
CA PHE B 252 5.54 -7.99 40.89
C PHE B 252 4.74 -7.30 41.97
N ASP B 253 4.47 -6.01 41.77
CA ASP B 253 3.62 -5.29 42.70
C ASP B 253 2.17 -5.38 42.28
N GLU B 254 1.39 -6.25 42.90
CA GLU B 254 0.00 -6.39 42.44
C GLU B 254 -0.86 -5.17 42.84
N LYS B 255 -0.55 -4.56 43.97
CA LYS B 255 -1.31 -3.41 44.45
C LYS B 255 -1.15 -2.24 43.49
N ARG B 256 0.08 -2.03 43.04
CA ARG B 256 0.35 -1.01 42.03
C ARG B 256 -0.47 -1.26 40.76
N HIS B 257 -0.58 -2.53 40.35
CA HIS B 257 -1.36 -2.88 39.17
C HIS B 257 -2.85 -2.53 39.34
N GLU B 258 -3.41 -2.87 40.50
CA GLU B 258 -4.82 -2.61 40.74
C GLU B 258 -5.07 -1.12 40.73
N HIS B 259 -4.16 -0.37 41.31
CA HIS B 259 -4.29 1.09 41.33
C HIS B 259 -4.32 1.64 39.92
N LEU B 260 -3.48 1.11 39.04
CA LEU B 260 -3.41 1.57 37.66
C LEU B 260 -4.65 1.13 36.88
N LEU B 261 -5.20 -0.03 37.19
CA LEU B 261 -6.48 -0.44 36.62
C LEU B 261 -7.56 0.58 36.90
N SER B 262 -7.68 0.96 38.17
CA SER B 262 -8.76 1.87 38.58
C SER B 262 -8.61 3.21 37.91
N LYS B 263 -7.37 3.62 37.65
CA LYS B 263 -7.12 4.89 36.98
C LYS B 263 -7.31 4.75 35.47
N GLY B 264 -7.54 3.52 35.02
CA GLY B 264 -7.75 3.24 33.62
C GLY B 264 -6.46 3.18 32.80
N GLU B 265 -5.33 3.42 33.45
CA GLU B 265 -4.05 3.38 32.76
C GLU B 265 -3.69 1.96 32.36
N ARG B 266 -4.41 0.98 32.91
CA ARG B 266 -4.29 -0.42 32.51
C ARG B 266 -5.68 -1.06 32.33
N ARG B 267 -5.75 -2.18 31.63
CA ARG B 267 -7.04 -2.81 31.29
C ARG B 267 -7.13 -4.29 31.68
N LEU B 268 -6.04 -5.03 31.56
CA LEU B 268 -6.08 -6.45 31.87
C LEU B 268 -5.93 -6.73 33.36
N SER B 269 -6.56 -7.80 33.83
CA SER B 269 -6.35 -8.28 35.19
C SER B 269 -4.87 -8.65 35.39
N TYR B 270 -4.43 -8.65 36.64
CA TYR B 270 -3.06 -9.00 36.96
C TYR B 270 -2.74 -10.39 36.42
N ARG B 271 -3.68 -11.33 36.56
CA ARG B 271 -3.41 -12.70 36.17
C ARG B 271 -3.39 -12.86 34.64
N ALA B 272 -4.23 -12.11 33.93
CA ALA B 272 -4.21 -12.20 32.46
C ALA B 272 -2.87 -11.70 31.90
N LEU B 273 -2.29 -10.75 32.61
CA LEU B 273 -0.98 -10.22 32.30
C LEU B 273 0.08 -11.31 32.42
N GLN B 274 0.02 -12.09 33.47
CA GLN B 274 0.95 -13.21 33.66
C GLN B 274 0.82 -14.21 32.52
N GLY B 275 -0.42 -14.46 32.12
CA GLY B 275 -0.67 -15.37 31.03
C GLY B 275 -0.08 -14.86 29.73
N ALA B 276 -0.22 -13.56 29.48
CA ALA B 276 0.28 -13.03 28.21
C ALA B 276 1.80 -13.10 28.19
N LEU B 277 2.40 -12.83 29.34
CA LEU B 277 3.83 -12.89 29.46
C LEU B 277 4.31 -14.33 29.25
N MET B 278 3.54 -15.27 29.77
CA MET B 278 3.84 -16.69 29.63
C MET B 278 3.91 -17.06 28.15
N ILE B 279 2.91 -16.59 27.41
CA ILE B 279 2.80 -16.84 25.99
C ILE B 279 3.92 -16.14 25.19
N TYR B 280 4.28 -14.92 25.55
CA TYR B 280 5.42 -14.25 24.93
C TYR B 280 6.72 -15.05 25.11
N PHE B 281 7.01 -15.37 26.37
CA PHE B 281 8.26 -16.03 26.70
C PHE B 281 8.36 -17.43 26.08
N TYR B 282 7.25 -18.17 26.10
CA TYR B 282 7.27 -19.56 25.67
C TYR B 282 6.51 -19.80 24.35
N ARG B 283 6.46 -18.76 23.52
CA ARG B 283 5.71 -18.77 22.24
C ARG B 283 6.08 -19.91 21.31
N GLU B 284 7.31 -20.39 21.40
CA GLU B 284 7.75 -21.41 20.47
C GLU B 284 7.20 -22.77 20.86
N GLU B 285 6.85 -22.94 22.13
CA GLU B 285 6.15 -24.15 22.55
C GLU B 285 4.88 -24.28 21.70
N PRO B 286 4.66 -25.47 21.13
CA PRO B 286 3.57 -25.74 20.19
C PRO B 286 2.19 -25.24 20.66
N ARG B 287 1.81 -25.52 21.90
CA ARG B 287 0.49 -25.06 22.37
C ARG B 287 0.42 -23.54 22.42
N PHE B 288 1.58 -22.89 22.42
CA PHE B 288 1.63 -21.44 22.54
C PHE B 288 1.83 -20.68 21.22
N GLN B 289 2.11 -21.42 20.15
CA GLN B 289 2.45 -20.78 18.88
C GLN B 289 1.31 -19.92 18.34
N VAL B 290 0.16 -20.53 18.10
CA VAL B 290 -0.98 -19.80 17.58
C VAL B 290 -1.56 -18.80 18.60
N PRO B 291 -1.59 -19.16 19.90
CA PRO B 291 -1.95 -18.08 20.84
C PRO B 291 -1.02 -16.85 20.74
N PHE B 292 0.26 -17.04 20.52
CA PHE B 292 1.13 -15.90 20.33
C PHE B 292 0.77 -15.07 19.06
N GLN B 293 0.36 -15.75 18.01
CA GLN B 293 -0.14 -15.08 16.82
C GLN B 293 -1.37 -14.25 17.17
N LEU B 294 -2.25 -14.84 17.97
CA LEU B 294 -3.47 -14.16 18.41
C LEU B 294 -3.15 -12.82 19.09
N LEU B 295 -2.26 -12.86 20.09
CA LEU B 295 -1.88 -11.65 20.82
C LEU B 295 -1.22 -10.63 19.89
N THR B 296 -0.41 -11.12 18.96
CA THR B 296 0.20 -10.23 17.98
C THR B 296 -0.87 -9.56 17.14
N SER B 297 -1.88 -10.34 16.75
CA SER B 297 -3.00 -9.80 15.96
C SER B 297 -3.78 -8.72 16.69
N LEU B 298 -3.98 -8.90 17.99
CA LEU B 298 -4.68 -7.90 18.77
C LEU B 298 -3.93 -6.56 18.75
N MET B 299 -2.62 -6.61 18.98
CA MET B 299 -1.84 -5.40 18.92
C MET B 299 -1.93 -4.80 17.51
N ASP B 300 -1.88 -5.65 16.47
CA ASP B 300 -2.05 -5.18 15.08
C ASP B 300 -3.32 -4.36 14.91
N ILE B 301 -4.41 -4.84 15.49
CA ILE B 301 -5.70 -4.19 15.34
C ILE B 301 -5.77 -2.85 16.09
N ASP B 302 -5.23 -2.81 17.31
CA ASP B 302 -5.05 -1.54 18.01
C ASP B 302 -4.22 -0.57 17.15
N SER B 303 -3.07 -1.04 16.69
CA SER B 303 -2.20 -0.23 15.87
C SER B 303 -2.95 0.32 14.63
N LEU B 304 -3.76 -0.53 14.00
CA LEU B 304 -4.45 -0.12 12.78
C LEU B 304 -5.67 0.79 13.03
N MET B 305 -6.36 0.57 14.14
CA MET B 305 -7.43 1.50 14.51
C MET B 305 -6.83 2.89 14.73
N THR B 306 -5.72 2.98 15.44
CA THR B 306 -5.19 4.32 15.69
C THR B 306 -4.59 4.93 14.41
N LYS B 307 -4.09 4.09 13.50
CA LYS B 307 -3.62 4.60 12.22
C LYS B 307 -4.79 5.10 11.36
N TRP B 308 -5.95 4.46 11.50
CA TRP B 308 -7.16 4.94 10.86
C TRP B 308 -7.48 6.35 11.37
N ARG B 309 -7.50 6.51 12.70
CA ARG B 309 -7.81 7.80 13.29
C ARG B 309 -6.82 8.88 12.81
N TYR B 310 -5.54 8.54 12.73
CA TYR B 310 -4.56 9.55 12.37
C TYR B 310 -4.60 9.91 10.90
N ASN B 311 -4.80 8.91 10.03
CA ASN B 311 -4.94 9.20 8.59
C ASN B 311 -6.18 10.07 8.40
N HIS B 312 -7.23 9.74 9.14
CA HIS B 312 -8.45 10.53 9.18
C HIS B 312 -8.15 11.99 9.55
N VAL B 313 -7.50 12.18 10.69
CA VAL B 313 -6.99 13.50 11.13
C VAL B 313 -6.26 14.28 10.05
N CYS B 314 -5.26 13.65 9.43
CA CYS B 314 -4.44 14.32 8.42
C CYS B 314 -5.31 14.83 7.27
N MET B 315 -6.25 14.02 6.80
CA MET B 315 -7.13 14.43 5.72
C MET B 315 -8.01 15.58 6.18
N VAL B 316 -8.60 15.45 7.37
CA VAL B 316 -9.52 16.46 7.92
C VAL B 316 -8.83 17.83 8.08
N HIS B 317 -7.52 17.84 8.32
CA HIS B 317 -6.84 19.12 8.45
C HIS B 317 -6.79 19.87 7.13
N ARG B 318 -6.55 19.14 6.04
CA ARG B 318 -6.51 19.76 4.72
C ARG B 318 -7.91 20.21 4.32
N MET B 319 -8.92 19.42 4.70
CA MET B 319 -10.28 19.72 4.32
C MET B 319 -10.86 20.93 5.05
N LEU B 320 -10.53 21.07 6.33
CA LEU B 320 -11.23 22.01 7.21
C LEU B 320 -10.37 23.11 7.80
N GLY B 321 -9.04 22.89 7.79
CA GLY B 321 -8.16 23.75 8.56
C GLY B 321 -8.62 23.70 10.01
N SER B 322 -8.99 24.85 10.55
CA SER B 322 -9.52 24.88 11.91
C SER B 322 -11.03 25.17 12.02
N LYS B 323 -11.81 24.95 10.96
CA LYS B 323 -13.26 25.13 11.06
C LYS B 323 -13.86 24.06 11.98
N ALA B 324 -14.93 24.42 12.68
CA ALA B 324 -15.63 23.46 13.53
C ALA B 324 -16.38 22.44 12.67
N GLY B 325 -16.47 21.20 13.17
CA GLY B 325 -17.15 20.14 12.43
C GLY B 325 -18.66 20.33 12.31
N THR B 326 -19.25 19.79 11.24
CA THR B 326 -20.69 19.82 11.07
C THR B 326 -21.39 19.08 12.21
N GLY B 327 -20.68 18.16 12.86
CA GLY B 327 -21.26 17.41 13.95
C GLY B 327 -21.15 18.11 15.29
N GLY B 328 -20.54 19.29 15.27
CA GLY B 328 -20.51 20.14 16.45
C GLY B 328 -19.19 20.22 17.19
N SER B 329 -18.23 19.36 16.84
CA SER B 329 -16.93 19.37 17.51
C SER B 329 -16.08 20.54 17.00
N SER B 330 -14.96 20.77 17.69
CA SER B 330 -13.98 21.75 17.22
C SER B 330 -13.40 21.32 15.88
N GLY B 331 -13.52 20.03 15.56
CA GLY B 331 -13.06 19.49 14.29
C GLY B 331 -11.72 18.79 14.37
N TYR B 332 -10.78 19.32 13.58
CA TYR B 332 -9.39 18.86 13.55
C TYR B 332 -8.82 18.67 14.94
N HIS B 333 -8.90 19.71 15.77
CA HIS B 333 -8.38 19.63 17.14
C HIS B 333 -9.03 18.50 17.94
N TYR B 334 -10.34 18.30 17.80
CA TYR B 334 -11.00 17.20 18.52
C TYR B 334 -10.46 15.85 18.05
N LEU B 335 -10.37 15.67 16.73
CA LEU B 335 -9.99 14.37 16.19
C LEU B 335 -8.56 14.00 16.62
N ARG B 336 -7.70 15.01 16.79
CA ARG B 336 -6.32 14.77 17.17
C ARG B 336 -6.26 14.10 18.53
N SER B 337 -7.18 14.48 19.42
CA SER B 337 -7.25 13.92 20.78
C SER B 337 -7.63 12.44 20.78
N THR B 338 -8.26 11.96 19.71
CA THR B 338 -8.64 10.54 19.68
C THR B 338 -7.46 9.68 19.31
N VAL B 339 -6.39 10.31 18.84
CA VAL B 339 -5.17 9.58 18.52
C VAL B 339 -4.30 9.51 19.78
N SER B 340 -4.71 8.65 20.72
CA SER B 340 -3.95 8.43 21.94
C SER B 340 -4.27 7.10 22.61
N ASP B 341 -3.41 6.69 23.52
CA ASP B 341 -3.51 5.39 24.17
C ASP B 341 -4.76 5.23 25.04
N ARG B 342 -5.45 6.34 25.30
CA ARG B 342 -6.78 6.29 25.91
C ARG B 342 -7.72 5.36 25.12
N TYR B 343 -7.42 5.15 23.84
CA TYR B 343 -8.27 4.37 22.93
C TYR B 343 -7.63 3.04 22.55
N LYS B 344 -6.45 2.81 23.10
CA LYS B 344 -5.71 1.60 22.81
C LYS B 344 -6.15 0.51 23.79
N VAL B 345 -7.04 -0.37 23.33
CA VAL B 345 -7.66 -1.35 24.20
C VAL B 345 -6.61 -2.33 24.77
N PHE B 346 -5.67 -2.75 23.94
CA PHE B 346 -4.65 -3.72 24.37
C PHE B 346 -3.29 -3.09 24.74
N VAL B 347 -3.29 -1.87 25.29
CA VAL B 347 -2.08 -1.25 25.85
C VAL B 347 -1.17 -2.20 26.59
N ASP B 348 -1.76 -2.98 27.51
CA ASP B 348 -0.98 -3.89 28.34
C ASP B 348 -0.11 -4.83 27.47
N LEU B 349 -0.63 -5.28 26.33
CA LEU B 349 0.14 -6.16 25.45
C LEU B 349 1.36 -5.43 24.88
N PHE B 350 1.20 -4.14 24.59
CA PHE B 350 2.31 -3.28 24.15
C PHE B 350 3.31 -3.05 25.27
N ASN B 351 2.79 -2.78 26.46
CA ASN B 351 3.64 -2.38 27.58
C ASN B 351 4.40 -3.55 28.18
N LEU B 352 3.99 -4.78 27.88
CA LEU B 352 4.75 -5.92 28.37
C LEU B 352 6.17 -5.96 27.77
N SER B 353 6.41 -5.25 26.67
CA SER B 353 7.79 -5.15 26.14
C SER B 353 8.70 -4.42 27.14
N THR B 354 8.09 -3.66 28.05
CA THR B 354 8.83 -2.97 29.11
C THR B 354 9.63 -3.94 30.00
N TYR B 355 9.18 -5.20 30.06
CA TYR B 355 9.71 -6.15 31.04
C TYR B 355 10.47 -7.29 30.40
N LEU B 356 10.74 -7.18 29.11
CA LEU B 356 11.57 -8.19 28.47
C LEU B 356 12.94 -8.23 29.13
N ILE B 357 13.45 -9.45 29.32
CA ILE B 357 14.66 -9.69 30.08
C ILE B 357 15.60 -10.57 29.26
N PRO B 358 16.88 -10.67 29.67
CA PRO B 358 17.74 -11.57 28.89
C PRO B 358 17.26 -13.01 29.00
N ARG B 359 17.39 -13.74 27.90
CA ARG B 359 16.87 -15.11 27.75
C ARG B 359 17.25 -16.04 28.91
N HIS B 360 18.48 -15.91 29.40
CA HIS B 360 18.94 -16.82 30.44
C HIS B 360 18.23 -16.59 31.78
N TRP B 361 17.51 -15.47 31.93
CA TRP B 361 16.74 -15.27 33.16
C TRP B 361 15.37 -15.95 33.11
N ILE B 362 14.87 -16.22 31.90
CA ILE B 362 13.58 -16.88 31.74
C ILE B 362 13.61 -18.30 32.33
N PRO B 363 12.64 -18.63 33.19
CA PRO B 363 12.61 -19.95 33.84
C PRO B 363 12.64 -21.09 32.81
N LYS B 364 13.52 -22.06 33.04
CA LYS B 364 13.70 -23.18 32.14
C LYS B 364 12.48 -24.09 32.18
N MET B 365 12.26 -24.83 31.11
CA MET B 365 11.12 -25.74 31.03
C MET B 365 11.53 -27.20 31.28
N GLY C 23 30.95 4.62 22.02
CA GLY C 23 31.09 3.39 21.26
C GLY C 23 30.44 3.42 19.88
N LEU C 24 29.50 2.52 19.66
CA LEU C 24 28.92 2.30 18.33
C LEU C 24 28.15 3.52 17.80
N ILE C 25 28.30 3.78 16.51
CA ILE C 25 27.61 4.90 15.86
C ILE C 25 26.77 4.41 14.68
N TYR C 26 25.55 4.95 14.57
CA TYR C 26 24.59 4.66 13.52
C TYR C 26 25.20 4.33 12.15
N GLY C 27 25.82 5.32 11.53
CA GLY C 27 26.42 5.18 10.20
C GLY C 27 27.47 4.08 10.08
N ASN C 28 28.33 3.95 11.10
CA ASN C 28 29.30 2.84 11.15
C ASN C 28 28.59 1.50 11.24
N TYR C 29 27.62 1.44 12.17
CA TYR C 29 26.85 0.25 12.42
C TYR C 29 26.25 -0.29 11.15
N LEU C 30 25.71 0.62 10.34
CA LEU C 30 24.99 0.27 9.11
C LEU C 30 25.90 0.28 7.89
N HIS C 31 27.18 0.57 8.13
CA HIS C 31 28.17 0.76 7.07
C HIS C 31 27.65 1.65 5.95
N LEU C 32 27.12 2.80 6.33
CA LEU C 32 26.70 3.82 5.38
C LEU C 32 27.88 4.37 4.54
N GLU C 33 29.10 4.26 5.08
CA GLU C 33 30.32 4.60 4.33
C GLU C 33 30.36 3.90 2.98
N LYS C 34 29.81 2.69 2.95
CA LYS C 34 29.71 1.92 1.71
C LYS C 34 28.38 2.14 1.00
N VAL C 35 27.28 2.02 1.75
CA VAL C 35 25.95 2.05 1.18
C VAL C 35 25.64 3.39 0.53
N LEU C 36 26.09 4.47 1.14
CA LEU C 36 25.75 5.79 0.66
C LEU C 36 26.86 6.36 -0.23
N ASN C 37 27.91 5.59 -0.45
CA ASN C 37 28.95 5.95 -1.41
C ASN C 37 29.02 4.95 -2.56
N ALA C 38 27.86 4.55 -3.07
CA ALA C 38 27.81 3.48 -4.04
C ALA C 38 27.05 3.89 -5.28
N GLN C 39 26.87 5.19 -5.45
CA GLN C 39 26.02 5.71 -6.53
C GLN C 39 26.83 6.50 -7.54
N GLU C 40 27.09 5.88 -8.69
CA GLU C 40 27.86 6.47 -9.78
C GLU C 40 27.03 6.53 -11.06
N LEU C 41 26.61 7.73 -11.45
CA LEU C 41 25.80 7.87 -12.66
C LEU C 41 26.69 7.70 -13.88
N GLN C 42 26.39 6.67 -14.65
CA GLN C 42 27.16 6.36 -15.85
C GLN C 42 27.01 7.49 -16.87
N SER C 43 25.88 8.19 -16.84
CA SER C 43 25.72 9.36 -17.67
C SER C 43 26.66 10.48 -17.23
N GLU C 44 26.85 10.61 -15.92
CA GLU C 44 27.76 11.62 -15.41
C GLU C 44 29.22 11.32 -15.77
N THR C 45 29.65 10.07 -15.59
CA THR C 45 31.05 9.76 -15.84
C THR C 45 31.34 9.75 -17.34
N LYS C 46 30.30 9.94 -18.15
CA LYS C 46 30.44 9.87 -19.59
C LYS C 46 30.11 11.20 -20.26
N GLY C 47 30.04 12.27 -19.48
CA GLY C 47 29.82 13.57 -20.09
C GLY C 47 28.57 14.36 -19.72
N ASN C 48 27.38 13.80 -19.90
CA ASN C 48 26.18 14.54 -19.53
C ASN C 48 25.32 13.78 -18.53
N LYS C 49 25.32 14.24 -17.29
CA LYS C 49 24.59 13.51 -16.27
C LYS C 49 23.09 13.72 -16.47
N ILE C 50 22.34 12.63 -16.38
CA ILE C 50 20.91 12.72 -16.47
C ILE C 50 20.33 12.49 -15.08
N HIS C 51 19.57 13.47 -14.60
CA HIS C 51 19.03 13.49 -13.23
C HIS C 51 18.36 12.17 -12.81
N ASP C 52 17.52 11.63 -13.67
CA ASP C 52 16.70 10.47 -13.33
C ASP C 52 17.49 9.18 -13.22
N GLU C 53 18.73 9.14 -13.70
CA GLU C 53 19.54 7.91 -13.54
C GLU C 53 19.83 7.64 -12.05
N HIS C 54 19.84 8.68 -11.22
CA HIS C 54 20.03 8.47 -9.78
C HIS C 54 18.93 7.59 -9.20
N LEU C 55 17.67 7.89 -9.53
CA LEU C 55 16.55 7.09 -9.09
C LEU C 55 16.65 5.65 -9.60
N PHE C 56 17.11 5.51 -10.84
CA PHE C 56 17.26 4.22 -11.49
C PHE C 56 18.24 3.36 -10.69
N ILE C 57 19.38 3.94 -10.33
CA ILE C 57 20.36 3.28 -9.50
C ILE C 57 19.83 2.94 -8.09
N ILE C 58 19.35 3.94 -7.35
CA ILE C 58 18.82 3.71 -6.00
C ILE C 58 17.74 2.61 -5.95
N THR C 59 16.83 2.65 -6.92
CA THR C 59 15.76 1.66 -6.98
C THR C 59 16.29 0.22 -7.08
N HIS C 60 17.27 -0.02 -7.95
CA HIS C 60 17.87 -1.34 -8.09
C HIS C 60 18.63 -1.76 -6.83
N GLN C 61 19.33 -0.81 -6.22
CA GLN C 61 20.06 -1.08 -4.99
C GLN C 61 19.11 -1.47 -3.84
N ALA C 62 17.97 -0.81 -3.75
CA ALA C 62 17.02 -1.19 -2.72
C ALA C 62 16.49 -2.62 -2.98
N TYR C 63 16.15 -2.93 -4.24
CA TYR C 63 15.76 -4.29 -4.58
C TYR C 63 16.81 -5.31 -4.17
N GLU C 64 18.08 -5.06 -4.50
CA GLU C 64 19.11 -6.05 -4.22
C GLU C 64 19.26 -6.28 -2.71
N LEU C 65 19.22 -5.21 -1.93
CA LEU C 65 19.21 -5.32 -0.49
C LEU C 65 18.12 -6.25 -0.01
N TRP C 66 16.92 -6.04 -0.53
CA TRP C 66 15.80 -6.87 -0.13
C TRP C 66 15.95 -8.28 -0.68
N PHE C 67 16.55 -8.44 -1.87
CA PHE C 67 16.88 -9.78 -2.37
C PHE C 67 17.80 -10.49 -1.37
N LYS C 68 18.79 -9.76 -0.88
CA LYS C 68 19.72 -10.33 0.11
C LYS C 68 18.99 -10.74 1.39
N GLN C 69 17.99 -9.97 1.79
CA GLN C 69 17.28 -10.30 3.01
C GLN C 69 16.52 -11.59 2.80
N ILE C 70 15.85 -11.67 1.64
CA ILE C 70 15.08 -12.85 1.29
C ILE C 70 15.96 -14.10 1.25
N LEU C 71 17.13 -14.00 0.63
CA LEU C 71 18.10 -15.09 0.59
C LEU C 71 18.45 -15.54 2.02
N TRP C 72 18.66 -14.55 2.90
CA TRP C 72 18.97 -14.78 4.30
C TRP C 72 17.86 -15.54 5.06
N GLU C 73 16.61 -15.15 4.84
CA GLU C 73 15.51 -15.88 5.44
C GLU C 73 15.40 -17.28 4.84
N LEU C 74 15.44 -17.33 3.50
CA LEU C 74 15.28 -18.58 2.75
C LEU C 74 16.30 -19.65 3.11
N ASP C 75 17.57 -19.28 3.13
CA ASP C 75 18.60 -20.22 3.51
C ASP C 75 18.39 -20.65 4.95
N SER C 76 17.89 -19.76 5.79
CA SER C 76 17.83 -20.11 7.20
C SER C 76 16.74 -21.15 7.34
N VAL C 77 15.72 -21.05 6.51
CA VAL C 77 14.60 -21.98 6.58
C VAL C 77 15.00 -23.32 5.95
N ARG C 78 15.73 -23.27 4.84
CA ARG C 78 16.25 -24.49 4.21
C ARG C 78 17.15 -25.25 5.19
N GLU C 79 17.95 -24.54 5.97
CA GLU C 79 18.82 -25.16 6.92
C GLU C 79 18.04 -25.90 8.01
N ILE C 80 16.99 -25.27 8.53
CA ILE C 80 16.13 -25.89 9.55
C ILE C 80 15.54 -27.21 9.06
N PHE C 81 15.10 -27.23 7.80
CA PHE C 81 14.65 -28.48 7.19
C PHE C 81 15.81 -29.44 7.06
N GLN C 82 16.95 -28.91 6.63
CA GLN C 82 18.08 -29.78 6.30
C GLN C 82 18.75 -30.38 7.53
N ASN C 83 18.96 -29.58 8.57
CA ASN C 83 19.68 -30.09 9.72
C ASN C 83 18.76 -30.90 10.64
N GLY C 84 17.51 -31.08 10.23
CA GLY C 84 16.57 -31.91 10.97
C GLY C 84 15.68 -31.18 11.97
N HIS C 85 15.98 -29.91 12.24
CA HIS C 85 15.23 -29.18 13.27
C HIS C 85 13.73 -29.07 12.97
N VAL C 86 13.33 -29.16 11.71
CA VAL C 86 11.91 -29.04 11.38
C VAL C 86 11.11 -30.17 12.02
N ARG C 87 11.78 -31.28 12.30
CA ARG C 87 11.12 -32.42 12.92
C ARG C 87 10.57 -32.02 14.28
N ASP C 88 11.37 -31.26 15.02
CA ASP C 88 10.96 -30.68 16.28
C ASP C 88 9.94 -29.59 16.04
N GLU C 89 8.67 -29.88 16.33
CA GLU C 89 7.59 -29.01 15.89
C GLU C 89 7.52 -27.69 16.67
N ARG C 90 8.40 -27.50 17.64
CA ARG C 90 8.45 -26.21 18.28
C ARG C 90 9.09 -25.18 17.34
N ASN C 91 9.65 -25.64 16.22
CA ASN C 91 10.31 -24.72 15.29
C ASN C 91 9.39 -24.21 14.18
N MET C 92 8.16 -24.70 14.16
CA MET C 92 7.25 -24.34 13.07
C MET C 92 6.91 -22.85 13.10
N LEU C 93 6.86 -22.26 14.29
CA LEU C 93 6.52 -20.85 14.41
C LEU C 93 7.62 -20.02 13.79
N LYS C 94 8.87 -20.37 14.12
CA LYS C 94 10.01 -19.76 13.46
C LYS C 94 9.94 -19.93 11.93
N VAL C 95 9.65 -21.13 11.49
CA VAL C 95 9.61 -21.41 10.08
C VAL C 95 8.53 -20.60 9.37
N VAL C 96 7.30 -20.64 9.89
CA VAL C 96 6.22 -19.97 9.18
C VAL C 96 6.45 -18.46 9.20
N SER C 97 6.92 -17.96 10.33
CA SER C 97 7.06 -16.52 10.50
C SER C 97 8.12 -15.97 9.53
N ARG C 98 9.24 -16.68 9.40
CA ARG C 98 10.27 -16.28 8.42
C ARG C 98 9.76 -16.36 6.97
N MET C 99 9.04 -17.42 6.63
CA MET C 99 8.45 -17.52 5.31
C MET C 99 7.39 -16.44 5.07
N HIS C 100 6.55 -16.20 6.06
CA HIS C 100 5.61 -15.08 5.96
C HIS C 100 6.33 -13.75 5.72
N ARG C 101 7.46 -13.56 6.42
CA ARG C 101 8.26 -12.36 6.25
C ARG C 101 8.70 -12.22 4.79
N VAL C 102 9.09 -13.33 4.17
CA VAL C 102 9.49 -13.29 2.76
C VAL C 102 8.35 -12.75 1.91
N SER C 103 7.15 -13.25 2.16
CA SER C 103 5.93 -12.73 1.55
C SER C 103 5.76 -11.23 1.73
N VAL C 104 5.96 -10.76 2.96
CA VAL C 104 5.78 -9.36 3.25
C VAL C 104 6.80 -8.50 2.50
N ILE C 105 8.07 -8.92 2.48
CA ILE C 105 9.11 -8.20 1.73
C ILE C 105 8.77 -8.14 0.23
N LEU C 106 8.36 -9.30 -0.32
CA LEU C 106 8.00 -9.40 -1.72
C LEU C 106 6.83 -8.46 -2.07
N LYS C 107 5.85 -8.31 -1.17
CA LYS C 107 4.74 -7.37 -1.41
C LYS C 107 5.27 -5.95 -1.57
N LEU C 108 6.23 -5.56 -0.72
CA LEU C 108 6.85 -4.25 -0.83
C LEU C 108 7.60 -4.13 -2.14
N LEU C 109 8.22 -5.22 -2.56
CA LEU C 109 9.01 -5.20 -3.79
C LEU C 109 8.09 -5.03 -5.00
N VAL C 110 6.94 -5.71 -4.99
CA VAL C 110 5.91 -5.46 -5.99
C VAL C 110 5.49 -3.97 -5.99
N GLN C 111 5.26 -3.40 -4.81
CA GLN C 111 4.81 -2.00 -4.71
C GLN C 111 5.89 -1.01 -5.14
N GLN C 112 7.14 -1.39 -4.89
CA GLN C 112 8.27 -0.52 -5.17
C GLN C 112 8.37 -0.10 -6.65
N PHE C 113 7.73 -0.81 -7.57
CA PHE C 113 7.78 -0.41 -8.99
C PHE C 113 7.13 0.96 -9.23
N SER C 114 6.19 1.32 -8.36
CA SER C 114 5.49 2.59 -8.51
C SER C 114 6.42 3.79 -8.34
N ILE C 115 7.53 3.59 -7.63
CA ILE C 115 8.54 4.64 -7.53
C ILE C 115 9.23 4.87 -8.86
N LEU C 116 9.74 3.79 -9.46
CA LEU C 116 10.46 3.85 -10.74
C LEU C 116 9.54 4.32 -11.84
N GLU C 117 8.27 3.99 -11.69
CA GLU C 117 7.28 4.43 -12.64
C GLU C 117 7.07 5.95 -12.63
N THR C 118 7.62 6.68 -11.65
CA THR C 118 7.56 8.15 -11.75
C THR C 118 8.64 8.69 -12.69
N MET C 119 9.36 7.78 -13.35
CA MET C 119 10.32 8.14 -14.41
C MET C 119 9.60 8.00 -15.74
N THR C 120 9.48 9.07 -16.52
CA THR C 120 8.86 8.93 -17.84
C THR C 120 9.83 8.19 -18.76
N ALA C 121 9.29 7.52 -19.77
CA ALA C 121 10.11 6.79 -20.72
C ALA C 121 11.04 7.76 -21.42
N LEU C 122 10.57 8.97 -21.64
CA LEU C 122 11.36 9.99 -22.32
C LEU C 122 12.65 10.35 -21.55
N ASP C 123 12.52 10.49 -20.24
CA ASP C 123 13.66 10.79 -19.38
C ASP C 123 14.57 9.57 -19.27
N PHE C 124 13.96 8.39 -19.20
CA PHE C 124 14.72 7.15 -19.22
C PHE C 124 15.56 7.06 -20.50
N ASN C 125 14.92 7.44 -21.60
CA ASN C 125 15.55 7.42 -22.90
C ASN C 125 16.83 8.28 -22.97
N ASP C 126 16.98 9.21 -22.04
CA ASP C 126 18.17 10.08 -22.04
C ASP C 126 19.44 9.43 -21.46
N PHE C 127 19.33 8.32 -20.75
CA PHE C 127 20.55 7.70 -20.24
C PHE C 127 20.64 6.20 -20.53
N ARG C 128 19.63 5.64 -21.21
CA ARG C 128 19.63 4.22 -21.50
C ARG C 128 20.86 3.80 -22.31
N GLU C 129 21.37 4.69 -23.14
CA GLU C 129 22.54 4.42 -23.99
C GLU C 129 23.80 4.07 -23.20
N TYR C 130 23.84 4.47 -21.93
CA TYR C 130 25.03 4.23 -21.11
C TYR C 130 24.95 2.92 -20.34
N LEU C 131 23.88 2.14 -20.57
CA LEU C 131 23.65 0.96 -19.76
C LEU C 131 24.09 -0.34 -20.44
N SER C 132 23.98 -0.39 -21.76
CA SER C 132 24.39 -1.58 -22.52
C SER C 132 25.84 -1.89 -22.26
N PRO C 133 26.17 -3.18 -22.17
CA PRO C 133 25.26 -4.31 -22.41
C PRO C 133 24.64 -4.87 -21.13
N ALA C 134 24.73 -4.11 -20.05
CA ALA C 134 24.27 -4.57 -18.74
C ALA C 134 22.76 -4.72 -18.69
N SER C 135 22.30 -5.61 -17.81
CA SER C 135 20.87 -5.81 -17.57
C SER C 135 20.63 -6.71 -16.37
N GLY C 136 19.37 -6.83 -15.99
CA GLY C 136 18.92 -7.71 -14.92
C GLY C 136 19.26 -9.18 -15.07
N PHE C 137 19.54 -9.64 -16.30
CA PHE C 137 20.01 -11.01 -16.50
C PHE C 137 21.25 -11.28 -15.64
N GLN C 138 21.93 -10.21 -15.27
CA GLN C 138 23.18 -10.30 -14.53
C GLN C 138 22.95 -10.16 -13.03
N SER C 139 21.70 -10.09 -12.59
CA SER C 139 21.47 -10.10 -11.14
C SER C 139 21.72 -11.47 -10.53
N LEU C 140 22.82 -11.60 -9.79
CA LEU C 140 23.17 -12.86 -9.14
C LEU C 140 22.09 -13.30 -8.15
N GLN C 141 21.63 -12.34 -7.33
CA GLN C 141 20.71 -12.70 -6.26
C GLN C 141 19.32 -13.11 -6.76
N PHE C 142 18.84 -12.49 -7.82
CA PHE C 142 17.56 -12.92 -8.38
C PHE C 142 17.61 -14.39 -8.81
N ARG C 143 18.67 -14.78 -9.50
CA ARG C 143 18.84 -16.18 -9.90
C ARG C 143 18.99 -17.12 -8.70
N LEU C 144 19.78 -16.70 -7.71
CA LEU C 144 19.98 -17.50 -6.51
C LEU C 144 18.63 -17.74 -5.84
N LEU C 145 17.84 -16.68 -5.80
CA LEU C 145 16.48 -16.74 -5.27
C LEU C 145 15.64 -17.80 -5.97
N GLU C 146 15.52 -17.68 -7.29
CA GLU C 146 14.77 -18.63 -8.12
C GLU C 146 15.23 -20.07 -7.92
N ASN C 147 16.55 -20.26 -7.91
CA ASN C 147 17.09 -21.60 -7.73
C ASN C 147 16.77 -22.19 -6.36
N LYS C 148 16.95 -21.43 -5.29
CA LYS C 148 16.77 -21.96 -3.93
C LYS C 148 15.30 -22.25 -3.62
N ILE C 149 14.39 -21.52 -4.25
CA ILE C 149 12.97 -21.82 -4.08
C ILE C 149 12.59 -23.11 -4.81
N GLY C 150 13.10 -23.28 -6.02
CA GLY C 150 12.88 -24.53 -6.75
C GLY C 150 12.59 -24.41 -8.24
N VAL C 151 12.88 -23.26 -8.83
CA VAL C 151 12.75 -23.08 -10.29
C VAL C 151 13.69 -24.06 -10.99
N LEU C 152 13.17 -24.93 -11.85
CA LEU C 152 13.98 -26.01 -12.38
C LEU C 152 14.71 -25.66 -13.67
N TYR C 164 21.41 -19.03 -19.25
CA TYR C 164 21.23 -17.85 -18.39
C TYR C 164 22.44 -17.69 -17.46
N ARG C 165 23.06 -18.82 -17.13
CA ARG C 165 24.22 -18.82 -16.25
C ARG C 165 25.45 -18.35 -17.04
N ASP C 166 25.30 -18.24 -18.35
CA ASP C 166 26.32 -17.65 -19.22
C ASP C 166 26.61 -16.22 -18.80
N ASN C 167 25.58 -15.58 -18.26
CA ASN C 167 25.67 -14.18 -17.85
C ASN C 167 26.58 -14.01 -16.64
N PHE C 168 27.04 -15.13 -16.08
CA PHE C 168 27.97 -15.12 -14.97
C PHE C 168 29.18 -15.98 -15.28
N LYS C 169 30.25 -15.75 -14.53
CA LYS C 169 31.43 -16.59 -14.61
C LYS C 169 32.27 -16.35 -13.36
N GLY C 170 33.37 -17.08 -13.24
CA GLY C 170 34.25 -16.94 -12.09
C GLY C 170 33.53 -17.36 -10.83
N GLU C 171 33.81 -16.65 -9.74
CA GLU C 171 33.28 -17.00 -8.43
C GLU C 171 31.76 -16.94 -8.34
N GLU C 172 31.14 -16.10 -9.17
CA GLU C 172 29.67 -15.96 -9.14
C GLU C 172 29.00 -17.15 -9.80
N ASN C 173 29.65 -17.70 -10.81
CA ASN C 173 29.16 -18.90 -11.48
C ASN C 173 29.14 -20.06 -10.50
N GLU C 174 30.09 -20.04 -9.56
CA GLU C 174 30.20 -21.06 -8.51
C GLU C 174 28.97 -21.07 -7.59
N LEU C 175 28.70 -19.94 -6.93
CA LEU C 175 27.53 -19.82 -6.08
C LEU C 175 26.29 -20.26 -6.83
N LEU C 176 26.19 -19.82 -8.07
CA LEU C 176 25.06 -20.16 -8.92
C LEU C 176 24.97 -21.67 -9.10
N LEU C 177 26.10 -22.28 -9.40
CA LEU C 177 26.21 -23.72 -9.55
C LEU C 177 25.69 -24.43 -8.31
N LYS C 178 26.24 -24.06 -7.15
CA LYS C 178 25.88 -24.67 -5.88
C LYS C 178 24.40 -24.51 -5.55
N SER C 179 23.79 -23.42 -6.01
CA SER C 179 22.40 -23.15 -5.66
C SER C 179 21.47 -24.06 -6.44
N GLU C 180 21.95 -24.59 -7.55
CA GLU C 180 21.19 -25.58 -8.33
C GLU C 180 21.38 -26.96 -7.74
N GLN C 181 22.59 -27.22 -7.26
CA GLN C 181 22.95 -28.54 -6.76
C GLN C 181 22.48 -28.78 -5.33
N GLU C 182 22.40 -27.72 -4.52
CA GLU C 182 21.95 -27.88 -3.14
C GLU C 182 20.43 -28.06 -3.08
N LYS C 183 19.96 -28.70 -2.03
CA LYS C 183 18.55 -29.02 -1.89
C LYS C 183 17.70 -27.74 -1.84
N THR C 184 16.69 -27.73 -2.68
CA THR C 184 15.82 -26.59 -2.79
C THR C 184 14.75 -26.58 -1.71
N LEU C 185 14.14 -25.42 -1.53
CA LEU C 185 12.99 -25.31 -0.65
C LEU C 185 11.88 -26.30 -1.04
N LEU C 186 11.69 -26.49 -2.34
CA LEU C 186 10.73 -27.46 -2.84
C LEU C 186 11.06 -28.89 -2.40
N GLU C 187 12.32 -29.26 -2.51
CA GLU C 187 12.71 -30.63 -2.18
C GLU C 187 12.62 -30.87 -0.68
N LEU C 188 13.03 -29.86 0.08
CA LEU C 188 13.02 -29.95 1.53
C LEU C 188 11.59 -30.00 2.08
N VAL C 189 10.71 -29.15 1.55
CA VAL C 189 9.28 -29.23 1.90
C VAL C 189 8.71 -30.58 1.46
N GLU C 190 9.18 -31.09 0.32
CA GLU C 190 8.68 -32.35 -0.21
C GLU C 190 8.91 -33.51 0.75
N ALA C 191 10.17 -33.69 1.15
CA ALA C 191 10.52 -34.77 2.09
C ALA C 191 9.70 -34.63 3.38
N TRP C 192 9.63 -33.42 3.91
CA TRP C 192 8.84 -33.15 5.10
C TRP C 192 7.37 -33.54 4.90
N LEU C 193 6.85 -33.31 3.70
CA LEU C 193 5.44 -33.59 3.39
C LEU C 193 5.18 -35.10 3.34
N GLU C 194 6.22 -35.86 3.03
CA GLU C 194 6.11 -37.31 2.93
C GLU C 194 6.03 -37.97 4.30
N ARG C 195 6.53 -37.26 5.31
CA ARG C 195 6.54 -37.78 6.66
C ARG C 195 5.30 -37.37 7.44
N THR C 196 4.34 -36.73 6.75
CA THR C 196 3.13 -36.24 7.41
C THR C 196 2.28 -37.38 7.99
N PRO C 197 2.01 -37.30 9.30
CA PRO C 197 1.21 -38.26 10.06
C PRO C 197 -0.20 -38.47 9.50
N GLY C 198 -0.61 -39.75 9.41
CA GLY C 198 -1.92 -40.10 8.88
C GLY C 198 -1.79 -40.80 7.54
N LEU C 199 -0.60 -40.74 6.96
CA LEU C 199 -0.37 -41.21 5.60
C LEU C 199 0.03 -42.66 5.52
N GLU C 200 0.17 -43.31 6.67
CA GLU C 200 0.64 -44.68 6.73
C GLU C 200 -0.53 -45.68 6.69
N PRO C 201 -0.47 -46.63 5.74
CA PRO C 201 -1.55 -47.57 5.41
C PRO C 201 -1.98 -48.46 6.57
N HIS C 202 -1.08 -48.70 7.52
CA HIS C 202 -1.42 -49.49 8.69
C HIS C 202 -1.74 -48.60 9.88
N GLY C 203 -1.80 -47.29 9.63
CA GLY C 203 -2.14 -46.34 10.67
C GLY C 203 -3.54 -45.80 10.47
N PHE C 204 -3.64 -44.51 10.14
CA PHE C 204 -4.92 -43.87 9.92
C PHE C 204 -5.40 -44.13 8.50
N ASN C 205 -4.44 -44.42 7.60
CA ASN C 205 -4.72 -44.79 6.22
C ASN C 205 -5.60 -43.75 5.51
N PHE C 206 -5.12 -42.50 5.48
CA PHE C 206 -5.84 -41.40 4.88
C PHE C 206 -6.15 -41.68 3.42
N TRP C 207 -5.13 -42.09 2.66
CA TRP C 207 -5.30 -42.24 1.23
C TRP C 207 -6.31 -43.34 0.88
N GLY C 208 -6.23 -44.47 1.57
CA GLY C 208 -7.13 -45.58 1.32
C GLY C 208 -8.55 -45.21 1.69
N LYS C 209 -8.70 -44.64 2.88
CA LYS C 209 -9.98 -44.14 3.35
C LYS C 209 -10.54 -43.08 2.41
N LEU C 210 -9.67 -42.23 1.86
CA LEU C 210 -10.13 -41.16 0.99
C LEU C 210 -10.65 -41.74 -0.34
N GLU C 211 -9.96 -42.71 -0.92
CA GLU C 211 -10.44 -43.27 -2.19
C GLU C 211 -11.78 -43.98 -2.00
N LYS C 212 -11.93 -44.65 -0.86
CA LYS C 212 -13.18 -45.32 -0.50
C LYS C 212 -14.34 -44.34 -0.42
N ASN C 213 -14.16 -43.26 0.32
CA ASN C 213 -15.23 -42.30 0.54
C ASN C 213 -15.65 -41.53 -0.72
N ILE C 214 -14.72 -41.38 -1.66
CA ILE C 214 -15.00 -40.68 -2.90
C ILE C 214 -15.62 -41.62 -3.94
N THR C 215 -15.22 -42.88 -3.90
CA THR C 215 -15.85 -43.89 -4.74
C THR C 215 -17.32 -44.03 -4.33
N ARG C 216 -17.54 -44.07 -3.02
CA ARG C 216 -18.88 -44.17 -2.46
C ARG C 216 -19.73 -42.96 -2.83
N GLY C 217 -19.27 -41.78 -2.41
CA GLY C 217 -20.03 -40.54 -2.58
C GLY C 217 -20.39 -40.17 -4.00
N LEU C 218 -19.57 -40.60 -4.96
CA LEU C 218 -19.84 -40.35 -6.37
C LEU C 218 -20.99 -41.22 -6.85
N GLU C 219 -20.91 -42.52 -6.58
CA GLU C 219 -21.94 -43.45 -7.02
C GLU C 219 -23.19 -43.29 -6.19
N GLU C 220 -23.04 -42.65 -5.03
CA GLU C 220 -24.18 -42.32 -4.21
C GLU C 220 -24.97 -41.20 -4.90
N GLU C 221 -24.25 -40.39 -5.68
CA GLU C 221 -24.87 -39.28 -6.37
C GLU C 221 -25.40 -39.71 -7.75
N PHE C 241 -21.33 -34.53 -14.34
CA PHE C 241 -21.00 -35.52 -13.32
C PHE C 241 -19.83 -36.41 -13.74
N GLN C 242 -19.95 -37.03 -14.90
CA GLN C 242 -18.93 -37.97 -15.37
C GLN C 242 -17.58 -37.26 -15.50
N LYS C 243 -17.64 -35.97 -15.78
CA LYS C 243 -16.43 -35.14 -15.92
C LYS C 243 -15.73 -34.91 -14.58
N GLN C 244 -16.51 -34.52 -13.56
CA GLN C 244 -15.99 -34.39 -12.21
C GLN C 244 -15.50 -35.75 -11.70
N LYS C 245 -16.26 -36.81 -12.00
CA LYS C 245 -15.90 -38.17 -11.61
C LYS C 245 -14.57 -38.58 -12.21
N GLU C 246 -14.39 -38.26 -13.48
CA GLU C 246 -13.15 -38.55 -14.20
C GLU C 246 -11.97 -37.88 -13.50
N VAL C 247 -12.10 -36.58 -13.23
CA VAL C 247 -11.06 -35.80 -12.58
C VAL C 247 -10.75 -36.29 -11.15
N LEU C 248 -11.79 -36.46 -10.33
CA LEU C 248 -11.60 -36.85 -8.94
C LEU C 248 -10.89 -38.20 -8.77
N LEU C 249 -11.19 -39.14 -9.64
CA LEU C 249 -10.59 -40.46 -9.49
C LEU C 249 -9.15 -40.49 -10.01
N SER C 250 -8.83 -39.60 -10.95
CA SER C 250 -7.48 -39.53 -11.53
C SER C 250 -6.42 -39.16 -10.49
N LEU C 251 -6.89 -38.70 -9.34
CA LEU C 251 -6.03 -38.38 -8.21
C LEU C 251 -5.42 -39.65 -7.65
N PHE C 252 -6.08 -40.78 -7.87
CA PHE C 252 -5.62 -42.04 -7.31
C PHE C 252 -4.82 -42.81 -8.33
N ASP C 253 -4.51 -42.16 -9.43
CA ASP C 253 -3.67 -42.77 -10.45
C ASP C 253 -2.22 -42.35 -10.22
N GLU C 254 -1.48 -43.14 -9.46
CA GLU C 254 -0.09 -42.79 -9.19
C GLU C 254 0.72 -42.78 -10.48
N LYS C 255 0.33 -43.66 -11.40
CA LYS C 255 1.05 -43.77 -12.67
C LYS C 255 0.91 -42.50 -13.48
N ARG C 256 -0.33 -42.01 -13.59
CA ARG C 256 -0.59 -40.72 -14.20
C ARG C 256 0.24 -39.62 -13.55
N HIS C 257 0.35 -39.67 -12.23
CA HIS C 257 1.10 -38.65 -11.51
C HIS C 257 2.57 -38.66 -11.88
N GLU C 258 3.18 -39.84 -11.90
CA GLU C 258 4.60 -39.97 -12.26
C GLU C 258 4.86 -39.47 -13.67
N HIS C 259 3.97 -39.82 -14.61
CA HIS C 259 4.09 -39.35 -15.98
C HIS C 259 4.08 -37.81 -16.02
N LEU C 260 3.16 -37.20 -15.28
CA LEU C 260 3.06 -35.75 -15.23
C LEU C 260 4.30 -35.11 -14.58
N LEU C 261 4.91 -35.81 -13.63
CA LEU C 261 6.13 -35.36 -12.99
C LEU C 261 7.28 -35.18 -13.99
N SER C 262 7.63 -36.27 -14.67
CA SER C 262 8.68 -36.22 -15.68
C SER C 262 8.35 -35.21 -16.76
N LYS C 263 7.07 -35.01 -17.03
CA LYS C 263 6.64 -34.02 -18.02
C LYS C 263 6.84 -32.60 -17.47
N GLY C 264 7.04 -32.51 -16.16
CA GLY C 264 7.28 -31.24 -15.52
C GLY C 264 6.01 -30.54 -15.10
N GLU C 265 4.86 -31.10 -15.50
CA GLU C 265 3.57 -30.54 -15.13
C GLU C 265 3.37 -30.53 -13.63
N ARG C 266 4.04 -31.45 -12.93
CA ARG C 266 3.96 -31.56 -11.49
C ARG C 266 5.35 -31.64 -10.89
N ARG C 267 5.50 -31.22 -9.64
CA ARG C 267 6.81 -31.14 -9.01
C ARG C 267 6.93 -32.05 -7.80
N LEU C 268 5.91 -32.05 -6.96
CA LEU C 268 5.94 -32.85 -5.74
C LEU C 268 5.71 -34.31 -6.05
N SER C 269 6.39 -35.17 -5.32
CA SER C 269 6.11 -36.61 -5.38
C SER C 269 4.65 -36.91 -5.03
N TYR C 270 4.23 -38.13 -5.34
CA TYR C 270 2.89 -38.60 -5.03
C TYR C 270 2.60 -38.60 -3.52
N ARG C 271 3.52 -39.17 -2.76
CA ARG C 271 3.42 -39.21 -1.31
C ARG C 271 3.34 -37.82 -0.70
N ALA C 272 4.17 -36.89 -1.20
CA ALA C 272 4.23 -35.53 -0.67
C ALA C 272 2.92 -34.82 -0.94
N LEU C 273 2.35 -35.13 -2.09
CA LEU C 273 1.07 -34.59 -2.49
C LEU C 273 0.01 -35.03 -1.50
N GLN C 274 0.13 -36.27 -1.04
CA GLN C 274 -0.85 -36.85 -0.14
C GLN C 274 -0.82 -36.15 1.22
N GLY C 275 0.39 -35.89 1.72
CA GLY C 275 0.55 -35.17 2.98
C GLY C 275 -0.05 -33.78 2.92
N ALA C 276 0.13 -33.11 1.78
CA ALA C 276 -0.39 -31.77 1.58
C ALA C 276 -1.92 -31.77 1.63
N LEU C 277 -2.52 -32.75 0.97
CA LEU C 277 -3.98 -32.83 1.00
C LEU C 277 -4.46 -33.13 2.41
N MET C 278 -3.71 -33.97 3.11
CA MET C 278 -4.01 -34.32 4.51
C MET C 278 -3.97 -33.09 5.40
N ILE C 279 -2.99 -32.22 5.16
CA ILE C 279 -2.89 -30.99 5.94
C ILE C 279 -4.03 -30.02 5.57
N TYR C 280 -4.40 -29.99 4.29
CA TYR C 280 -5.54 -29.16 3.89
C TYR C 280 -6.84 -29.57 4.60
N PHE C 281 -7.22 -30.84 4.47
CA PHE C 281 -8.49 -31.34 5.00
C PHE C 281 -8.55 -31.31 6.53
N TYR C 282 -7.41 -31.51 7.19
CA TYR C 282 -7.40 -31.56 8.64
C TYR C 282 -6.67 -30.40 9.28
N ARG C 283 -6.63 -29.27 8.57
CA ARG C 283 -5.84 -28.11 8.97
C ARG C 283 -6.17 -27.61 10.38
N GLU C 284 -7.42 -27.78 10.81
CA GLU C 284 -7.80 -27.30 12.13
C GLU C 284 -7.23 -28.16 13.29
N GLU C 285 -6.89 -29.42 13.01
CA GLU C 285 -6.22 -30.24 14.01
C GLU C 285 -4.98 -29.49 14.46
N PRO C 286 -4.73 -29.45 15.78
CA PRO C 286 -3.66 -28.60 16.33
C PRO C 286 -2.32 -28.78 15.63
N ARG C 287 -1.84 -30.01 15.46
CA ARG C 287 -0.55 -30.24 14.85
C ARG C 287 -0.47 -29.85 13.37
N PHE C 288 -1.62 -29.60 12.73
CA PHE C 288 -1.62 -29.24 11.33
C PHE C 288 -1.83 -27.74 11.11
N GLN C 289 -2.12 -27.01 12.17
CA GLN C 289 -2.52 -25.61 12.00
C GLN C 289 -1.40 -24.75 11.42
N VAL C 290 -0.26 -24.73 12.09
CA VAL C 290 0.84 -23.95 11.59
C VAL C 290 1.39 -24.56 10.29
N PRO C 291 1.42 -25.91 10.17
CA PRO C 291 1.73 -26.47 8.83
C PRO C 291 0.81 -25.99 7.70
N PHE C 292 -0.48 -25.80 7.98
CA PHE C 292 -1.36 -25.32 6.92
C PHE C 292 -1.03 -23.86 6.55
N GLN C 293 -0.71 -23.06 7.57
CA GLN C 293 -0.23 -21.70 7.36
C GLN C 293 1.02 -21.65 6.46
N LEU C 294 1.91 -22.60 6.69
CA LEU C 294 3.14 -22.73 5.91
C LEU C 294 2.82 -23.02 4.44
N LEU C 295 1.93 -23.97 4.18
CA LEU C 295 1.57 -24.31 2.81
C LEU C 295 0.98 -23.09 2.14
N THR C 296 0.23 -22.32 2.92
CA THR C 296 -0.38 -21.11 2.42
C THR C 296 0.69 -20.08 2.06
N SER C 297 1.74 -20.00 2.86
CA SER C 297 2.82 -19.04 2.65
C SER C 297 3.65 -19.37 1.40
N LEU C 298 3.85 -20.66 1.16
CA LEU C 298 4.49 -21.18 -0.04
C LEU C 298 3.72 -20.74 -1.29
N MET C 299 2.40 -20.82 -1.20
CA MET C 299 1.58 -20.39 -2.32
C MET C 299 1.68 -18.88 -2.43
N ASP C 300 1.72 -18.18 -1.30
CA ASP C 300 1.87 -16.72 -1.31
C ASP C 300 3.14 -16.30 -2.03
N ILE C 301 4.23 -16.99 -1.75
CA ILE C 301 5.51 -16.61 -2.31
C ILE C 301 5.49 -16.83 -3.81
N ASP C 302 4.82 -17.89 -4.24
CA ASP C 302 4.66 -18.16 -5.66
C ASP C 302 3.91 -17.03 -6.38
N SER C 303 2.79 -16.57 -5.83
CA SER C 303 2.01 -15.52 -6.46
C SER C 303 2.75 -14.19 -6.52
N LEU C 304 3.41 -13.85 -5.41
CA LEU C 304 4.08 -12.58 -5.33
C LEU C 304 5.27 -12.54 -6.29
N MET C 305 5.94 -13.67 -6.45
CA MET C 305 7.01 -13.78 -7.44
C MET C 305 6.49 -13.44 -8.83
N THR C 306 5.38 -14.06 -9.26
CA THR C 306 4.91 -13.77 -10.62
C THR C 306 4.25 -12.40 -10.67
N LYS C 307 3.76 -11.93 -9.53
CA LYS C 307 3.21 -10.58 -9.50
C LYS C 307 4.36 -9.61 -9.64
N TRP C 308 5.52 -10.03 -9.16
CA TRP C 308 6.70 -9.24 -9.33
C TRP C 308 7.04 -9.23 -10.83
N ARG C 309 7.12 -10.43 -11.42
CA ARG C 309 7.42 -10.53 -12.84
C ARG C 309 6.43 -9.71 -13.68
N TYR C 310 5.17 -9.69 -13.27
CA TYR C 310 4.15 -9.01 -14.05
C TYR C 310 4.12 -7.48 -13.91
N ASN C 311 4.31 -6.95 -12.69
CA ASN C 311 4.46 -5.50 -12.54
C ASN C 311 5.72 -5.01 -13.27
N HIS C 312 6.73 -5.86 -13.28
CA HIS C 312 7.96 -5.62 -14.03
C HIS C 312 7.64 -5.50 -15.53
N VAL C 313 6.91 -6.47 -16.05
CA VAL C 313 6.45 -6.47 -17.45
C VAL C 313 5.70 -5.19 -17.81
N CYS C 314 4.72 -4.82 -16.99
CA CYS C 314 3.90 -3.64 -17.29
C CYS C 314 4.75 -2.38 -17.40
N MET C 315 5.69 -2.22 -16.48
CA MET C 315 6.55 -1.05 -16.51
C MET C 315 7.49 -1.09 -17.71
N VAL C 316 8.07 -2.26 -17.97
CA VAL C 316 9.04 -2.38 -19.05
C VAL C 316 8.35 -2.06 -20.38
N HIS C 317 7.09 -2.44 -20.50
CA HIS C 317 6.30 -2.17 -21.71
C HIS C 317 6.28 -0.69 -22.03
N ARG C 318 5.97 0.12 -21.00
CA ARG C 318 5.85 1.57 -21.16
C ARG C 318 7.24 2.19 -21.39
N MET C 319 8.28 1.53 -20.88
CA MET C 319 9.63 2.08 -20.98
C MET C 319 10.26 1.81 -22.34
N LEU C 320 9.96 0.66 -22.91
CA LEU C 320 10.68 0.15 -24.06
C LEU C 320 9.84 0.05 -25.32
N GLY C 321 8.52 -0.01 -25.17
CA GLY C 321 7.66 -0.37 -26.27
C GLY C 321 7.97 -1.79 -26.71
N SER C 322 8.39 -1.94 -27.96
CA SER C 322 8.77 -3.26 -28.45
C SER C 322 10.27 -3.35 -28.73
N LYS C 323 11.02 -2.35 -28.29
CA LYS C 323 12.48 -2.41 -28.40
C LYS C 323 13.07 -3.64 -27.73
N ALA C 324 14.20 -4.11 -28.26
CA ALA C 324 14.92 -5.19 -27.61
C ALA C 324 15.66 -4.64 -26.38
N GLY C 325 15.91 -5.50 -25.40
CA GLY C 325 16.54 -5.05 -24.17
C GLY C 325 18.06 -5.01 -24.26
N THR C 326 18.68 -4.21 -23.39
CA THR C 326 20.14 -4.08 -23.36
C THR C 326 20.85 -5.42 -23.13
N GLY C 327 20.13 -6.39 -22.57
CA GLY C 327 20.71 -7.68 -22.27
C GLY C 327 20.64 -8.63 -23.45
N GLY C 328 19.99 -8.19 -24.53
CA GLY C 328 19.95 -8.95 -25.76
C GLY C 328 18.66 -9.71 -26.01
N SER C 329 17.70 -9.59 -25.09
CA SER C 329 16.42 -10.28 -25.25
C SER C 329 15.49 -9.44 -26.08
N SER C 330 14.31 -9.97 -26.39
CA SER C 330 13.34 -9.22 -27.19
C SER C 330 12.68 -8.16 -26.33
N GLY C 331 13.00 -8.18 -25.04
CA GLY C 331 12.49 -7.21 -24.10
C GLY C 331 11.13 -7.56 -23.54
N TYR C 332 10.17 -6.70 -23.82
CA TYR C 332 8.82 -6.82 -23.27
C TYR C 332 8.26 -8.21 -23.54
N HIS C 333 8.39 -8.66 -24.78
CA HIS C 333 7.90 -9.96 -25.19
C HIS C 333 8.51 -11.10 -24.39
N TYR C 334 9.84 -11.12 -24.29
CA TYR C 334 10.52 -12.16 -23.52
C TYR C 334 10.05 -12.16 -22.07
N LEU C 335 9.91 -10.99 -21.48
CA LEU C 335 9.50 -10.88 -20.09
C LEU C 335 8.06 -11.39 -19.90
N ARG C 336 7.22 -11.18 -20.91
CA ARG C 336 5.85 -11.67 -20.88
C ARG C 336 5.78 -13.19 -20.74
N SER C 337 6.75 -13.87 -21.34
CA SER C 337 6.76 -15.32 -21.29
C SER C 337 7.13 -15.88 -19.91
N THR C 338 7.83 -15.12 -19.09
CA THR C 338 8.22 -15.64 -17.77
C THR C 338 7.05 -15.59 -16.79
N VAL C 339 6.01 -14.83 -17.13
CA VAL C 339 4.80 -14.78 -16.30
C VAL C 339 3.90 -15.96 -16.67
N SER C 340 4.33 -17.16 -16.29
CA SER C 340 3.55 -18.36 -16.57
C SER C 340 3.78 -19.39 -15.47
N ASP C 341 3.03 -20.47 -15.51
CA ASP C 341 3.10 -21.51 -14.49
C ASP C 341 4.36 -22.37 -14.59
N ARG C 342 5.14 -22.13 -15.64
CA ARG C 342 6.44 -22.78 -15.80
C ARG C 342 7.37 -22.43 -14.64
N TYR C 343 7.12 -21.27 -14.06
CA TYR C 343 7.96 -20.75 -12.99
C TYR C 343 7.32 -20.89 -11.61
N LYS C 344 6.10 -21.43 -11.57
CA LYS C 344 5.39 -21.64 -10.31
C LYS C 344 5.80 -22.96 -9.65
N VAL C 345 6.74 -22.86 -8.71
CA VAL C 345 7.39 -24.02 -8.10
C VAL C 345 6.41 -24.90 -7.30
N PHE C 346 5.42 -24.26 -6.70
CA PHE C 346 4.46 -24.96 -5.84
C PHE C 346 3.08 -25.06 -6.50
N VAL C 347 3.06 -25.22 -7.83
CA VAL C 347 1.81 -25.36 -8.59
C VAL C 347 0.87 -26.41 -8.02
N ASP C 348 1.44 -27.50 -7.53
CA ASP C 348 0.64 -28.60 -6.98
C ASP C 348 -0.25 -28.11 -5.85
N LEU C 349 0.27 -27.21 -5.01
CA LEU C 349 -0.51 -26.71 -3.89
C LEU C 349 -1.73 -25.96 -4.40
N PHE C 350 -1.56 -25.17 -5.46
CA PHE C 350 -2.71 -24.55 -6.14
C PHE C 350 -3.64 -25.62 -6.71
N ASN C 351 -3.06 -26.53 -7.48
CA ASN C 351 -3.84 -27.52 -8.21
C ASN C 351 -4.71 -28.40 -7.34
N LEU C 352 -4.33 -28.58 -6.07
CA LEU C 352 -5.08 -29.44 -5.17
C LEU C 352 -6.52 -28.95 -4.98
N SER C 353 -6.76 -27.66 -5.27
CA SER C 353 -8.10 -27.11 -5.18
C SER C 353 -9.08 -27.78 -6.16
N THR C 354 -8.52 -28.42 -7.18
CA THR C 354 -9.30 -29.17 -8.16
C THR C 354 -10.02 -30.35 -7.50
N TYR C 355 -9.40 -30.92 -6.48
CA TYR C 355 -9.91 -32.14 -5.86
C TYR C 355 -10.64 -31.90 -4.55
N LEU C 356 -11.10 -30.68 -4.30
CA LEU C 356 -11.83 -30.41 -3.06
C LEU C 356 -13.23 -31.05 -3.11
N ILE C 357 -13.59 -31.76 -2.05
CA ILE C 357 -14.85 -32.49 -2.02
C ILE C 357 -15.74 -31.97 -0.88
N PRO C 358 -17.02 -32.42 -0.83
CA PRO C 358 -17.88 -32.09 0.32
C PRO C 358 -17.30 -32.54 1.67
N ARG C 359 -17.56 -31.76 2.72
CA ARG C 359 -17.07 -32.05 4.06
C ARG C 359 -17.32 -33.49 4.47
N HIS C 360 -18.51 -33.99 4.19
CA HIS C 360 -18.92 -35.32 4.60
C HIS C 360 -17.99 -36.40 4.10
N TRP C 361 -17.55 -36.27 2.85
CA TRP C 361 -16.73 -37.31 2.23
C TRP C 361 -15.38 -37.48 2.91
N ILE C 362 -14.90 -36.42 3.54
CA ILE C 362 -13.60 -36.44 4.18
C ILE C 362 -13.58 -37.46 5.32
N PRO C 363 -12.60 -38.38 5.27
CA PRO C 363 -12.49 -39.47 6.25
C PRO C 363 -12.54 -38.97 7.68
N LYS C 364 -13.67 -39.24 8.32
CA LYS C 364 -13.90 -39.01 9.75
C LYS C 364 -12.70 -39.42 10.58
N MET C 365 -12.23 -38.48 11.39
CA MET C 365 -11.09 -38.73 12.25
C MET C 365 -11.56 -39.13 13.64
N ASN C 366 -11.38 -40.41 13.96
CA ASN C 366 -11.79 -40.96 15.24
C ASN C 366 -11.01 -40.35 16.41
N PRO C 367 -11.50 -40.57 17.65
CA PRO C 367 -10.82 -40.04 18.85
C PRO C 367 -9.38 -40.53 19.03
N THR C 368 -8.99 -41.60 18.36
CA THR C 368 -7.62 -42.11 18.46
C THR C 368 -6.65 -41.16 17.76
N ILE C 369 -6.93 -40.87 16.49
CA ILE C 369 -6.06 -40.04 15.69
C ILE C 369 -6.20 -38.56 16.08
N HIS C 370 -7.33 -38.20 16.68
CA HIS C 370 -7.53 -36.83 17.18
C HIS C 370 -6.55 -36.48 18.30
N LYS C 371 -6.43 -37.36 19.29
CA LYS C 371 -5.54 -37.14 20.42
C LYS C 371 -4.07 -37.19 19.98
N PHE C 372 -3.79 -37.94 18.91
CA PHE C 372 -2.44 -38.03 18.36
C PHE C 372 -2.01 -36.72 17.69
N LEU C 373 -2.95 -36.08 17.01
CA LEU C 373 -2.70 -34.79 16.35
C LEU C 373 -2.92 -33.60 17.30
N GLU C 374 -2.74 -33.84 18.61
CA GLU C 374 -2.75 -32.78 19.62
C GLU C 374 -1.33 -32.49 20.08
N HIS C 375 -1.05 -31.21 20.33
CA HIS C 375 0.25 -30.80 20.85
C HIS C 375 0.55 -31.50 22.17
N GLY D 23 33.07 -3.47 -20.91
CA GLY D 23 31.63 -3.64 -21.00
C GLY D 23 30.92 -3.58 -19.66
N LEU D 24 29.93 -2.71 -19.54
CA LEU D 24 29.22 -2.51 -18.29
C LEU D 24 28.56 -3.80 -17.79
N ILE D 25 28.73 -4.06 -16.49
CA ILE D 25 28.15 -5.22 -15.83
C ILE D 25 27.26 -4.74 -14.69
N TYR D 26 26.04 -5.28 -14.65
CA TYR D 26 25.01 -4.95 -13.66
C TYR D 26 25.58 -4.71 -12.25
N GLY D 27 26.26 -5.71 -11.67
CA GLY D 27 26.86 -5.59 -10.36
C GLY D 27 27.84 -4.43 -10.19
N ASN D 28 28.62 -4.15 -11.22
CA ASN D 28 29.57 -3.04 -11.18
C ASN D 28 28.90 -1.69 -11.37
N TYR D 29 27.90 -1.64 -12.23
CA TYR D 29 27.12 -0.42 -12.44
C TYR D 29 26.43 -0.01 -11.15
N LEU D 30 25.86 -0.99 -10.46
CA LEU D 30 25.14 -0.74 -9.21
C LEU D 30 26.04 -0.72 -7.99
N HIS D 31 27.34 -0.93 -8.21
CA HIS D 31 28.33 -1.03 -7.14
C HIS D 31 27.89 -1.91 -5.96
N LEU D 32 27.40 -3.07 -6.31
CA LEU D 32 26.97 -4.03 -5.32
C LEU D 32 28.13 -4.56 -4.47
N GLU D 33 29.37 -4.38 -4.92
CA GLU D 33 30.52 -4.81 -4.11
C GLU D 33 30.55 -4.00 -2.82
N LYS D 34 29.91 -2.83 -2.85
CA LYS D 34 29.76 -2.03 -1.64
C LYS D 34 28.44 -2.29 -0.93
N VAL D 35 27.34 -2.18 -1.69
CA VAL D 35 25.98 -2.34 -1.15
C VAL D 35 25.75 -3.68 -0.48
N LEU D 36 26.33 -4.75 -1.04
CA LEU D 36 26.02 -6.08 -0.55
C LEU D 36 27.15 -6.65 0.31
N ASN D 37 28.07 -5.77 0.69
CA ASN D 37 29.10 -6.12 1.67
C ASN D 37 29.14 -5.08 2.78
N ALA D 38 27.96 -4.72 3.25
CA ALA D 38 27.79 -3.66 4.24
C ALA D 38 26.94 -4.16 5.41
N GLN D 39 26.85 -5.47 5.58
CA GLN D 39 25.99 -6.08 6.57
C GLN D 39 26.80 -6.82 7.60
N GLU D 40 27.07 -6.13 8.70
CA GLU D 40 27.84 -6.69 9.81
C GLU D 40 26.97 -6.77 11.07
N LEU D 41 26.57 -7.99 11.44
CA LEU D 41 25.80 -8.15 12.65
C LEU D 41 26.69 -7.94 13.88
N GLN D 42 26.38 -6.93 14.68
CA GLN D 42 27.14 -6.69 15.91
C GLN D 42 27.04 -7.88 16.85
N SER D 43 25.92 -8.59 16.82
CA SER D 43 25.76 -9.77 17.68
C SER D 43 26.68 -10.87 17.18
N GLU D 44 26.90 -10.92 15.88
CA GLU D 44 27.87 -11.88 15.33
C GLU D 44 29.28 -11.49 15.73
N THR D 45 29.58 -10.20 15.69
CA THR D 45 30.93 -9.75 15.94
C THR D 45 31.12 -9.59 17.44
N LYS D 46 30.48 -10.46 18.20
CA LYS D 46 30.47 -10.37 19.63
C LYS D 46 30.11 -11.72 20.22
N GLY D 47 30.06 -12.73 19.37
CA GLY D 47 29.87 -14.08 19.88
C GLY D 47 28.58 -14.83 19.62
N ASN D 48 27.44 -14.15 19.56
CA ASN D 48 26.22 -14.89 19.21
C ASN D 48 25.32 -14.12 18.24
N LYS D 49 25.39 -14.51 16.97
CA LYS D 49 24.61 -13.79 16.00
C LYS D 49 23.14 -14.09 16.25
N ILE D 50 22.37 -13.02 16.26
CA ILE D 50 20.95 -13.11 16.35
C ILE D 50 20.38 -12.93 14.94
N HIS D 51 19.71 -13.98 14.45
CA HIS D 51 19.18 -14.04 13.08
C HIS D 51 18.47 -12.78 12.60
N ASP D 52 17.66 -12.18 13.48
CA ASP D 52 16.81 -11.06 13.08
C ASP D 52 17.59 -9.74 13.02
N GLU D 53 18.81 -9.69 13.54
CA GLU D 53 19.60 -8.46 13.39
C GLU D 53 19.89 -8.16 11.91
N HIS D 54 19.91 -9.18 11.06
CA HIS D 54 20.11 -8.97 9.63
C HIS D 54 18.94 -8.15 9.01
N LEU D 55 17.71 -8.52 9.38
CA LEU D 55 16.53 -7.80 8.88
C LEU D 55 16.56 -6.35 9.34
N PHE D 56 17.06 -6.14 10.54
CA PHE D 56 17.15 -4.83 11.15
C PHE D 56 18.08 -3.90 10.36
N ILE D 57 19.25 -4.41 9.98
CA ILE D 57 20.23 -3.64 9.22
C ILE D 57 19.77 -3.35 7.77
N ILE D 58 19.33 -4.38 7.05
CA ILE D 58 18.81 -4.22 5.70
C ILE D 58 17.70 -3.16 5.64
N THR D 59 16.78 -3.20 6.61
CA THR D 59 15.66 -2.26 6.66
C THR D 59 16.17 -0.81 6.77
N HIS D 60 17.03 -0.54 7.75
CA HIS D 60 17.58 0.79 7.92
C HIS D 60 18.37 1.21 6.69
N GLN D 61 19.15 0.30 6.13
CA GLN D 61 19.90 0.64 4.92
C GLN D 61 18.98 0.99 3.74
N ALA D 62 17.86 0.28 3.63
CA ALA D 62 16.91 0.57 2.55
C ALA D 62 16.31 1.96 2.76
N TYR D 63 15.94 2.27 4.01
CA TYR D 63 15.46 3.61 4.35
C TYR D 63 16.48 4.67 3.97
N GLU D 64 17.74 4.43 4.31
CA GLU D 64 18.78 5.40 4.07
C GLU D 64 19.04 5.59 2.57
N LEU D 65 19.06 4.51 1.80
CA LEU D 65 19.12 4.63 0.33
C LEU D 65 17.99 5.52 -0.21
N TRP D 66 16.78 5.38 0.33
CA TRP D 66 15.66 6.22 -0.13
C TRP D 66 15.74 7.64 0.38
N PHE D 67 16.25 7.83 1.60
CA PHE D 67 16.52 9.17 2.11
C PHE D 67 17.41 9.94 1.12
N LYS D 68 18.47 9.27 0.66
CA LYS D 68 19.39 9.87 -0.26
C LYS D 68 18.70 10.29 -1.55
N GLN D 69 17.79 9.44 -2.03
CA GLN D 69 17.05 9.76 -3.25
C GLN D 69 16.15 10.97 -3.06
N ILE D 70 15.53 11.04 -1.89
CA ILE D 70 14.64 12.15 -1.57
C ILE D 70 15.44 13.45 -1.56
N LEU D 71 16.62 13.40 -0.94
CA LEU D 71 17.49 14.56 -0.84
C LEU D 71 17.95 15.01 -2.24
N TRP D 72 18.17 14.04 -3.10
CA TRP D 72 18.58 14.29 -4.49
C TRP D 72 17.49 15.08 -5.23
N GLU D 73 16.25 14.65 -5.07
CA GLU D 73 15.14 15.31 -5.71
C GLU D 73 14.96 16.69 -5.09
N LEU D 74 14.86 16.70 -3.77
CA LEU D 74 14.70 17.91 -2.99
C LEU D 74 15.74 18.99 -3.30
N ASP D 75 17.03 18.62 -3.32
CA ASP D 75 18.06 19.60 -3.67
C ASP D 75 17.91 20.12 -5.11
N SER D 76 17.60 19.25 -6.06
CA SER D 76 17.42 19.69 -7.43
C SER D 76 16.26 20.68 -7.55
N VAL D 77 15.19 20.47 -6.77
CA VAL D 77 14.06 21.39 -6.81
C VAL D 77 14.42 22.70 -6.12
N ARG D 78 15.18 22.63 -5.03
CA ARG D 78 15.61 23.85 -4.38
C ARG D 78 16.44 24.68 -5.35
N GLU D 79 17.30 24.01 -6.11
CA GLU D 79 18.20 24.71 -7.01
C GLU D 79 17.39 25.43 -8.12
N ILE D 80 16.43 24.73 -8.69
CA ILE D 80 15.54 25.29 -9.72
C ILE D 80 14.88 26.60 -9.26
N PHE D 81 14.45 26.65 -8.01
CA PHE D 81 13.90 27.88 -7.43
C PHE D 81 15.00 28.93 -7.21
N GLN D 82 16.10 28.48 -6.59
CA GLN D 82 17.19 29.36 -6.18
C GLN D 82 17.90 30.05 -7.35
N ASN D 83 18.14 29.30 -8.44
CA ASN D 83 18.89 29.87 -9.57
C ASN D 83 17.99 30.65 -10.55
N GLY D 84 16.70 30.78 -10.23
CA GLY D 84 15.80 31.56 -11.06
C GLY D 84 14.97 30.81 -12.12
N HIS D 85 15.28 29.54 -12.34
CA HIS D 85 14.63 28.82 -13.44
C HIS D 85 13.14 28.57 -13.26
N VAL D 86 12.66 28.51 -12.02
CA VAL D 86 11.21 28.39 -11.80
C VAL D 86 10.42 29.50 -12.46
N ARG D 87 11.09 30.62 -12.74
CA ARG D 87 10.42 31.77 -13.34
C ARG D 87 9.92 31.38 -14.72
N ASP D 88 10.73 30.62 -15.47
CA ASP D 88 10.29 30.08 -16.75
C ASP D 88 9.35 28.89 -16.54
N GLU D 89 8.08 29.11 -16.85
CA GLU D 89 7.03 28.22 -16.41
C GLU D 89 7.01 26.88 -17.12
N ARG D 90 7.91 26.68 -18.10
CA ARG D 90 8.04 25.37 -18.73
C ARG D 90 8.72 24.41 -17.77
N ASN D 91 9.19 24.92 -16.63
CA ASN D 91 9.88 24.09 -15.66
C ASN D 91 8.98 23.50 -14.58
N MET D 92 7.72 23.93 -14.55
CA MET D 92 6.78 23.51 -13.51
C MET D 92 6.49 22.01 -13.54
N LEU D 93 6.45 21.44 -14.75
CA LEU D 93 6.17 20.01 -14.89
C LEU D 93 7.25 19.23 -14.18
N LYS D 94 8.50 19.57 -14.47
CA LYS D 94 9.62 18.94 -13.79
C LYS D 94 9.56 19.14 -12.24
N VAL D 95 9.26 20.36 -11.78
CA VAL D 95 9.20 20.60 -10.34
C VAL D 95 8.11 19.76 -9.67
N VAL D 96 6.92 19.80 -10.26
CA VAL D 96 5.80 19.10 -9.66
C VAL D 96 6.00 17.58 -9.76
N SER D 97 6.61 17.15 -10.85
CA SER D 97 6.81 15.72 -11.06
C SER D 97 7.87 15.18 -10.07
N ARG D 98 8.88 15.99 -9.76
CA ARG D 98 9.85 15.53 -8.78
C ARG D 98 9.29 15.60 -7.35
N MET D 99 8.54 16.66 -7.02
CA MET D 99 7.95 16.73 -5.67
C MET D 99 6.97 15.58 -5.44
N HIS D 100 6.19 15.25 -6.46
CA HIS D 100 5.23 14.17 -6.35
C HIS D 100 5.98 12.83 -6.21
N ARG D 101 7.18 12.78 -6.76
CA ARG D 101 8.01 11.58 -6.63
C ARG D 101 8.48 11.42 -5.19
N VAL D 102 8.90 12.53 -4.57
CA VAL D 102 9.25 12.51 -3.16
C VAL D 102 8.09 11.92 -2.35
N SER D 103 6.89 12.38 -2.69
CA SER D 103 5.69 11.89 -2.02
C SER D 103 5.48 10.39 -2.29
N VAL D 104 5.80 9.92 -3.50
CA VAL D 104 5.60 8.50 -3.82
C VAL D 104 6.60 7.58 -3.07
N ILE D 105 7.86 7.99 -3.00
CA ILE D 105 8.87 7.29 -2.22
C ILE D 105 8.45 7.22 -0.74
N LEU D 106 7.95 8.34 -0.23
CA LEU D 106 7.58 8.42 1.18
C LEU D 106 6.44 7.46 1.53
N LYS D 107 5.45 7.29 0.64
CA LYS D 107 4.41 6.27 0.83
C LYS D 107 5.06 4.92 1.02
N LEU D 108 5.99 4.58 0.12
CA LEU D 108 6.73 3.33 0.23
C LEU D 108 7.41 3.24 1.59
N LEU D 109 8.01 4.34 2.03
CA LEU D 109 8.74 4.32 3.30
C LEU D 109 7.79 4.10 4.46
N VAL D 110 6.57 4.62 4.34
CA VAL D 110 5.55 4.40 5.36
C VAL D 110 5.15 2.92 5.42
N GLN D 111 5.03 2.27 4.27
CA GLN D 111 4.60 0.87 4.30
C GLN D 111 5.76 -0.06 4.62
N GLN D 112 6.98 0.43 4.43
CA GLN D 112 8.17 -0.36 4.69
C GLN D 112 8.26 -0.79 6.16
N PHE D 113 7.64 -0.03 7.06
CA PHE D 113 7.67 -0.43 8.49
C PHE D 113 7.02 -1.79 8.69
N SER D 114 6.09 -2.15 7.81
CA SER D 114 5.39 -3.44 7.91
C SER D 114 6.37 -4.61 7.85
N ILE D 115 7.52 -4.40 7.20
CA ILE D 115 8.51 -5.46 7.14
C ILE D 115 9.24 -5.68 8.47
N LEU D 116 9.65 -4.58 9.10
CA LEU D 116 10.31 -4.66 10.41
C LEU D 116 9.35 -5.20 11.45
N GLU D 117 8.09 -4.80 11.34
CA GLU D 117 7.07 -5.31 12.24
C GLU D 117 6.94 -6.83 12.24
N THR D 118 7.44 -7.54 11.22
CA THR D 118 7.48 -9.02 11.28
C THR D 118 8.55 -9.52 12.25
N MET D 119 9.33 -8.62 12.85
CA MET D 119 10.19 -9.03 13.94
C MET D 119 9.48 -8.83 15.27
N THR D 120 9.44 -9.88 16.09
CA THR D 120 8.80 -9.77 17.39
C THR D 120 9.71 -8.96 18.31
N ALA D 121 9.12 -8.38 19.35
CA ALA D 121 9.85 -7.61 20.33
C ALA D 121 10.78 -8.52 21.14
N LEU D 122 10.39 -9.79 21.30
CA LEU D 122 11.23 -10.75 22.00
C LEU D 122 12.53 -10.98 21.22
N ASP D 123 12.44 -11.17 19.91
CA ASP D 123 13.67 -11.47 19.17
C ASP D 123 14.54 -10.21 19.05
N PHE D 124 13.88 -9.06 18.90
CA PHE D 124 14.59 -7.78 18.94
C PHE D 124 15.38 -7.64 20.22
N ASN D 125 14.77 -8.12 21.30
CA ASN D 125 15.39 -8.06 22.61
C ASN D 125 16.71 -8.85 22.68
N ASP D 126 16.86 -9.84 21.82
CA ASP D 126 18.06 -10.66 21.87
C ASP D 126 19.32 -9.96 21.31
N PHE D 127 19.18 -8.85 20.60
CA PHE D 127 20.38 -8.15 20.11
C PHE D 127 20.40 -6.65 20.40
N ARG D 128 19.31 -6.12 20.95
CA ARG D 128 19.23 -4.72 21.32
C ARG D 128 20.44 -4.26 22.15
N GLU D 129 20.94 -5.14 23.00
CA GLU D 129 22.06 -4.83 23.88
C GLU D 129 23.33 -4.40 23.12
N TYR D 130 23.48 -4.82 21.86
CA TYR D 130 24.69 -4.47 21.13
C TYR D 130 24.61 -3.16 20.36
N LEU D 131 23.47 -2.46 20.47
CA LEU D 131 23.24 -1.26 19.67
C LEU D 131 23.66 0.02 20.37
N SER D 132 23.59 0.02 21.70
CA SER D 132 23.85 1.21 22.49
C SER D 132 25.29 1.67 22.31
N PRO D 133 25.50 3.00 22.18
CA PRO D 133 24.50 4.05 22.30
C PRO D 133 24.07 4.64 20.96
N ALA D 134 24.09 3.84 19.91
CA ALA D 134 23.70 4.34 18.60
C ALA D 134 22.18 4.41 18.48
N SER D 135 21.68 5.28 17.62
CA SER D 135 20.25 5.44 17.39
C SER D 135 19.98 6.25 16.13
N GLY D 136 18.70 6.41 15.83
CA GLY D 136 18.28 7.18 14.66
C GLY D 136 18.51 8.65 14.86
N PHE D 137 18.74 9.08 16.11
CA PHE D 137 19.24 10.43 16.39
C PHE D 137 20.50 10.72 15.60
N GLN D 138 21.22 9.67 15.22
CA GLN D 138 22.49 9.85 14.54
C GLN D 138 22.37 9.70 13.02
N SER D 139 21.14 9.67 12.50
CA SER D 139 20.92 9.67 11.04
C SER D 139 21.16 11.05 10.42
N LEU D 140 22.29 11.22 9.75
CA LEU D 140 22.61 12.48 9.09
C LEU D 140 21.53 12.90 8.09
N GLN D 141 21.09 11.96 7.27
CA GLN D 141 20.16 12.29 6.19
C GLN D 141 18.74 12.58 6.66
N PHE D 142 18.25 11.95 7.72
CA PHE D 142 16.92 12.32 8.18
C PHE D 142 16.90 13.78 8.63
N ARG D 143 17.95 14.22 9.30
CA ARG D 143 18.05 15.60 9.73
C ARG D 143 18.24 16.56 8.55
N LEU D 144 19.09 16.18 7.60
CA LEU D 144 19.25 16.97 6.39
C LEU D 144 17.90 17.22 5.75
N LEU D 145 17.13 16.14 5.60
CA LEU D 145 15.83 16.18 4.95
C LEU D 145 14.84 17.11 5.69
N GLU D 146 14.75 16.96 7.00
CA GLU D 146 13.94 17.85 7.82
C GLU D 146 14.35 19.30 7.63
N ASN D 147 15.65 19.55 7.68
CA ASN D 147 16.13 20.92 7.55
C ASN D 147 15.84 21.51 6.18
N LYS D 148 16.10 20.72 5.13
CA LYS D 148 16.00 21.25 3.78
C LYS D 148 14.55 21.54 3.39
N ILE D 149 13.62 20.75 3.93
CA ILE D 149 12.21 21.02 3.72
C ILE D 149 11.84 22.32 4.40
N GLY D 150 12.25 22.46 5.67
CA GLY D 150 12.09 23.71 6.41
C GLY D 150 11.66 23.62 7.86
N VAL D 151 12.01 22.53 8.53
CA VAL D 151 11.75 22.43 9.96
C VAL D 151 12.56 23.48 10.73
N LEU D 152 11.89 24.30 11.54
CA LEU D 152 12.59 25.28 12.37
C LEU D 152 13.27 24.62 13.57
N GLN D 153 14.56 24.87 13.73
CA GLN D 153 15.33 24.19 14.79
C GLN D 153 14.76 24.48 16.18
N ASN D 154 14.17 25.66 16.36
CA ASN D 154 13.64 26.03 17.66
C ASN D 154 12.24 25.50 17.86
N MET D 155 11.66 24.93 16.80
CA MET D 155 10.35 24.32 16.91
C MET D 155 10.48 22.87 17.36
N ARG D 156 11.70 22.35 17.23
CA ARG D 156 11.99 20.94 17.52
C ARG D 156 11.77 20.55 18.98
N VAL D 157 11.05 19.45 19.19
CA VAL D 157 10.89 18.90 20.53
C VAL D 157 12.26 18.50 21.08
N PRO D 158 12.61 19.04 22.25
CA PRO D 158 13.89 18.69 22.88
C PRO D 158 13.82 17.39 23.67
N TYR D 159 14.90 16.64 23.62
CA TYR D 159 15.15 15.56 24.56
C TYR D 159 16.49 15.96 25.22
N ASN D 160 16.70 15.54 26.46
CA ASN D 160 17.94 15.85 27.21
C ASN D 160 18.51 17.29 27.10
N ARG D 161 17.63 18.27 26.90
CA ARG D 161 17.95 19.69 27.10
C ARG D 161 18.99 20.32 26.16
N ARG D 162 19.30 19.68 25.04
CA ARG D 162 20.22 20.30 24.09
C ARG D 162 19.76 20.17 22.64
N HIS D 163 20.38 20.96 21.77
CA HIS D 163 20.08 20.98 20.35
C HIS D 163 20.45 19.64 19.67
N TYR D 164 19.60 19.18 18.75
CA TYR D 164 19.81 17.90 18.02
C TYR D 164 21.22 17.76 17.42
N ARG D 165 21.84 18.87 17.00
CA ARG D 165 23.12 18.79 16.30
C ARG D 165 24.27 18.29 17.20
N ASP D 166 24.05 18.24 18.51
CA ASP D 166 25.05 17.69 19.43
C ASP D 166 25.33 16.22 19.10
N ASN D 167 24.45 15.58 18.35
CA ASN D 167 24.64 14.18 18.02
C ASN D 167 25.62 13.97 16.87
N PHE D 168 26.16 15.08 16.36
CA PHE D 168 27.03 15.02 15.19
C PHE D 168 28.29 15.83 15.46
N LYS D 169 29.37 15.45 14.80
CA LYS D 169 30.63 16.16 14.95
C LYS D 169 31.31 16.33 13.59
N GLY D 170 32.29 17.22 13.56
CA GLY D 170 33.13 17.40 12.39
C GLY D 170 32.40 17.77 11.12
N GLU D 171 32.79 17.11 10.03
CA GLU D 171 32.22 17.32 8.72
C GLU D 171 30.70 17.12 8.66
N GLU D 172 30.18 16.18 9.43
CA GLU D 172 28.74 15.95 9.45
C GLU D 172 28.01 17.10 10.12
N ASN D 173 28.60 17.62 11.20
CA ASN D 173 28.04 18.77 11.89
C ASN D 173 28.03 19.99 10.99
N GLU D 174 29.12 20.19 10.27
CA GLU D 174 29.25 21.30 9.34
C GLU D 174 28.13 21.22 8.31
N LEU D 175 27.96 20.04 7.73
CA LEU D 175 26.94 19.83 6.72
C LEU D 175 25.57 20.16 7.27
N LEU D 176 25.28 19.73 8.50
CA LEU D 176 23.96 19.96 9.09
C LEU D 176 23.70 21.45 9.29
N LEU D 177 24.73 22.15 9.74
CA LEU D 177 24.64 23.60 9.90
C LEU D 177 24.33 24.30 8.57
N LYS D 178 24.98 23.88 7.49
CA LYS D 178 24.70 24.49 6.19
C LYS D 178 23.25 24.25 5.82
N SER D 179 22.72 23.10 6.19
CA SER D 179 21.34 22.78 5.85
C SER D 179 20.36 23.62 6.70
N GLU D 180 20.78 24.06 7.88
CA GLU D 180 19.96 24.98 8.68
C GLU D 180 20.01 26.41 8.13
N GLN D 181 21.14 26.76 7.51
CA GLN D 181 21.41 28.12 7.01
C GLN D 181 20.99 28.38 5.57
N GLU D 182 21.21 27.40 4.69
CA GLU D 182 20.85 27.58 3.29
C GLU D 182 19.35 27.66 3.13
N LYS D 183 18.90 28.24 2.02
CA LYS D 183 17.49 28.41 1.78
C LYS D 183 16.77 27.07 1.79
N THR D 184 15.63 27.04 2.47
CA THR D 184 14.82 25.85 2.59
C THR D 184 13.73 25.87 1.52
N LEU D 185 13.25 24.68 1.15
CA LEU D 185 12.10 24.55 0.27
C LEU D 185 11.01 25.54 0.65
N LEU D 186 10.73 25.66 1.95
CA LEU D 186 9.74 26.60 2.44
C LEU D 186 10.05 28.04 2.04
N GLU D 187 11.27 28.48 2.27
CA GLU D 187 11.66 29.84 1.92
C GLU D 187 11.66 30.08 0.41
N LEU D 188 12.08 29.08 -0.36
CA LEU D 188 12.12 29.20 -1.80
C LEU D 188 10.71 29.35 -2.38
N VAL D 189 9.81 28.46 -1.94
CA VAL D 189 8.44 28.45 -2.39
C VAL D 189 7.76 29.77 -1.98
N GLU D 190 8.12 30.25 -0.80
CA GLU D 190 7.57 31.50 -0.29
C GLU D 190 7.86 32.70 -1.20
N ALA D 191 9.11 32.85 -1.62
CA ALA D 191 9.50 33.95 -2.49
C ALA D 191 8.75 33.88 -3.81
N TRP D 192 8.68 32.69 -4.37
CA TRP D 192 7.93 32.43 -5.60
C TRP D 192 6.45 32.79 -5.44
N LEU D 193 5.84 32.32 -4.35
CA LEU D 193 4.45 32.65 -4.01
C LEU D 193 4.20 34.15 -3.93
N GLU D 194 5.20 34.89 -3.48
CA GLU D 194 5.04 36.34 -3.37
C GLU D 194 4.98 37.02 -4.72
N ARG D 195 5.35 36.31 -5.78
CA ARG D 195 5.35 36.88 -7.13
C ARG D 195 4.13 36.43 -7.93
N THR D 196 3.16 35.81 -7.26
CA THR D 196 2.03 35.24 -7.96
C THR D 196 1.26 36.34 -8.67
N PRO D 197 1.09 36.22 -10.00
CA PRO D 197 0.30 37.19 -10.78
C PRO D 197 -1.08 37.40 -10.18
N GLY D 198 -1.52 38.64 -10.11
CA GLY D 198 -2.85 38.96 -9.63
C GLY D 198 -2.87 39.71 -8.30
N LEU D 199 -1.76 39.68 -7.57
CA LEU D 199 -1.74 40.29 -6.24
C LEU D 199 -1.51 41.80 -6.29
N GLU D 200 -1.02 42.28 -7.42
CA GLU D 200 -0.61 43.66 -7.53
C GLU D 200 -1.81 44.63 -7.40
N PRO D 201 -1.78 45.47 -6.35
CA PRO D 201 -2.87 46.41 -6.04
C PRO D 201 -3.30 47.26 -7.24
N HIS D 202 -2.37 47.60 -8.12
CA HIS D 202 -2.72 48.44 -9.26
C HIS D 202 -3.06 47.61 -10.48
N GLY D 203 -3.17 46.30 -10.28
CA GLY D 203 -3.51 45.37 -11.33
C GLY D 203 -4.84 44.71 -11.06
N PHE D 204 -4.86 43.39 -11.01
CA PHE D 204 -6.08 42.66 -10.65
C PHE D 204 -6.49 42.95 -9.20
N ASN D 205 -5.51 43.26 -8.35
CA ASN D 205 -5.75 43.64 -6.95
C ASN D 205 -6.63 42.61 -6.21
N PHE D 206 -6.19 41.35 -6.25
CA PHE D 206 -6.90 40.22 -5.66
C PHE D 206 -7.42 40.54 -4.26
N TRP D 207 -6.48 40.93 -3.40
CA TRP D 207 -6.74 41.08 -1.97
C TRP D 207 -7.78 42.15 -1.66
N GLY D 208 -7.66 43.29 -2.34
CA GLY D 208 -8.66 44.33 -2.29
C GLY D 208 -10.03 43.79 -2.67
N LYS D 209 -10.13 43.22 -3.87
CA LYS D 209 -11.41 42.70 -4.34
C LYS D 209 -11.94 41.63 -3.38
N LEU D 210 -11.03 40.81 -2.82
CA LEU D 210 -11.44 39.74 -1.92
C LEU D 210 -12.04 40.32 -0.65
N GLU D 211 -11.37 41.32 -0.07
CA GLU D 211 -11.86 41.94 1.16
C GLU D 211 -13.26 42.52 0.96
N LYS D 212 -13.42 43.24 -0.13
CA LYS D 212 -14.71 43.78 -0.53
C LYS D 212 -15.76 42.69 -0.68
N ASN D 213 -15.42 41.61 -1.37
CA ASN D 213 -16.41 40.61 -1.68
C ASN D 213 -16.82 39.81 -0.47
N ILE D 214 -15.89 39.64 0.48
CA ILE D 214 -16.18 38.95 1.73
C ILE D 214 -17.10 39.81 2.61
N THR D 215 -16.85 41.10 2.63
CA THR D 215 -17.72 42.05 3.34
C THR D 215 -19.15 41.99 2.81
N ARG D 216 -19.30 42.06 1.50
CA ARG D 216 -20.62 41.97 0.87
C ARG D 216 -21.30 40.66 1.22
N GLY D 217 -20.59 39.56 0.99
CA GLY D 217 -21.10 38.23 1.28
C GLY D 217 -21.61 38.11 2.71
N LEU D 218 -20.80 38.53 3.66
CA LEU D 218 -21.20 38.50 5.06
C LEU D 218 -22.45 39.32 5.31
N GLU D 219 -22.49 40.53 4.78
CA GLU D 219 -23.64 41.40 4.99
C GLU D 219 -24.91 40.82 4.37
N GLU D 220 -24.79 40.27 3.16
CA GLU D 220 -25.94 39.62 2.54
C GLU D 220 -26.36 38.40 3.35
N GLU D 221 -25.38 37.77 3.98
CA GLU D 221 -25.64 36.61 4.79
C GLU D 221 -26.30 37.00 6.11
N PHE D 222 -25.80 38.06 6.75
CA PHE D 222 -26.40 38.52 8.00
C PHE D 222 -27.83 39.01 7.78
N ILE D 223 -28.05 39.74 6.70
CA ILE D 223 -29.38 40.24 6.36
C ILE D 223 -30.34 39.08 6.12
N ARG D 224 -29.81 38.00 5.54
CA ARG D 224 -30.61 36.81 5.30
C ARG D 224 -30.95 36.10 6.60
N ILE D 225 -29.99 36.03 7.51
CA ILE D 225 -30.19 35.38 8.80
C ILE D 225 -31.27 36.09 9.62
N GLN D 226 -31.02 37.37 9.93
CA GLN D 226 -31.90 38.13 10.83
C GLN D 226 -33.33 38.20 10.30
N ALA D 227 -33.52 37.78 9.05
CA ALA D 227 -34.85 37.64 8.47
C ALA D 227 -35.43 36.27 8.78
N GLU D 232 -34.82 28.67 17.68
CA GLU D 232 -33.52 28.13 18.10
C GLU D 232 -32.50 28.25 16.99
N GLU D 233 -32.93 27.99 15.76
CA GLU D 233 -32.03 28.04 14.62
C GLU D 233 -31.46 29.44 14.45
N LYS D 234 -32.29 30.46 14.62
CA LYS D 234 -31.87 31.84 14.41
C LYS D 234 -30.76 32.25 15.37
N GLU D 235 -31.00 32.05 16.66
CA GLU D 235 -30.02 32.40 17.68
C GLU D 235 -28.72 31.63 17.49
N GLU D 236 -28.83 30.42 16.98
CA GLU D 236 -27.66 29.60 16.70
C GLU D 236 -26.94 30.06 15.44
N GLN D 237 -27.69 30.21 14.34
CA GLN D 237 -27.11 30.64 13.07
C GLN D 237 -26.45 32.00 13.21
N VAL D 238 -27.00 32.83 14.09
CA VAL D 238 -26.37 34.11 14.44
C VAL D 238 -25.04 33.91 15.13
N ALA D 239 -25.01 33.01 16.13
CA ALA D 239 -23.77 32.68 16.81
C ALA D 239 -22.76 32.08 15.83
N GLU D 240 -23.23 31.15 15.01
CA GLU D 240 -22.39 30.51 14.00
C GLU D 240 -21.87 31.54 13.00
N PHE D 241 -22.74 32.43 12.56
CA PHE D 241 -22.37 33.52 11.67
C PHE D 241 -21.31 34.40 12.31
N GLN D 242 -21.51 34.71 13.58
CA GLN D 242 -20.66 35.71 14.24
C GLN D 242 -19.21 35.27 14.27
N LYS D 243 -18.98 33.97 14.43
CA LYS D 243 -17.60 33.51 14.53
C LYS D 243 -16.96 33.31 13.17
N GLN D 244 -17.73 32.80 12.21
CA GLN D 244 -17.22 32.68 10.85
C GLN D 244 -16.84 34.06 10.34
N LYS D 245 -17.59 35.07 10.77
CA LYS D 245 -17.31 36.44 10.36
C LYS D 245 -15.98 36.91 10.94
N GLU D 246 -15.74 36.60 12.21
CA GLU D 246 -14.50 37.03 12.88
C GLU D 246 -13.27 36.46 12.21
N VAL D 247 -13.35 35.16 11.93
CA VAL D 247 -12.25 34.45 11.31
C VAL D 247 -11.96 34.98 9.91
N LEU D 248 -13.00 35.01 9.08
CA LEU D 248 -12.85 35.49 7.71
C LEU D 248 -12.25 36.88 7.67
N LEU D 249 -12.70 37.75 8.57
CA LEU D 249 -12.23 39.12 8.53
C LEU D 249 -10.84 39.22 9.12
N SER D 250 -10.47 38.28 9.98
CA SER D 250 -9.16 38.30 10.62
C SER D 250 -8.06 38.02 9.62
N LEU D 251 -8.40 37.28 8.56
CA LEU D 251 -7.48 37.04 7.46
C LEU D 251 -6.90 38.35 6.89
N PHE D 252 -7.61 39.45 7.06
CA PHE D 252 -7.13 40.72 6.53
C PHE D 252 -6.44 41.56 7.59
N ASP D 253 -6.23 40.95 8.75
CA ASP D 253 -5.47 41.61 9.80
C ASP D 253 -4.00 41.21 9.65
N GLU D 254 -3.24 42.04 8.94
CA GLU D 254 -1.84 41.71 8.68
C GLU D 254 -1.00 41.75 9.94
N LYS D 255 -1.36 42.62 10.86
CA LYS D 255 -0.61 42.77 12.10
C LYS D 255 -0.75 41.50 12.93
N ARG D 256 -1.93 40.91 12.90
CA ARG D 256 -2.19 39.65 13.60
C ARG D 256 -1.32 38.54 13.04
N HIS D 257 -1.21 38.53 11.72
CA HIS D 257 -0.39 37.56 11.02
C HIS D 257 1.09 37.65 11.39
N GLU D 258 1.61 38.86 11.42
CA GLU D 258 3.01 39.09 11.76
C GLU D 258 3.32 38.54 13.15
N HIS D 259 2.38 38.74 14.07
CA HIS D 259 2.52 38.25 15.44
C HIS D 259 2.58 36.72 15.46
N LEU D 260 1.73 36.09 14.65
CA LEU D 260 1.72 34.64 14.59
C LEU D 260 2.96 34.08 13.88
N LEU D 261 3.52 34.86 12.95
CA LEU D 261 4.76 34.51 12.26
C LEU D 261 5.91 34.31 13.24
N SER D 262 6.13 35.28 14.12
CA SER D 262 7.24 35.24 15.08
C SER D 262 7.06 34.15 16.12
N LYS D 263 5.81 33.82 16.43
CA LYS D 263 5.51 32.68 17.29
C LYS D 263 5.78 31.36 16.57
N GLY D 264 6.04 31.41 15.27
CA GLY D 264 6.26 30.19 14.50
C GLY D 264 4.95 29.46 14.29
N GLU D 265 3.87 30.13 14.65
CA GLU D 265 2.53 29.60 14.48
C GLU D 265 2.17 29.61 13.00
N ARG D 266 2.77 30.56 12.29
CA ARG D 266 2.67 30.62 10.84
C ARG D 266 4.08 30.65 10.28
N ARG D 267 4.25 30.21 9.04
CA ARG D 267 5.58 30.16 8.44
C ARG D 267 5.70 31.11 7.24
N LEU D 268 4.64 31.19 6.45
CA LEU D 268 4.64 32.00 5.22
C LEU D 268 4.43 33.49 5.48
N SER D 269 5.09 34.33 4.68
CA SER D 269 4.85 35.76 4.72
C SER D 269 3.43 36.08 4.30
N TYR D 270 2.94 37.22 4.75
CA TYR D 270 1.57 37.63 4.44
C TYR D 270 1.31 37.63 2.93
N ARG D 271 2.26 38.15 2.17
CA ARG D 271 2.13 38.23 0.71
C ARG D 271 2.11 36.83 0.10
N ALA D 272 2.88 35.90 0.67
CA ALA D 272 2.93 34.54 0.15
C ALA D 272 1.61 33.80 0.40
N LEU D 273 1.00 34.06 1.55
CA LEU D 273 -0.31 33.49 1.86
C LEU D 273 -1.30 33.95 0.79
N GLN D 274 -1.15 35.21 0.39
CA GLN D 274 -2.04 35.81 -0.59
C GLN D 274 -1.92 35.08 -1.91
N GLY D 275 -0.70 34.89 -2.39
CA GLY D 275 -0.48 34.14 -3.61
C GLY D 275 -1.04 32.72 -3.59
N ALA D 276 -0.82 32.04 -2.46
CA ALA D 276 -1.28 30.67 -2.31
C ALA D 276 -2.80 30.61 -2.40
N LEU D 277 -3.45 31.54 -1.71
CA LEU D 277 -4.89 31.64 -1.74
C LEU D 277 -5.36 32.00 -3.16
N MET D 278 -4.55 32.82 -3.83
CA MET D 278 -4.83 33.23 -5.20
C MET D 278 -4.82 32.01 -6.11
N ILE D 279 -3.83 31.14 -5.92
CA ILE D 279 -3.72 29.92 -6.70
C ILE D 279 -4.83 28.89 -6.35
N TYR D 280 -5.20 28.79 -5.06
CA TYR D 280 -6.34 27.96 -4.67
C TYR D 280 -7.63 28.33 -5.40
N PHE D 281 -7.96 29.62 -5.36
CA PHE D 281 -9.23 30.10 -5.88
C PHE D 281 -9.30 30.05 -7.41
N TYR D 282 -8.18 30.29 -8.07
CA TYR D 282 -8.15 30.38 -9.53
C TYR D 282 -7.35 29.25 -10.17
N ARG D 283 -7.31 28.12 -9.47
CA ARG D 283 -6.52 26.95 -9.86
C ARG D 283 -6.81 26.46 -11.27
N GLU D 284 -8.04 26.60 -11.73
CA GLU D 284 -8.43 26.10 -13.05
C GLU D 284 -7.88 26.97 -14.17
N GLU D 285 -7.52 28.22 -13.88
CA GLU D 285 -6.85 29.06 -14.87
C GLU D 285 -5.57 28.35 -15.27
N PRO D 286 -5.32 28.24 -16.59
CA PRO D 286 -4.23 27.40 -17.12
C PRO D 286 -2.87 27.63 -16.44
N ARG D 287 -2.49 28.87 -16.21
CA ARG D 287 -1.21 29.15 -15.56
C ARG D 287 -1.16 28.74 -14.09
N PHE D 288 -2.32 28.50 -13.50
CA PHE D 288 -2.37 28.17 -12.09
C PHE D 288 -2.56 26.66 -11.84
N GLN D 289 -2.70 25.86 -12.91
CA GLN D 289 -3.06 24.45 -12.75
C GLN D 289 -1.91 23.59 -12.19
N VAL D 290 -0.72 23.74 -12.75
CA VAL D 290 0.41 22.98 -12.24
C VAL D 290 0.89 23.58 -10.91
N PRO D 291 0.89 24.92 -10.77
CA PRO D 291 1.17 25.48 -9.43
C PRO D 291 0.26 24.97 -8.32
N PHE D 292 -1.01 24.77 -8.62
CA PHE D 292 -1.91 24.25 -7.60
C PHE D 292 -1.59 22.79 -7.27
N GLN D 293 -1.11 22.05 -8.26
CA GLN D 293 -0.62 20.70 -8.03
C GLN D 293 0.59 20.70 -7.12
N LEU D 294 1.48 21.67 -7.29
CA LEU D 294 2.67 21.78 -6.45
C LEU D 294 2.26 22.01 -4.99
N LEU D 295 1.33 22.93 -4.76
CA LEU D 295 0.96 23.25 -3.39
C LEU D 295 0.34 22.01 -2.74
N THR D 296 -0.44 21.26 -3.53
CA THR D 296 -1.06 20.04 -3.06
C THR D 296 0.01 19.01 -2.68
N SER D 297 1.08 18.96 -3.47
CA SER D 297 2.19 18.06 -3.21
C SER D 297 2.93 18.42 -1.93
N LEU D 298 3.13 19.72 -1.72
CA LEU D 298 3.79 20.21 -0.53
C LEU D 298 3.03 19.72 0.71
N MET D 299 1.71 19.82 0.65
CA MET D 299 0.90 19.30 1.74
C MET D 299 1.03 17.77 1.86
N ASP D 300 1.08 17.07 0.73
CA ASP D 300 1.26 15.61 0.71
C ASP D 300 2.51 15.20 1.48
N ILE D 301 3.58 15.91 1.18
CA ILE D 301 4.87 15.65 1.80
C ILE D 301 4.86 15.92 3.31
N ASP D 302 4.23 17.00 3.75
CA ASP D 302 4.07 17.23 5.18
C ASP D 302 3.32 16.06 5.80
N SER D 303 2.29 15.63 5.09
CA SER D 303 1.38 14.62 5.58
C SER D 303 2.05 13.25 5.63
N LEU D 304 2.83 12.94 4.60
CA LEU D 304 3.54 11.67 4.57
C LEU D 304 4.64 11.60 5.62
N MET D 305 5.34 12.72 5.84
CA MET D 305 6.41 12.75 6.83
C MET D 305 5.86 12.43 8.21
N THR D 306 4.73 13.05 8.56
CA THR D 306 4.13 12.78 9.86
C THR D 306 3.62 11.34 9.98
N LYS D 307 3.02 10.82 8.91
CA LYS D 307 2.61 9.43 8.90
C LYS D 307 3.81 8.51 9.08
N TRP D 308 4.92 8.84 8.43
CA TRP D 308 6.16 8.13 8.69
C TRP D 308 6.44 8.13 10.20
N ARG D 309 6.36 9.31 10.84
CA ARG D 309 6.63 9.44 12.26
C ARG D 309 5.67 8.58 13.08
N TYR D 310 4.39 8.58 12.73
CA TYR D 310 3.41 7.86 13.51
C TYR D 310 3.50 6.33 13.33
N ASN D 311 3.81 5.87 12.10
CA ASN D 311 4.00 4.44 11.90
C ASN D 311 5.23 3.98 12.66
N HIS D 312 6.26 4.83 12.67
CA HIS D 312 7.45 4.64 13.48
C HIS D 312 7.07 4.48 14.96
N VAL D 313 6.39 5.49 15.52
CA VAL D 313 5.89 5.43 16.88
C VAL D 313 5.12 4.14 17.22
N CYS D 314 4.22 3.70 16.33
CA CYS D 314 3.41 2.53 16.64
C CYS D 314 4.28 1.27 16.70
N MET D 315 5.22 1.13 15.75
CA MET D 315 6.17 0.03 15.80
C MET D 315 7.00 0.08 17.09
N VAL D 316 7.56 1.24 17.41
CA VAL D 316 8.42 1.36 18.60
C VAL D 316 7.66 1.01 19.91
N HIS D 317 6.38 1.36 20.02
CA HIS D 317 5.61 0.95 21.18
C HIS D 317 5.64 -0.55 21.42
N ARG D 318 5.43 -1.31 20.37
CA ARG D 318 5.43 -2.77 20.51
C ARG D 318 6.85 -3.26 20.81
N MET D 319 7.86 -2.57 20.27
CA MET D 319 9.24 -3.01 20.43
C MET D 319 9.79 -2.75 21.82
N LEU D 320 9.48 -1.58 22.39
CA LEU D 320 10.13 -1.15 23.62
C LEU D 320 9.23 -1.05 24.83
N GLY D 321 7.91 -1.04 24.61
CA GLY D 321 6.99 -0.64 25.65
C GLY D 321 7.38 0.77 26.12
N SER D 322 7.70 0.90 27.40
CA SER D 322 8.11 2.22 27.86
C SER D 322 9.58 2.26 28.28
N LYS D 323 10.37 1.28 27.84
CA LYS D 323 11.83 1.34 28.01
C LYS D 323 12.40 2.60 27.36
N ALA D 324 13.44 3.13 27.98
CA ALA D 324 14.16 4.28 27.45
C ALA D 324 14.96 3.88 26.21
N GLY D 325 15.24 4.85 25.35
CA GLY D 325 15.92 4.56 24.10
C GLY D 325 17.44 4.47 24.18
N THR D 326 18.02 3.67 23.28
CA THR D 326 19.47 3.53 23.19
C THR D 326 20.09 4.90 22.97
N GLY D 327 19.34 5.78 22.32
CA GLY D 327 19.83 7.10 21.98
C GLY D 327 19.65 8.19 23.02
N GLY D 328 19.08 7.84 24.17
CA GLY D 328 18.99 8.78 25.27
C GLY D 328 17.63 9.45 25.49
N SER D 329 16.65 9.12 24.68
CA SER D 329 15.31 9.66 24.88
C SER D 329 14.45 8.76 25.78
N SER D 330 13.27 9.26 26.13
CA SER D 330 12.29 8.47 26.86
C SER D 330 11.80 7.28 26.01
N GLY D 331 11.97 7.39 24.70
CA GLY D 331 11.61 6.31 23.80
C GLY D 331 10.27 6.56 23.14
N TYR D 332 9.36 5.61 23.29
CA TYR D 332 8.03 5.71 22.71
C TYR D 332 7.40 7.06 23.02
N HIS D 333 7.59 7.54 24.24
CA HIS D 333 6.95 8.78 24.68
C HIS D 333 7.50 10.03 23.97
N TYR D 334 8.82 10.11 23.79
CA TYR D 334 9.42 11.22 23.06
C TYR D 334 8.92 11.24 21.61
N LEU D 335 9.07 10.12 20.92
CA LEU D 335 8.68 10.01 19.52
C LEU D 335 7.24 10.50 19.32
N ARG D 336 6.35 10.05 20.20
CA ARG D 336 4.96 10.47 20.18
C ARG D 336 4.82 11.99 20.13
N SER D 337 5.66 12.68 20.89
CA SER D 337 5.57 14.13 20.94
C SER D 337 6.09 14.79 19.66
N THR D 338 6.71 14.03 18.75
CA THR D 338 7.15 14.60 17.48
C THR D 338 6.05 14.51 16.42
N VAL D 339 4.98 13.79 16.74
CA VAL D 339 3.86 13.72 15.83
C VAL D 339 2.99 14.94 16.09
N SER D 340 3.39 16.09 15.56
CA SER D 340 2.72 17.34 15.85
C SER D 340 3.04 18.44 14.85
N ASP D 341 2.19 19.46 14.83
CA ASP D 341 2.29 20.50 13.82
C ASP D 341 3.58 21.31 13.96
N ARG D 342 4.32 21.10 15.05
CA ARG D 342 5.69 21.60 15.18
C ARG D 342 6.54 21.27 13.96
N TYR D 343 6.32 20.10 13.39
CA TYR D 343 7.15 19.63 12.29
C TYR D 343 6.44 19.77 10.95
N LYS D 344 5.25 20.36 10.96
CA LYS D 344 4.46 20.55 9.76
C LYS D 344 4.80 21.89 9.12
N VAL D 345 5.69 21.84 8.15
CA VAL D 345 6.34 23.01 7.58
C VAL D 345 5.37 23.87 6.78
N PHE D 346 4.45 23.22 6.08
CA PHE D 346 3.47 23.97 5.33
C PHE D 346 2.12 24.01 6.03
N VAL D 347 2.13 24.22 7.35
CA VAL D 347 0.88 24.39 8.11
C VAL D 347 -0.05 25.42 7.47
N ASP D 348 0.53 26.50 6.95
CA ASP D 348 -0.25 27.58 6.36
C ASP D 348 -1.09 27.09 5.20
N LEU D 349 -0.55 26.18 4.40
CA LEU D 349 -1.31 25.66 3.26
C LEU D 349 -2.52 24.86 3.73
N PHE D 350 -2.36 24.11 4.81
CA PHE D 350 -3.48 23.37 5.38
C PHE D 350 -4.52 24.33 5.90
N ASN D 351 -4.07 25.33 6.65
CA ASN D 351 -4.97 26.19 7.39
C ASN D 351 -5.70 27.19 6.51
N LEU D 352 -5.26 27.33 5.26
CA LEU D 352 -5.98 28.17 4.32
C LEU D 352 -7.41 27.69 4.12
N SER D 353 -7.63 26.38 4.25
CA SER D 353 -8.97 25.80 4.16
C SER D 353 -9.93 26.43 5.18
N THR D 354 -9.38 27.08 6.20
CA THR D 354 -10.20 27.80 7.15
C THR D 354 -10.94 28.98 6.48
N TYR D 355 -10.34 29.55 5.44
CA TYR D 355 -10.90 30.77 4.86
C TYR D 355 -11.58 30.53 3.52
N LEU D 356 -11.88 29.26 3.22
CA LEU D 356 -12.63 28.95 2.03
C LEU D 356 -13.98 29.67 2.08
N ILE D 357 -14.43 30.20 0.95
CA ILE D 357 -15.69 30.93 0.90
C ILE D 357 -16.56 30.36 -0.18
N PRO D 358 -17.86 30.73 -0.19
CA PRO D 358 -18.71 30.28 -1.28
C PRO D 358 -18.19 30.72 -2.65
N ARG D 359 -18.33 29.83 -3.62
CA ARG D 359 -17.75 30.01 -4.94
C ARG D 359 -18.07 31.37 -5.53
N HIS D 360 -19.31 31.80 -5.39
CA HIS D 360 -19.71 33.06 -6.02
C HIS D 360 -19.20 34.30 -5.28
N TRP D 361 -18.62 34.12 -4.10
CA TRP D 361 -18.00 35.25 -3.41
C TRP D 361 -16.66 35.60 -4.02
N ILE D 362 -16.09 34.67 -4.77
CA ILE D 362 -14.73 34.82 -5.28
C ILE D 362 -14.70 35.87 -6.38
N PRO D 363 -13.79 36.84 -6.28
CA PRO D 363 -13.68 37.90 -7.27
C PRO D 363 -13.66 37.36 -8.71
N LYS D 364 -14.59 37.87 -9.51
CA LYS D 364 -14.70 37.48 -10.90
C LYS D 364 -13.49 37.96 -11.69
N MET D 365 -13.19 37.26 -12.76
CA MET D 365 -12.09 37.68 -13.62
C MET D 365 -12.59 38.28 -14.93
N ASN D 366 -12.14 39.50 -15.20
CA ASN D 366 -12.44 40.18 -16.45
C ASN D 366 -11.71 39.50 -17.61
N PRO D 367 -12.04 39.87 -18.87
CA PRO D 367 -11.41 39.16 -19.99
C PRO D 367 -9.91 39.46 -20.17
N THR D 368 -9.40 40.46 -19.47
CA THR D 368 -7.98 40.83 -19.60
C THR D 368 -7.08 39.96 -18.73
N ILE D 369 -7.52 39.72 -17.50
CA ILE D 369 -6.74 38.92 -16.56
C ILE D 369 -6.96 37.43 -16.82
N HIS D 370 -8.13 37.07 -17.36
CA HIS D 370 -8.40 35.72 -17.85
C HIS D 370 -7.41 35.35 -18.96
N LYS D 371 -7.00 36.36 -19.74
CA LYS D 371 -6.06 36.19 -20.84
C LYS D 371 -4.61 36.26 -20.35
N PHE D 372 -4.40 37.06 -19.32
CA PHE D 372 -3.10 37.17 -18.68
C PHE D 372 -2.63 35.82 -18.14
N LEU D 373 -3.59 35.05 -17.62
CA LEU D 373 -3.32 33.78 -16.96
C LEU D 373 -3.48 32.58 -17.91
N GLU D 374 -3.29 32.83 -19.21
CA GLU D 374 -3.29 31.76 -20.22
C GLU D 374 -1.87 31.56 -20.77
N HIS D 375 -1.55 30.30 -21.09
CA HIS D 375 -0.20 29.92 -21.51
C HIS D 375 0.31 30.59 -22.77
CHA HEM E . -15.06 -13.91 -13.88
CHB HEM E . -13.92 -16.93 -10.26
CHC HEM E . -13.81 -13.19 -7.14
CHD HEM E . -15.38 -10.25 -10.66
C1A HEM E . -14.78 -15.04 -13.17
C2A HEM E . -14.75 -16.38 -13.72
C3A HEM E . -14.44 -17.22 -12.73
C4A HEM E . -14.26 -16.45 -11.51
CMA HEM E . -14.30 -18.75 -12.89
CAA HEM E . -15.05 -16.76 -15.20
CBA HEM E . -16.55 -16.94 -15.40
CGA HEM E . -17.01 -18.27 -14.88
O1A HEM E . -16.76 -19.32 -15.53
O2A HEM E . -17.66 -18.33 -13.81
C1B HEM E . -13.82 -16.19 -9.09
C2B HEM E . -13.55 -16.71 -7.76
C3B HEM E . -13.51 -15.68 -6.90
C4B HEM E . -13.76 -14.47 -7.67
CMB HEM E . -13.34 -18.22 -7.43
CAB HEM E . -13.27 -15.68 -5.36
CBB HEM E . -13.34 -16.77 -4.57
C1C HEM E . -14.22 -12.06 -7.83
C2C HEM E . -14.35 -10.73 -7.27
C3C HEM E . -14.81 -9.92 -8.23
C4C HEM E . -14.94 -10.71 -9.44
CMC HEM E . -14.08 -10.29 -5.82
CAC HEM E . -15.06 -8.42 -8.00
CBC HEM E . -15.98 -7.75 -8.70
C1D HEM E . -15.36 -10.93 -11.86
C2D HEM E . -15.53 -10.32 -13.17
C3D HEM E . -15.45 -11.47 -14.16
C4D HEM E . -15.20 -12.64 -13.36
CMD HEM E . -15.78 -8.83 -13.50
CAD HEM E . -15.53 -11.38 -15.69
CBD HEM E . -14.04 -11.18 -16.04
CGD HEM E . -13.76 -11.20 -17.52
O1D HEM E . -14.63 -11.64 -18.30
O2D HEM E . -12.64 -10.80 -17.90
NA HEM E . -14.47 -15.13 -11.83
NB HEM E . -13.93 -14.83 -8.98
NC HEM E . -14.59 -12.00 -9.16
ND HEM E . -15.18 -12.29 -12.02
FE HEM E . -14.39 -13.53 -10.54
N TRP F . -17.40 -17.80 -10.96
CA TRP F . -17.04 -18.19 -9.60
C TRP F . -16.65 -19.67 -9.52
O TRP F . -16.60 -20.36 -10.54
CB TRP F . -18.19 -17.88 -8.64
CG TRP F . -18.27 -16.44 -8.26
CD1 TRP F . -17.21 -15.59 -8.10
CD2 TRP F . -19.44 -15.68 -7.99
NE1 TRP F . -17.67 -14.34 -7.74
CE2 TRP F . -19.03 -14.36 -7.67
CE3 TRP F . -20.81 -15.97 -7.97
CZ2 TRP F . -19.94 -13.35 -7.33
CZ3 TRP F . -21.71 -14.98 -7.63
CH2 TRP F . -21.27 -13.67 -7.32
OXT TRP F . -16.39 -20.19 -8.42
N TRP G . -7.96 22.63 -26.56
CA TRP G . -8.09 22.74 -28.00
C TRP G . -9.09 21.74 -28.56
O TRP G . -9.36 21.72 -29.77
CB TRP G . -6.73 22.54 -28.68
CG TRP G . -6.09 21.20 -28.38
CD1 TRP G . -6.48 19.98 -28.88
CD2 TRP G . -4.98 20.95 -27.54
NE1 TRP G . -5.66 18.99 -28.40
CE2 TRP G . -4.73 19.56 -27.57
CE3 TRP G . -4.16 21.77 -26.75
CZ2 TRP G . -3.69 18.99 -26.85
CZ3 TRP G . -3.13 21.19 -26.05
CH2 TRP G . -2.90 19.81 -26.11
OXT TRP G . -9.64 20.89 -27.84
CHA HEM H . -15.75 12.39 12.84
CHB HEM H . -14.59 15.37 9.21
CHC HEM H . -14.37 11.64 6.07
CHD HEM H . -15.89 8.71 9.63
C1A HEM H . -15.48 13.53 12.13
C2A HEM H . -15.47 14.86 12.66
C3A HEM H . -15.14 15.69 11.65
C4A HEM H . -14.93 14.89 10.45
CMA HEM H . -15.00 17.22 11.70
CAA HEM H . -15.79 15.23 14.12
CBA HEM H . -17.31 15.39 14.32
CGA HEM H . -17.80 16.71 13.73
O1A HEM H . -17.68 17.76 14.41
O2A HEM H . -18.29 16.70 12.57
C1B HEM H . -14.46 14.63 8.05
C2B HEM H . -14.17 15.18 6.74
C3B HEM H . -14.09 14.15 5.86
C4B HEM H . -14.35 12.93 6.60
CMB HEM H . -13.99 16.68 6.49
CAB HEM H . -13.83 14.16 4.33
CBB HEM H . -13.82 15.28 3.58
C1C HEM H . -14.76 10.51 6.76
C2C HEM H . -14.87 9.16 6.21
C3C HEM H . -15.30 8.37 7.20
C4C HEM H . -15.47 9.17 8.40
CMC HEM H . -14.59 8.72 4.77
CAC HEM H . -15.57 6.86 7.08
CBC HEM H . -16.55 6.29 7.79
C1D HEM H . -15.93 9.41 10.81
C2D HEM H . -16.16 8.80 12.08
C3D HEM H . -16.13 9.95 13.08
C4D HEM H . -15.87 11.13 12.30
CMD HEM H . -16.38 7.30 12.38
CAD HEM H . -16.27 9.88 14.61
CBD HEM H . -14.83 9.61 15.06
CGD HEM H . -14.60 9.83 16.53
O1D HEM H . -15.40 10.56 17.17
O2D HEM H . -13.60 9.28 17.06
NA HEM H . -15.14 13.57 10.79
NB HEM H . -14.57 13.26 7.93
NC HEM H . -15.12 10.48 8.09
ND HEM H . -15.77 10.77 10.97
FE HEM H . -14.97 12.02 9.47
N TRP I . -17.99 16.30 9.64
CA TRP I . -17.66 16.80 8.31
C TRP I . -17.41 18.31 8.35
O TRP I . -17.14 18.95 7.32
CB TRP I . -18.76 16.45 7.31
CG TRP I . -18.83 14.99 7.04
CD1 TRP I . -17.79 14.13 6.89
CD2 TRP I . -20.02 14.21 6.91
NE1 TRP I . -18.25 12.86 6.66
CE2 TRP I . -19.61 12.88 6.66
CE3 TRP I . -21.39 14.50 6.95
CZ2 TRP I . -20.52 11.85 6.47
CZ3 TRP I . -22.28 13.47 6.76
CH2 TRP I . -21.85 12.16 6.52
OXT TRP I . -17.48 18.92 9.40
N TRP J . -7.51 -23.71 25.62
CA TRP J . -7.63 -23.89 27.07
C TRP J . -8.70 -22.97 27.62
O TRP J . -9.29 -22.17 26.89
CB TRP J . -6.30 -23.64 27.76
CG TRP J . -5.73 -22.24 27.53
CD1 TRP J . -6.20 -21.06 28.02
CD2 TRP J . -4.56 -21.91 26.75
NE1 TRP J . -5.42 -20.01 27.60
CE2 TRP J . -4.41 -20.51 26.82
CE3 TRP J . -3.64 -22.66 26.00
CZ2 TRP J . -3.36 -19.84 26.18
CZ3 TRP J . -2.61 -21.99 25.38
CH2 TRP J . -2.47 -20.60 25.46
OXT TRP J . -8.97 -22.98 28.83
CHA HEM K . 15.39 -8.26 -17.03
CHB HEM K . 14.09 -3.86 -18.72
CHC HEM K . 13.82 -2.36 -14.10
CHD HEM K . 15.33 -6.68 -12.38
C1A HEM K . 15.04 -7.22 -17.88
C2A HEM K . 14.97 -7.30 -19.31
C3A HEM K . 14.61 -6.10 -19.80
C4A HEM K . 14.44 -5.21 -18.66
CMA HEM K . 14.42 -5.73 -21.29
CAA HEM K . 15.28 -8.59 -20.13
CBA HEM K . 16.80 -8.62 -20.37
CGA HEM K . 17.26 -7.57 -21.37
O1A HEM K . 17.02 -7.74 -22.60
O2A HEM K . 17.90 -6.56 -20.97
C1B HEM K . 13.93 -3.05 -17.61
C2B HEM K . 13.58 -1.65 -17.61
C3B HEM K . 13.50 -1.23 -16.33
C4B HEM K . 13.81 -2.37 -15.48
CMB HEM K . 13.36 -0.84 -18.91
CAB HEM K . 13.19 0.17 -15.74
CBB HEM K . 13.13 1.30 -16.46
C1C HEM K . 14.21 -3.37 -13.24
C2C HEM K . 14.35 -3.27 -11.81
C3C HEM K . 14.78 -4.44 -11.33
C4C HEM K . 14.92 -5.35 -12.44
CMC HEM K . 14.09 -2.00 -10.97
CAC HEM K . 15.07 -4.71 -9.84
CBC HEM K . 16.12 -5.47 -9.48
C1D HEM K . 15.40 -7.53 -13.47
C2D HEM K . 15.54 -8.97 -13.39
C3D HEM K . 15.55 -9.46 -14.84
C4D HEM K . 15.42 -8.26 -15.65
CMD HEM K . 15.65 -9.83 -12.14
CAD HEM K . 15.66 -10.92 -15.32
CBD HEM K . 14.21 -11.40 -15.28
CGD HEM K . 13.99 -12.79 -15.84
O1D HEM K . 12.94 -13.40 -15.48
O2D HEM K . 14.82 -13.29 -16.63
NA HEM K . 14.72 -5.93 -17.51
NB HEM K . 14.06 -3.47 -16.30
NC HEM K . 14.56 -4.66 -13.59
ND HEM K . 15.33 -7.16 -14.81
FE HEM K . 14.46 -5.32 -15.52
N TRP L . 17.63 -4.04 -19.73
CA TRP L . 17.20 -2.65 -19.61
C TRP L . 16.80 -2.08 -20.98
O TRP L . 16.52 -0.89 -21.13
CB TRP L . 18.29 -1.79 -18.97
CG TRP L . 18.42 -1.99 -17.50
CD1 TRP L . 17.39 -2.20 -16.60
CD2 TRP L . 19.63 -2.05 -16.73
NE1 TRP L . 17.90 -2.36 -15.33
CE2 TRP L . 19.26 -2.27 -15.38
CE3 TRP L . 20.99 -1.92 -17.04
CZ2 TRP L . 20.21 -2.36 -14.36
CZ3 TRP L . 21.92 -2.00 -16.02
CH2 TRP L . 21.53 -2.23 -14.69
OXT TRP L . 16.72 -2.81 -21.98
N TRP M . 7.59 -33.16 12.81
CA TRP M . 7.55 -34.54 12.38
C TRP M . 8.58 -34.75 11.28
O TRP M . 9.17 -33.79 10.82
CB TRP M . 6.14 -34.95 11.92
CG TRP M . 5.63 -34.30 10.64
CD1 TRP M . 6.13 -34.47 9.38
CD2 TRP M . 4.52 -33.40 10.51
NE1 TRP M . 5.41 -33.73 8.48
CE2 TRP M . 4.41 -33.06 9.14
CE3 TRP M . 3.59 -32.84 11.41
CZ2 TRP M . 3.43 -32.20 8.65
CZ3 TRP M . 2.63 -31.99 10.93
CH2 TRP M . 2.54 -31.67 9.56
OXT TRP M . 8.85 -35.86 10.83
CHA HEM N . 14.54 7.67 16.74
CHB HEM N . 13.47 3.23 18.31
CHC HEM N . 13.40 1.53 13.77
CHD HEM N . 14.96 5.84 12.22
C1A HEM N . 14.26 6.61 17.57
C2A HEM N . 14.19 6.66 19.00
C3A HEM N . 13.89 5.44 19.45
C4A HEM N . 13.76 4.57 18.29
CMA HEM N . 13.70 4.97 20.91
CAA HEM N . 14.43 7.92 19.86
CBA HEM N . 15.95 7.99 20.07
CGA HEM N . 16.41 6.99 21.11
O1A HEM N . 16.19 7.25 22.33
O2A HEM N . 16.99 5.93 20.75
C1B HEM N . 13.41 2.39 17.22
C2B HEM N . 13.17 0.96 17.30
C3B HEM N . 13.12 0.48 16.04
C4B HEM N . 13.36 1.60 15.15
CMB HEM N . 13.00 0.23 18.66
CAB HEM N . 12.92 -0.97 15.52
CBB HEM N . 12.90 -2.06 16.29
C1C HEM N . 13.82 2.54 12.93
C2C HEM N . 13.98 2.46 11.49
C3C HEM N . 14.43 3.64 11.06
C4C HEM N . 14.53 4.53 12.21
CMC HEM N . 13.73 1.20 10.62
CAC HEM N . 14.75 3.96 9.58
CBC HEM N . 15.60 4.95 9.26
C1D HEM N . 14.92 6.75 13.26
C2D HEM N . 15.08 8.18 13.12
C3D HEM N . 14.96 8.74 14.52
C4D HEM N . 14.72 7.60 15.37
CMD HEM N . 15.33 9.01 11.85
CAD HEM N . 15.03 10.23 14.89
CBD HEM N . 13.55 10.61 14.82
CGD HEM N . 13.21 11.95 15.40
O1D HEM N . 13.95 12.48 16.27
O2D HEM N . 12.15 12.48 14.98
NA HEM N . 14.00 5.32 17.15
NB HEM N . 13.52 2.75 15.90
NC HEM N . 14.15 3.82 13.33
ND HEM N . 14.71 6.45 14.61
FE HEM N . 13.90 4.61 15.20
N TRP O . 16.93 3.46 19.58
CA TRP O . 16.52 2.06 19.42
C TRP O . 16.11 1.46 20.77
O TRP O . 16.04 2.15 21.78
CB TRP O . 17.65 1.23 18.81
CG TRP O . 17.83 1.44 17.33
CD1 TRP O . 16.83 1.60 16.39
CD2 TRP O . 19.07 1.53 16.62
NE1 TRP O . 17.39 1.77 15.15
CE2 TRP O . 18.76 1.73 15.26
CE3 TRP O . 20.42 1.45 16.99
CZ2 TRP O . 19.75 1.86 14.27
CZ3 TRP O . 21.40 1.58 16.02
CH2 TRP O . 21.06 1.78 14.68
OXT TRP O . 15.82 0.26 20.86
N TRP P . 6.58 32.36 -13.23
CA TRP P . 6.59 33.73 -12.75
C TRP P . 7.67 33.94 -11.70
O TRP P . 8.01 35.08 -11.37
CB TRP P . 5.20 34.13 -12.20
CG TRP P . 4.72 33.38 -10.96
CD1 TRP P . 5.21 33.49 -9.69
CD2 TRP P . 3.63 32.44 -10.89
NE1 TRP P . 4.51 32.66 -8.84
CE2 TRP P . 3.53 32.01 -9.55
CE3 TRP P . 2.73 31.91 -11.83
CZ2 TRP P . 2.56 31.10 -9.13
CZ3 TRP P . 1.78 31.00 -11.40
CH2 TRP P . 1.70 30.61 -10.07
OXT TRP P . 8.22 32.97 -11.17
#